data_3TON
#
_entry.id   3TON
#
_cell.length_a   106.232
_cell.length_b   106.232
_cell.length_c   517.557
_cell.angle_alpha   90.00
_cell.angle_beta   90.00
_cell.angle_gamma   90.00
#
_symmetry.space_group_name_H-M   'P 43 21 2'
#
loop_
_entity.id
_entity.type
_entity.pdbx_description
1 polymer 'Maltase-glucoamylase, intestinal'
2 water water
#
_entity_poly.entity_id   1
_entity_poly.type   'polypeptide(L)'
_entity_poly.pdbx_seq_one_letter_code
;WSHPQFEKDEEKIDCYPDENGASAENCTARGCIWEASNSSGVPFCYFVNDLYSVSDVQYNSHGATADISLKSSVYANAFP
STPVNPLRLDVTYHKNEMLQFKIYDPNKNRYEVPVPLNIPSMPSSTPEGQLYDVLIKKNPFGIEIRRKSTGTIIWDSQLL
GFTFSDMFIRISTRLPSKYLYGFGETEHRSYRRDLEWHTWGMFSRDQPPGYKKNSYGVHPYYMGLEEDGSAHGVLLLNSN
AMDVTFQPLPALTYRTTGGVLDFYVFLGPTPELVTQQYTELIGRPVMVPYWSLGFQLCRYGYQNDSEIASLYDEMVAAQI
PYDVQYSDIDYMERQLDFTLSPKFAGFPALINRMKADGMRVILILDPAISGNETQPYPAFTRGVEDDVFIKYPNDGDIVW
GKVWPDFPDVVVNGSLDWDSQVELYRAYVAFPDFFRNSTAKWWKREIEELYNNPQNPERSLKFDGMWIDMNEPSSFVNGA
VSPGCRDASLNHPPYMPHLESRDRGLSSKTLCMESQQILPDGSLVQHYNVHNLYGWSQTRPTYEAVQEVTGQRGVVITRS
TFPSSGRWAGHWLGDNTAAWDQLKKSIIGMMEFSLFGISYTGADICGFFQDAEYEMCVRWMQLGAFYPFSRNHNTIGTRR
QDPVSWDVAFVNISRTVLQTRYTLLPYLYTLMHKAHTEGVTVVRPLLHEFVSDQVTWDIDSQFLLGPAFLVSPVLERNAR
NVTAYFPRARWYDYYTGVDINARGEWKTLPAPLDHINLHVRGGYILPWQEPALNTHLSRQKFMGFKIALDDEGTAGGWLF
WDDGQSIDTYGKGLYYLASFSASQNTMQSHIIFNNYITGTNPLKLGYIEIWGVGSVPVTSVSISVSGMVITPSFNNDPTT
QVLSIDVTDRNISLHNFTSLTWHHHHHH
;
_entity_poly.pdbx_strand_id   A,B
#
# COMPACT_ATOMS: atom_id res chain seq x y z
N ASP A 9 -9.60 9.93 20.58
CA ASP A 9 -9.12 9.63 21.94
C ASP A 9 -7.84 8.78 21.99
N GLU A 10 -7.86 7.61 21.34
CA GLU A 10 -6.66 6.96 20.86
C GLU A 10 -6.02 7.93 19.87
N GLU A 11 -5.06 7.49 19.09
CA GLU A 11 -4.43 8.40 18.12
C GLU A 11 -3.71 9.54 18.83
N LYS A 12 -3.99 9.67 20.13
CA LYS A 12 -3.31 10.63 21.01
C LYS A 12 -1.99 10.01 21.42
N ILE A 13 -0.90 10.65 21.05
CA ILE A 13 0.42 10.12 21.31
C ILE A 13 1.04 10.89 22.46
N ASP A 14 1.02 10.30 23.66
CA ASP A 14 1.44 10.99 24.88
C ASP A 14 2.67 11.88 24.71
N CYS A 15 2.45 13.18 24.71
CA CYS A 15 3.51 14.17 24.51
C CYS A 15 4.43 14.30 25.72
N TYR A 16 3.86 14.12 26.92
CA TYR A 16 4.63 14.24 28.17
C TYR A 16 4.57 12.98 29.05
N PRO A 17 5.50 12.05 28.82
CA PRO A 17 5.66 10.83 29.62
C PRO A 17 6.83 11.03 30.57
N ASP A 18 7.42 12.22 30.51
CA ASP A 18 8.55 12.59 31.36
C ASP A 18 8.21 12.32 32.83
N GLU A 19 9.21 11.98 33.61
CA GLU A 19 9.02 11.64 35.02
C GLU A 19 8.40 12.85 35.75
N ASN A 20 8.93 14.03 35.41
CA ASN A 20 8.55 15.27 36.07
C ASN A 20 8.29 16.38 35.08
N GLY A 21 7.35 17.25 35.42
CA GLY A 21 7.16 18.45 34.64
C GLY A 21 5.93 18.50 33.78
N ALA A 22 5.21 17.39 33.69
CA ALA A 22 3.97 17.40 32.91
C ALA A 22 3.00 18.38 33.53
N SER A 23 2.50 19.29 32.69
CA SER A 23 1.69 20.43 33.13
C SER A 23 1.18 21.19 31.91
N ALA A 24 0.05 21.87 32.07
CA ALA A 24 -0.59 22.57 30.96
C ALA A 24 0.36 23.50 30.19
N GLU A 25 1.14 24.29 30.94
CA GLU A 25 1.99 25.30 30.31
C GLU A 25 3.30 24.73 29.79
N ASN A 26 3.84 23.75 30.53
CA ASN A 26 5.04 23.02 30.13
C ASN A 26 4.75 22.21 28.86
N CYS A 27 3.49 21.77 28.73
CA CYS A 27 3.01 21.03 27.56
C CYS A 27 2.77 21.89 26.33
N THR A 28 2.71 23.20 26.50
CA THR A 28 2.52 24.06 25.34
C THR A 28 3.89 24.43 24.75
N ALA A 29 4.90 24.50 25.61
CA ALA A 29 6.26 24.81 25.16
C ALA A 29 6.75 23.76 24.15
N ARG A 30 6.42 22.51 24.45
CA ARG A 30 6.49 21.46 23.44
C ARG A 30 5.25 21.66 22.58
N GLY A 31 5.37 21.55 21.26
CA GLY A 31 4.27 21.95 20.37
C GLY A 31 2.97 21.14 20.50
N CYS A 32 2.38 21.13 21.68
CA CYS A 32 1.36 20.14 22.01
C CYS A 32 0.14 20.74 22.66
N ILE A 33 -0.86 19.89 22.89
CA ILE A 33 -2.16 20.29 23.42
C ILE A 33 -2.39 19.65 24.79
N TRP A 34 -2.78 20.46 25.77
CA TRP A 34 -3.07 19.95 27.10
C TRP A 34 -4.56 19.98 27.38
N GLU A 35 -5.21 18.82 27.24
CA GLU A 35 -6.64 18.68 27.49
C GLU A 35 -6.87 17.52 28.45
N ALA A 36 -7.09 17.84 29.73
CA ALA A 36 -7.33 16.84 30.78
C ALA A 36 -8.46 15.86 30.43
N SER A 37 -8.39 14.66 30.99
CA SER A 37 -9.40 13.64 30.66
C SER A 37 -9.84 12.77 31.83
N ASN A 38 -11.05 12.23 31.73
CA ASN A 38 -11.63 11.38 32.78
C ASN A 38 -11.49 9.90 32.42
N SER A 39 -10.75 9.62 31.36
CA SER A 39 -10.53 8.26 30.91
C SER A 39 -9.17 7.74 31.36
N SER A 40 -9.17 6.56 31.99
CA SER A 40 -7.92 5.96 32.43
C SER A 40 -6.99 5.66 31.27
N GLY A 41 -5.72 6.03 31.44
CA GLY A 41 -4.71 5.76 30.44
C GLY A 41 -4.36 6.92 29.53
N VAL A 42 -5.39 7.68 29.12
CA VAL A 42 -5.23 8.73 28.12
C VAL A 42 -4.45 9.94 28.62
N PRO A 43 -3.54 10.43 27.78
CA PRO A 43 -2.55 11.48 28.11
C PRO A 43 -3.13 12.88 28.07
N PHE A 44 -3.02 13.60 29.18
CA PHE A 44 -3.50 14.97 29.20
C PHE A 44 -2.76 15.75 28.12
N CYS A 45 -1.48 15.45 27.96
CA CYS A 45 -0.68 16.13 26.97
C CYS A 45 -0.48 15.21 25.76
N TYR A 46 -0.84 15.68 24.56
CA TYR A 46 -0.62 14.87 23.36
C TYR A 46 -0.16 15.69 22.16
N PHE A 47 0.15 15.01 21.06
CA PHE A 47 0.73 15.66 19.88
C PHE A 47 -0.36 16.18 18.95
N VAL A 48 -0.05 17.25 18.21
CA VAL A 48 -0.99 17.72 17.19
C VAL A 48 -0.31 17.91 15.84
N ASN A 49 1.01 17.90 15.83
CA ASN A 49 1.75 17.98 14.58
C ASN A 49 3.20 17.58 14.71
N ASP A 50 3.79 17.20 13.58
CA ASP A 50 5.13 16.63 13.54
C ASP A 50 6.22 17.66 13.76
N LEU A 51 7.46 17.18 13.93
CA LEU A 51 8.62 18.05 14.03
C LEU A 51 9.73 17.68 13.06
N TYR A 52 9.56 16.57 12.36
CA TYR A 52 10.49 16.21 11.30
C TYR A 52 9.73 16.06 10.01
N SER A 53 10.38 16.42 8.91
CA SER A 53 9.75 16.27 7.60
C SER A 53 10.64 15.43 6.73
N VAL A 54 10.12 14.31 6.27
CA VAL A 54 10.87 13.49 5.32
C VAL A 54 10.97 14.33 4.05
N SER A 55 12.16 14.33 3.44
CA SER A 55 12.45 15.34 2.44
C SER A 55 12.68 14.72 1.08
N ASP A 56 13.68 13.85 1.00
CA ASP A 56 14.01 13.26 -0.27
C ASP A 56 13.79 11.77 -0.20
N VAL A 57 13.06 11.20 -1.16
CA VAL A 57 12.76 9.77 -1.08
C VAL A 57 13.14 9.08 -2.36
N GLN A 58 13.86 7.98 -2.26
CA GLN A 58 14.30 7.26 -3.45
C GLN A 58 14.11 5.75 -3.33
N TYR A 59 13.56 5.14 -4.35
CA TYR A 59 13.35 3.71 -4.32
C TYR A 59 14.36 3.03 -5.22
N ASN A 60 14.66 1.77 -4.93
CA ASN A 60 15.40 0.93 -5.88
C ASN A 60 15.05 -0.54 -5.73
N SER A 61 15.74 -1.37 -6.50
CA SER A 61 15.39 -2.78 -6.61
C SER A 61 15.65 -3.52 -5.31
N HIS A 62 16.55 -2.98 -4.50
CA HIS A 62 17.00 -3.64 -3.29
C HIS A 62 16.75 -2.82 -2.03
N GLY A 63 15.88 -1.81 -2.13
CA GLY A 63 15.51 -1.06 -0.95
C GLY A 63 14.84 0.29 -1.16
N ALA A 64 15.30 1.26 -0.37
CA ALA A 64 14.72 2.61 -0.31
C ALA A 64 15.62 3.45 0.57
N THR A 65 15.40 4.75 0.57
CA THR A 65 16.25 5.68 1.31
C THR A 65 15.61 7.05 1.31
N ALA A 66 15.84 7.82 2.35
CA ALA A 66 15.18 9.10 2.47
C ALA A 66 15.85 9.94 3.54
N ASP A 67 15.57 11.23 3.55
CA ASP A 67 16.22 12.13 4.48
C ASP A 67 15.17 12.71 5.39
N ILE A 68 15.56 12.95 6.64
CA ILE A 68 14.64 13.51 7.60
C ILE A 68 15.27 14.72 8.29
N SER A 69 14.55 15.84 8.31
CA SER A 69 15.09 17.08 8.84
C SER A 69 14.06 17.82 9.71
N LEU A 70 14.53 18.82 10.45
CA LEU A 70 13.69 19.51 11.42
C LEU A 70 12.76 20.61 10.86
N LYS A 71 11.67 20.87 11.60
CA LYS A 71 10.75 21.98 11.33
C LYS A 71 9.74 22.18 12.49
N SER A 72 9.99 23.18 13.34
CA SER A 72 11.26 23.89 13.40
C SER A 72 11.87 23.70 14.77
N SER A 73 13.17 23.97 14.85
CA SER A 73 13.96 23.76 16.06
C SER A 73 13.30 24.33 17.30
N VAL A 74 12.37 25.26 17.10
CA VAL A 74 11.69 25.93 18.20
C VAL A 74 11.12 24.91 19.19
N TYR A 75 10.48 23.86 18.68
CA TYR A 75 9.78 22.92 19.54
C TYR A 75 10.60 21.68 19.86
N ALA A 76 11.29 21.16 18.86
CA ALA A 76 12.19 20.03 19.07
C ALA A 76 13.17 20.27 20.23
N ASN A 77 13.50 21.54 20.46
CA ASN A 77 14.46 21.89 21.50
C ASN A 77 13.90 21.81 22.92
N ALA A 78 12.57 21.69 23.01
CA ALA A 78 11.88 21.61 24.30
C ALA A 78 11.79 20.18 24.84
N PHE A 79 12.13 19.22 23.98
CA PHE A 79 12.04 17.82 24.35
C PHE A 79 13.35 17.34 24.96
N PRO A 80 13.25 16.42 25.93
CA PRO A 80 14.37 15.83 26.66
C PRO A 80 15.75 16.29 26.18
N SER A 81 16.34 15.67 25.17
CA SER A 81 17.72 16.02 24.85
C SER A 81 17.87 16.99 23.68
N THR A 82 19.09 17.12 23.16
CA THR A 82 19.32 17.92 21.96
C THR A 82 19.07 17.14 20.67
N PRO A 83 17.99 17.50 19.95
CA PRO A 83 17.67 16.84 18.69
C PRO A 83 18.88 16.72 17.79
N VAL A 84 18.94 15.63 17.03
CA VAL A 84 19.96 15.49 16.03
C VAL A 84 19.37 15.80 14.65
N ASN A 85 20.18 16.44 13.80
CA ASN A 85 19.70 16.98 12.54
C ASN A 85 20.86 17.07 11.56
N PRO A 86 20.63 16.63 10.33
CA PRO A 86 19.42 15.89 10.01
C PRO A 86 19.62 14.39 10.28
N LEU A 87 18.58 13.61 10.03
CA LEU A 87 18.65 12.16 10.16
C LEU A 87 18.77 11.51 8.78
N ARG A 88 18.72 10.18 8.75
CA ARG A 88 18.70 9.47 7.48
C ARG A 88 18.11 8.07 7.62
N LEU A 89 17.27 7.69 6.66
CA LEU A 89 16.60 6.40 6.72
C LEU A 89 17.00 5.45 5.58
N ASP A 90 17.50 4.26 5.95
CA ASP A 90 17.88 3.23 4.97
C ASP A 90 17.08 1.96 5.14
N VAL A 91 16.16 1.71 4.21
CA VAL A 91 15.38 0.48 4.21
C VAL A 91 16.04 -0.51 3.25
N THR A 92 16.41 -1.68 3.75
CA THR A 92 17.06 -2.69 2.93
C THR A 92 16.21 -3.93 2.76
N TYR A 93 16.01 -4.37 1.52
CA TYR A 93 15.29 -5.62 1.31
C TYR A 93 16.29 -6.77 1.29
N HIS A 94 16.52 -7.39 2.44
CA HIS A 94 17.51 -8.47 2.56
C HIS A 94 17.06 -9.74 1.86
N LYS A 95 16.15 -10.46 2.49
CA LYS A 95 15.60 -11.64 1.86
C LYS A 95 14.21 -11.27 1.39
N ASN A 96 13.45 -12.25 0.90
CA ASN A 96 12.06 -12.01 0.56
C ASN A 96 11.19 -12.04 1.79
N GLU A 97 11.69 -12.62 2.88
CA GLU A 97 10.89 -12.79 4.08
C GLU A 97 11.29 -11.81 5.16
N MET A 98 12.35 -11.04 4.89
CA MET A 98 12.91 -10.18 5.93
C MET A 98 13.46 -8.86 5.42
N LEU A 99 13.28 -7.82 6.24
CA LEU A 99 13.65 -6.47 5.91
C LEU A 99 14.43 -5.94 7.05
N GLN A 100 15.21 -4.90 6.82
CA GLN A 100 15.58 -4.03 7.93
C GLN A 100 15.31 -2.63 7.47
N PHE A 101 15.12 -1.74 8.43
CA PHE A 101 15.09 -0.31 8.12
C PHE A 101 15.66 0.39 9.31
N LYS A 102 16.54 1.35 9.06
CA LYS A 102 17.29 1.98 10.14
C LYS A 102 17.28 3.46 9.97
N ILE A 103 17.17 4.18 11.08
CA ILE A 103 17.23 5.63 11.05
C ILE A 103 18.38 6.04 11.95
N TYR A 104 19.45 6.55 11.34
CA TYR A 104 20.63 6.92 12.08
C TYR A 104 21.07 8.34 11.75
N ASP A 105 22.26 8.68 12.21
CA ASP A 105 22.84 10.01 12.00
C ASP A 105 23.95 9.90 10.97
N PRO A 106 23.76 10.53 9.81
CA PRO A 106 24.67 10.34 8.67
C PRO A 106 26.00 11.01 8.96
N ASN A 107 25.98 11.94 9.90
CA ASN A 107 27.12 12.79 10.21
C ASN A 107 28.03 12.19 11.31
N LYS A 108 27.57 12.30 12.55
CA LYS A 108 28.29 11.72 13.67
C LYS A 108 27.94 10.23 13.81
N ASN A 109 28.95 9.43 14.17
CA ASN A 109 28.77 7.98 14.35
C ASN A 109 28.21 7.62 15.72
N ARG A 110 26.94 7.21 15.74
CA ARG A 110 26.22 6.98 17.01
C ARG A 110 26.43 5.57 17.52
N TYR A 111 26.20 5.37 18.81
CA TYR A 111 26.29 4.03 19.38
C TYR A 111 25.37 3.01 18.67
N GLU A 112 25.97 1.99 18.07
CA GLU A 112 25.20 0.92 17.47
C GLU A 112 25.51 -0.42 18.16
N VAL A 113 24.46 -1.21 18.37
CA VAL A 113 24.56 -2.43 19.17
C VAL A 113 25.46 -3.49 18.58
N PRO A 114 26.52 -3.86 19.33
CA PRO A 114 27.62 -4.74 18.91
C PRO A 114 27.31 -6.22 19.06
N VAL A 115 26.12 -6.67 18.67
CA VAL A 115 25.91 -8.12 18.59
C VAL A 115 25.90 -8.48 17.12
N PRO A 116 26.64 -9.55 16.75
CA PRO A 116 26.69 -10.09 15.39
C PRO A 116 25.35 -10.71 14.99
N LEU A 117 24.85 -10.31 13.83
CA LEU A 117 23.69 -10.95 13.24
C LEU A 117 24.16 -11.47 11.89
N ASN A 118 23.48 -12.49 11.35
CA ASN A 118 23.77 -12.84 9.97
C ASN A 118 22.74 -12.32 8.96
N ILE A 119 23.27 -11.95 7.80
CA ILE A 119 22.57 -11.12 6.84
C ILE A 119 23.16 -11.51 5.51
N PRO A 120 22.32 -11.81 4.52
CA PRO A 120 22.88 -12.13 3.20
C PRO A 120 23.90 -11.07 2.81
N SER A 121 25.06 -11.52 2.35
CA SER A 121 26.15 -10.65 1.95
C SER A 121 25.66 -9.54 1.05
N MET A 122 24.68 -9.89 0.22
CA MET A 122 24.02 -8.95 -0.67
C MET A 122 22.50 -9.17 -0.63
N PRO A 123 21.74 -8.06 -0.53
CA PRO A 123 20.29 -8.03 -0.66
C PRO A 123 19.82 -9.00 -1.73
N SER A 124 19.13 -10.07 -1.33
CA SER A 124 18.78 -11.17 -2.24
C SER A 124 17.28 -11.29 -2.56
N SER A 125 16.58 -10.16 -2.49
CA SER A 125 15.13 -10.09 -2.72
C SER A 125 14.75 -10.06 -4.19
N THR A 126 13.73 -10.84 -4.55
CA THR A 126 13.27 -10.92 -5.92
C THR A 126 11.80 -10.46 -6.03
N PRO A 127 11.47 -9.63 -7.05
CA PRO A 127 10.10 -9.13 -7.28
C PRO A 127 9.01 -10.22 -7.30
N GLU A 128 9.31 -11.35 -7.91
CA GLU A 128 8.39 -12.49 -7.89
C GLU A 128 8.20 -13.09 -6.49
N GLY A 129 9.26 -13.10 -5.68
CA GLY A 129 9.19 -13.71 -4.36
C GLY A 129 9.12 -12.82 -3.14
N GLN A 130 9.46 -11.55 -3.30
CA GLN A 130 9.39 -10.59 -2.22
C GLN A 130 7.99 -10.61 -1.66
N LEU A 131 7.86 -10.72 -0.34
CA LEU A 131 6.57 -11.00 0.30
C LEU A 131 5.92 -9.74 0.82
N TYR A 132 6.67 -8.65 0.86
CA TYR A 132 6.19 -7.41 1.41
C TYR A 132 6.56 -6.33 0.42
N ASP A 133 6.13 -5.10 0.69
CA ASP A 133 6.64 -3.94 -0.01
C ASP A 133 6.51 -2.74 0.90
N VAL A 134 7.32 -1.72 0.68
CA VAL A 134 7.33 -0.60 1.62
C VAL A 134 7.24 0.76 0.95
N LEU A 135 6.50 1.67 1.57
CA LEU A 135 6.47 3.07 1.13
C LEU A 135 7.12 3.89 2.23
N ILE A 136 7.73 5.01 1.84
CA ILE A 136 8.11 6.03 2.82
C ILE A 136 7.14 7.20 2.70
N LYS A 137 6.14 7.23 3.59
CA LYS A 137 5.08 8.23 3.48
C LYS A 137 5.51 9.64 3.93
N LYS A 138 4.97 10.64 3.22
CA LYS A 138 5.54 12.00 3.22
C LYS A 138 4.99 12.98 4.27
N ASN A 139 3.77 12.81 4.74
CA ASN A 139 3.19 13.87 5.57
C ASN A 139 2.00 13.48 6.42
N PRO A 140 2.22 13.28 7.73
CA PRO A 140 3.50 13.45 8.43
C PRO A 140 4.43 12.31 8.10
N PHE A 141 5.72 12.47 8.39
CA PHE A 141 6.69 11.42 8.11
C PHE A 141 6.29 10.07 8.69
N GLY A 142 6.44 9.02 7.89
CA GLY A 142 6.03 7.70 8.29
C GLY A 142 6.53 6.64 7.34
N ILE A 143 6.59 5.39 7.83
CA ILE A 143 7.02 4.24 7.04
C ILE A 143 5.90 3.22 7.04
N GLU A 144 5.58 2.67 5.86
CA GLU A 144 4.46 1.75 5.77
C GLU A 144 4.82 0.44 5.10
N ILE A 145 5.00 -0.59 5.95
CA ILE A 145 5.34 -1.94 5.49
C ILE A 145 4.06 -2.75 5.32
N ARG A 146 3.99 -3.53 4.24
CA ARG A 146 2.73 -4.17 3.87
C ARG A 146 2.95 -5.57 3.34
N ARG A 147 2.14 -6.53 3.78
CA ARG A 147 2.21 -7.86 3.21
C ARG A 147 1.58 -7.90 1.82
N LYS A 148 2.41 -8.13 0.80
CA LYS A 148 1.95 -8.11 -0.59
C LYS A 148 0.81 -9.09 -0.82
N SER A 149 0.85 -10.22 -0.11
CA SER A 149 -0.08 -11.33 -0.36
C SER A 149 -1.55 -10.94 -0.20
N THR A 150 -1.88 -10.49 1.00
CA THR A 150 -3.17 -9.87 1.28
C THR A 150 -2.93 -8.37 1.22
N GLY A 151 -3.76 -7.60 1.89
CA GLY A 151 -3.52 -6.19 1.94
C GLY A 151 -2.75 -5.76 3.16
N THR A 152 -2.81 -6.58 4.22
CA THR A 152 -2.57 -6.14 5.61
C THR A 152 -1.31 -5.30 5.81
N ILE A 153 -1.44 -4.21 6.57
CA ILE A 153 -0.29 -3.35 6.85
C ILE A 153 0.41 -3.78 8.13
N ILE A 154 1.65 -4.24 7.98
CA ILE A 154 2.44 -4.74 9.10
C ILE A 154 2.91 -3.59 10.00
N TRP A 155 3.51 -2.57 9.38
CA TRP A 155 4.01 -1.39 10.10
C TRP A 155 3.45 -0.10 9.52
N ASP A 156 3.17 0.86 10.40
CA ASP A 156 2.63 2.15 9.98
C ASP A 156 3.07 3.19 11.00
N SER A 157 4.19 3.86 10.71
CA SER A 157 4.75 4.85 11.64
C SER A 157 4.35 6.26 11.25
N GLN A 158 3.33 6.35 10.40
CA GLN A 158 2.77 7.63 10.06
C GLN A 158 1.80 8.06 11.16
N LEU A 159 2.22 7.91 12.40
CA LEU A 159 1.56 8.53 13.53
C LEU A 159 2.47 9.63 14.01
N LEU A 160 1.97 10.47 14.92
CA LEU A 160 2.78 11.59 15.38
C LEU A 160 3.71 11.21 16.53
N GLY A 161 4.52 12.17 16.95
CA GLY A 161 5.37 11.96 18.10
C GLY A 161 6.80 11.55 17.79
N PHE A 162 7.10 11.24 16.52
CA PHE A 162 8.47 10.87 16.19
C PHE A 162 9.42 11.91 16.73
N THR A 163 10.37 11.47 17.55
CA THR A 163 11.35 12.36 18.11
C THR A 163 12.72 11.72 17.98
N PHE A 164 13.75 12.52 17.84
CA PHE A 164 15.11 12.01 17.85
C PHE A 164 15.93 13.09 18.51
N SER A 165 16.71 12.69 19.49
CA SER A 165 17.48 13.61 20.30
C SER A 165 18.52 12.71 20.97
N ASP A 166 19.71 13.24 21.20
CA ASP A 166 20.85 12.39 21.47
C ASP A 166 20.53 11.24 22.42
N MET A 167 19.86 11.55 23.52
CA MET A 167 19.52 10.53 24.50
C MET A 167 18.02 10.41 24.71
N PHE A 168 17.26 10.63 23.63
CA PHE A 168 15.82 10.36 23.63
C PHE A 168 15.25 10.14 22.24
N ILE A 169 14.86 8.91 21.93
CA ILE A 169 14.28 8.58 20.62
C ILE A 169 12.88 7.99 20.81
N ARG A 170 11.96 8.37 19.91
CA ARG A 170 10.57 7.91 19.94
C ARG A 170 10.06 7.62 18.54
N ILE A 171 9.62 6.40 18.31
CA ILE A 171 8.91 6.12 17.07
C ILE A 171 7.65 5.36 17.46
N SER A 172 6.64 5.39 16.60
CA SER A 172 5.38 4.76 16.93
C SER A 172 4.89 3.95 15.76
N THR A 173 3.94 3.04 16.01
CA THR A 173 3.35 2.30 14.90
C THR A 173 1.96 1.79 15.17
N ARG A 174 1.22 1.59 14.10
CA ARG A 174 -0.09 1.01 14.19
C ARG A 174 -0.02 -0.50 14.07
N LEU A 175 -0.57 -1.20 15.06
CA LEU A 175 -0.71 -2.64 14.97
C LEU A 175 -1.84 -3.04 14.02
N PRO A 176 -1.59 -4.02 13.15
CA PRO A 176 -2.60 -4.53 12.24
C PRO A 176 -3.72 -5.29 12.95
N SER A 177 -3.64 -5.39 14.27
CA SER A 177 -4.66 -6.16 15.01
C SER A 177 -4.62 -5.95 16.52
N LYS A 178 -5.50 -6.64 17.22
CA LYS A 178 -5.55 -6.56 18.68
C LYS A 178 -4.79 -7.73 19.33
N TYR A 179 -3.86 -8.32 18.59
CA TYR A 179 -3.10 -9.48 19.09
C TYR A 179 -1.57 -9.29 18.96
N LEU A 180 -0.92 -9.07 20.10
CA LEU A 180 0.52 -8.78 20.14
C LEU A 180 1.20 -9.61 21.23
N TYR A 181 2.27 -10.31 20.88
CA TYR A 181 2.90 -11.22 21.82
C TYR A 181 4.36 -10.90 22.13
N GLY A 182 4.69 -10.91 23.42
CA GLY A 182 6.06 -10.90 23.90
C GLY A 182 6.85 -9.59 23.95
N PHE A 183 7.46 -9.29 25.09
CA PHE A 183 8.44 -8.21 25.16
C PHE A 183 9.48 -8.48 26.28
N GLY A 184 10.47 -7.57 26.38
CA GLY A 184 11.69 -7.78 27.15
C GLY A 184 11.42 -8.19 28.57
N GLU A 185 12.27 -9.03 29.12
CA GLU A 185 11.90 -9.79 30.32
C GLU A 185 11.08 -9.05 31.39
N THR A 186 9.82 -9.44 31.55
CA THR A 186 8.97 -8.97 32.65
C THR A 186 7.81 -9.93 32.89
N GLU A 187 7.11 -9.78 34.01
CA GLU A 187 5.96 -10.63 34.34
C GLU A 187 4.66 -10.10 33.75
N HIS A 188 4.39 -10.51 32.51
CA HIS A 188 3.11 -10.20 31.91
C HIS A 188 2.04 -11.06 32.58
N ARG A 189 0.77 -10.63 32.50
CA ARG A 189 -0.31 -11.28 33.23
C ARG A 189 -1.02 -12.31 32.36
N SER A 190 -0.91 -12.15 31.04
CA SER A 190 -1.38 -13.15 30.08
C SER A 190 -0.46 -13.17 28.85
N TYR A 191 -0.57 -14.19 28.00
CA TYR A 191 0.32 -14.28 26.84
C TYR A 191 0.13 -13.11 25.89
N ARG A 192 -1.12 -12.89 25.45
CA ARG A 192 -1.48 -11.79 24.55
C ARG A 192 -1.55 -10.43 25.25
N ARG A 193 -0.75 -9.44 24.85
CA ARG A 193 -0.65 -8.22 25.65
C ARG A 193 -1.77 -7.24 25.45
N ASP A 194 -1.98 -6.39 26.46
CA ASP A 194 -3.24 -5.68 26.69
C ASP A 194 -3.62 -4.57 25.72
N LEU A 195 -2.75 -3.58 25.55
CA LEU A 195 -3.04 -2.49 24.59
C LEU A 195 -3.88 -1.36 25.20
N GLU A 196 -4.70 -1.69 26.20
CA GLU A 196 -5.53 -0.69 26.87
C GLU A 196 -4.72 0.28 27.73
N TRP A 197 -3.81 1.02 27.11
CA TRP A 197 -3.01 2.05 27.78
C TRP A 197 -2.04 1.53 28.84
N HIS A 198 -0.96 0.88 28.39
CA HIS A 198 0.01 0.28 29.30
C HIS A 198 1.45 0.58 28.88
N THR A 199 2.27 0.94 29.86
CA THR A 199 3.69 1.14 29.61
C THR A 199 4.57 0.09 30.34
N TRP A 200 5.53 -0.50 29.62
CA TRP A 200 6.43 -1.48 30.23
C TRP A 200 7.89 -1.02 30.16
N GLY A 201 8.65 -1.18 31.25
CA GLY A 201 10.06 -0.87 31.26
C GLY A 201 10.96 -2.01 30.75
N MET A 202 12.07 -1.63 30.14
CA MET A 202 13.02 -2.63 29.68
C MET A 202 14.45 -2.22 30.02
N PHE A 203 15.06 -2.94 30.96
CA PHE A 203 16.38 -2.61 31.42
C PHE A 203 16.85 -3.68 32.37
N SER A 204 18.05 -4.20 32.14
CA SER A 204 18.60 -5.27 32.99
C SER A 204 18.56 -4.85 34.44
N ARG A 205 17.74 -5.54 35.22
CA ARG A 205 17.62 -5.22 36.61
C ARG A 205 17.54 -6.50 37.43
N ASP A 206 18.03 -6.49 38.65
CA ASP A 206 17.83 -7.63 39.52
C ASP A 206 16.50 -7.41 40.21
N GLN A 207 15.43 -7.83 39.54
CA GLN A 207 14.05 -7.62 40.00
C GLN A 207 13.36 -8.97 40.01
N PRO A 208 12.93 -9.44 41.19
CA PRO A 208 12.04 -10.59 41.10
C PRO A 208 10.82 -10.19 40.26
N PRO A 209 10.40 -11.08 39.34
CA PRO A 209 9.31 -10.74 38.42
C PRO A 209 8.15 -10.09 39.14
N GLY A 210 7.53 -9.15 38.45
CA GLY A 210 6.35 -8.48 38.95
C GLY A 210 5.70 -7.74 37.79
N TYR A 211 4.39 -7.53 37.88
CA TYR A 211 3.66 -6.79 36.86
C TYR A 211 4.20 -5.37 36.67
N LYS A 212 4.56 -5.07 35.43
CA LYS A 212 5.10 -3.76 35.04
C LYS A 212 6.49 -3.42 35.59
N LYS A 213 7.27 -4.44 35.96
CA LYS A 213 8.62 -4.23 36.46
C LYS A 213 9.68 -4.80 35.52
N ASN A 214 10.67 -3.99 35.16
CA ASN A 214 11.77 -4.48 34.35
C ASN A 214 12.57 -5.52 35.12
N SER A 215 12.83 -6.64 34.50
CA SER A 215 13.52 -7.72 35.20
C SER A 215 14.86 -8.02 34.56
N TYR A 216 15.24 -9.28 34.69
CA TYR A 216 16.58 -9.71 34.36
C TYR A 216 17.03 -9.30 32.93
N GLY A 217 16.36 -9.81 31.92
CA GLY A 217 16.74 -9.48 30.54
C GLY A 217 15.97 -8.37 29.84
N VAL A 218 16.36 -8.13 28.59
CA VAL A 218 15.77 -7.14 27.73
C VAL A 218 15.58 -7.72 26.32
N HIS A 219 14.36 -7.70 25.80
CA HIS A 219 14.11 -8.31 24.48
C HIS A 219 13.14 -7.51 23.61
N PRO A 220 13.62 -6.49 22.90
CA PRO A 220 12.69 -5.62 22.17
C PRO A 220 12.14 -6.28 20.92
N TYR A 221 11.61 -7.49 21.07
CA TYR A 221 11.05 -8.24 19.96
C TYR A 221 9.64 -8.66 20.29
N TYR A 222 8.77 -8.60 19.28
CA TYR A 222 7.37 -9.01 19.43
C TYR A 222 6.88 -9.75 18.21
N MET A 223 5.84 -10.55 18.40
CA MET A 223 5.14 -11.17 17.28
C MET A 223 3.76 -10.57 17.21
N GLY A 224 3.31 -10.24 16.00
CA GLY A 224 1.98 -9.71 15.84
C GLY A 224 1.14 -10.61 14.97
N LEU A 225 -0.05 -10.98 15.42
CA LEU A 225 -0.96 -11.79 14.62
C LEU A 225 -1.82 -10.87 13.79
N GLU A 226 -2.18 -11.29 12.58
CA GLU A 226 -2.96 -10.40 11.72
C GLU A 226 -4.42 -10.80 11.64
N GLU A 227 -5.24 -9.90 11.11
CA GLU A 227 -6.69 -10.10 10.95
C GLU A 227 -7.06 -11.52 10.52
N ASP A 228 -6.40 -12.04 9.47
CA ASP A 228 -6.50 -13.45 9.08
C ASP A 228 -5.52 -14.28 9.88
N GLY A 229 -5.01 -15.37 9.32
CA GLY A 229 -4.09 -16.19 10.08
C GLY A 229 -2.63 -15.76 10.13
N SER A 230 -2.26 -14.78 9.30
CA SER A 230 -0.86 -14.47 9.05
C SER A 230 -0.16 -13.91 10.28
N ALA A 231 1.14 -14.14 10.35
CA ALA A 231 1.97 -13.69 11.48
C ALA A 231 3.22 -12.97 10.99
N HIS A 232 3.70 -12.04 11.82
CA HIS A 232 4.91 -11.28 11.50
C HIS A 232 5.65 -11.01 12.81
N GLY A 233 6.91 -10.59 12.71
CA GLY A 233 7.71 -10.36 13.90
C GLY A 233 8.58 -9.14 13.71
N VAL A 234 8.79 -8.35 14.75
CA VAL A 234 9.57 -7.12 14.63
C VAL A 234 10.64 -7.00 15.71
N LEU A 235 11.86 -6.64 15.34
CA LEU A 235 12.92 -6.51 16.33
C LEU A 235 13.53 -5.11 16.34
N LEU A 236 13.70 -4.54 17.52
CA LEU A 236 14.40 -3.27 17.64
C LEU A 236 15.79 -3.55 18.18
N LEU A 237 16.81 -3.58 17.32
CA LEU A 237 18.17 -3.81 17.81
C LEU A 237 18.67 -2.58 18.55
N ASN A 238 18.18 -2.38 19.77
CA ASN A 238 18.63 -1.29 20.61
C ASN A 238 18.89 -1.76 22.05
N SER A 239 20.08 -1.49 22.57
CA SER A 239 20.44 -1.95 23.91
C SER A 239 20.46 -0.85 24.96
N ASN A 240 19.77 0.25 24.68
CA ASN A 240 19.65 1.36 25.62
C ASN A 240 18.44 1.18 26.49
N ALA A 241 18.38 1.94 27.58
CA ALA A 241 17.25 1.86 28.51
C ALA A 241 16.02 2.43 27.83
N MET A 242 14.97 1.64 27.66
CA MET A 242 13.78 2.10 26.96
C MET A 242 12.51 1.61 27.63
N ASP A 243 11.39 2.18 27.22
CA ASP A 243 10.10 1.60 27.52
C ASP A 243 9.22 1.52 26.27
N VAL A 244 8.18 0.71 26.30
CA VAL A 244 7.24 0.65 25.17
C VAL A 244 5.88 0.95 25.73
N THR A 245 4.97 1.41 24.89
CA THR A 245 3.66 1.83 25.37
C THR A 245 2.54 1.38 24.45
N PHE A 246 1.64 0.58 25.00
CA PHE A 246 0.55 0.01 24.21
C PHE A 246 -0.77 0.82 24.30
N GLN A 247 -1.37 1.11 23.15
CA GLN A 247 -2.61 1.90 23.07
C GLN A 247 -3.74 1.15 22.36
N PRO A 248 -5.00 1.39 22.82
CA PRO A 248 -6.26 0.75 22.42
C PRO A 248 -6.55 0.78 20.92
N LEU A 249 -6.35 1.90 20.24
CA LEU A 249 -6.28 1.87 18.79
C LEU A 249 -5.03 1.07 18.59
N PRO A 250 -5.13 -0.08 17.93
CA PRO A 250 -3.97 -0.99 18.03
C PRO A 250 -2.72 -0.19 17.66
N ALA A 251 -1.87 0.13 18.63
CA ALA A 251 -0.67 0.93 18.36
C ALA A 251 0.30 1.02 19.52
N LEU A 252 1.58 0.77 19.24
CA LEU A 252 2.60 0.92 20.27
C LEU A 252 3.63 2.01 20.00
N THR A 253 4.35 2.38 21.07
CA THR A 253 5.27 3.52 21.05
C THR A 253 6.60 3.17 21.76
N TYR A 254 7.70 3.17 20.99
CA TYR A 254 9.06 2.97 21.52
C TYR A 254 9.70 4.28 22.00
N ARG A 255 10.28 4.27 23.20
CA ARG A 255 10.97 5.45 23.71
C ARG A 255 12.30 5.03 24.25
N THR A 256 13.32 4.98 23.41
CA THR A 256 14.64 4.52 23.83
C THR A 256 15.45 5.71 24.32
N THR A 257 16.51 5.48 25.09
CA THR A 257 17.31 6.58 25.55
C THR A 257 18.63 6.71 24.79
N GLY A 258 18.74 6.08 23.64
CA GLY A 258 19.68 6.61 22.68
C GLY A 258 20.71 5.79 21.99
N GLY A 259 20.27 5.01 21.00
CA GLY A 259 21.19 4.44 20.04
C GLY A 259 20.70 4.94 18.70
N VAL A 260 20.74 4.10 17.68
CA VAL A 260 20.00 4.38 16.46
C VAL A 260 18.76 3.48 16.47
N LEU A 261 17.80 3.72 15.58
CA LEU A 261 16.64 2.83 15.49
C LEU A 261 16.89 1.74 14.43
N ASP A 262 17.47 0.61 14.85
CA ASP A 262 17.76 -0.44 13.90
C ASP A 262 16.65 -1.46 13.99
N PHE A 263 15.77 -1.50 13.00
CA PHE A 263 14.65 -2.43 13.02
C PHE A 263 14.82 -3.56 12.02
N TYR A 264 14.46 -4.76 12.43
CA TYR A 264 14.35 -5.86 11.49
C TYR A 264 12.95 -6.44 11.50
N VAL A 265 12.33 -6.52 10.32
CA VAL A 265 11.01 -7.15 10.18
C VAL A 265 11.00 -8.52 9.45
N PHE A 266 10.34 -9.48 10.06
CA PHE A 266 10.22 -10.82 9.51
C PHE A 266 8.75 -11.09 9.26
N LEU A 267 8.44 -11.71 8.14
CA LEU A 267 7.06 -12.01 7.90
C LEU A 267 6.81 -13.35 7.26
N GLY A 268 7.56 -14.37 7.67
CA GLY A 268 7.20 -15.72 7.29
C GLY A 268 5.72 -15.65 7.57
N PRO A 269 4.94 -16.37 6.78
CA PRO A 269 3.48 -16.24 7.03
C PRO A 269 3.03 -16.83 8.40
N THR A 270 3.63 -17.92 8.87
CA THR A 270 3.18 -18.57 10.11
C THR A 270 4.07 -18.33 11.34
N PRO A 271 3.47 -18.38 12.53
CA PRO A 271 4.27 -18.20 13.73
C PRO A 271 5.61 -18.95 13.70
N GLU A 272 5.59 -20.26 13.44
CA GLU A 272 6.84 -21.01 13.41
C GLU A 272 7.80 -20.47 12.37
N LEU A 273 7.26 -20.00 11.25
CA LEU A 273 8.09 -19.43 10.19
C LEU A 273 8.70 -18.10 10.64
N VAL A 274 7.88 -17.28 11.31
CA VAL A 274 8.35 -16.01 11.84
C VAL A 274 9.55 -16.28 12.71
N THR A 275 9.42 -17.25 13.60
CA THR A 275 10.46 -17.55 14.56
C THR A 275 11.68 -18.17 13.91
N GLN A 276 11.50 -18.99 12.89
CA GLN A 276 12.63 -19.54 12.16
C GLN A 276 13.47 -18.44 11.54
N GLN A 277 12.81 -17.45 10.97
CA GLN A 277 13.49 -16.32 10.34
C GLN A 277 14.08 -15.36 11.36
N TYR A 278 13.42 -15.23 12.51
CA TYR A 278 13.95 -14.35 13.53
C TYR A 278 15.25 -14.94 14.03
N THR A 279 15.17 -16.18 14.50
CA THR A 279 16.38 -16.83 15.02
C THR A 279 17.41 -17.01 13.92
N GLU A 280 16.98 -17.09 12.66
CA GLU A 280 17.95 -17.23 11.60
C GLU A 280 18.86 -16.02 11.63
N LEU A 281 18.31 -14.86 11.93
CA LEU A 281 19.11 -13.64 11.94
C LEU A 281 19.98 -13.53 13.18
N ILE A 282 19.41 -13.78 14.36
CA ILE A 282 20.14 -13.54 15.60
C ILE A 282 20.92 -14.78 16.04
N GLY A 283 20.38 -15.93 15.69
CA GLY A 283 21.00 -17.21 16.00
C GLY A 283 20.06 -18.19 16.68
N ARG A 284 20.20 -19.46 16.34
CA ARG A 284 19.32 -20.50 16.88
C ARG A 284 19.78 -20.98 18.27
N PRO A 285 18.85 -21.55 19.05
CA PRO A 285 19.16 -21.90 20.44
C PRO A 285 20.37 -22.82 20.54
N VAL A 286 20.95 -22.90 21.73
CA VAL A 286 21.99 -23.88 21.98
C VAL A 286 21.39 -25.26 21.85
N MET A 287 22.28 -26.22 21.61
CA MET A 287 21.93 -27.62 21.75
C MET A 287 22.39 -28.07 23.14
N VAL A 288 21.46 -28.61 23.90
CA VAL A 288 21.77 -29.05 25.26
C VAL A 288 22.23 -30.50 25.26
N PRO A 289 23.08 -30.88 26.21
CA PRO A 289 23.50 -32.28 26.31
C PRO A 289 22.30 -33.06 26.80
N TYR A 290 22.19 -34.33 26.43
CA TYR A 290 21.01 -35.14 26.75
C TYR A 290 20.69 -35.09 28.23
N TRP A 291 21.73 -35.20 29.05
CA TRP A 291 21.57 -35.24 30.48
C TRP A 291 20.87 -34.03 31.09
N SER A 292 20.93 -32.88 30.42
CA SER A 292 20.31 -31.64 30.95
C SER A 292 18.80 -31.68 30.89
N LEU A 293 18.27 -32.64 30.16
CA LEU A 293 16.83 -32.80 30.00
C LEU A 293 16.20 -33.49 31.22
N GLY A 294 17.08 -33.98 32.10
CA GLY A 294 16.66 -34.65 33.32
C GLY A 294 16.17 -33.66 34.36
N PHE A 295 15.66 -34.18 35.47
CA PHE A 295 15.14 -33.35 36.55
C PHE A 295 16.33 -32.82 37.28
N GLN A 296 16.15 -31.77 38.08
CA GLN A 296 17.30 -31.12 38.72
C GLN A 296 16.94 -30.63 40.08
N LEU A 297 17.93 -30.55 40.95
CA LEU A 297 17.67 -30.10 42.30
C LEU A 297 18.70 -29.08 42.75
N CYS A 298 18.25 -28.11 43.51
CA CYS A 298 19.14 -27.12 44.07
C CYS A 298 18.44 -26.37 45.17
N ARG A 299 19.19 -25.55 45.89
CA ARG A 299 18.61 -24.61 46.82
C ARG A 299 19.67 -23.66 47.32
N TYR A 300 19.24 -22.46 47.67
CA TYR A 300 20.08 -21.50 48.33
C TYR A 300 20.12 -21.98 49.77
N GLY A 301 21.32 -22.24 50.28
CA GLY A 301 21.44 -22.59 51.68
C GLY A 301 21.60 -24.05 52.04
N TYR A 302 22.33 -24.81 51.23
CA TYR A 302 22.80 -26.13 51.66
C TYR A 302 23.90 -25.84 52.68
N GLN A 303 23.70 -26.27 53.92
CA GLN A 303 24.61 -25.97 55.02
C GLN A 303 25.87 -26.80 54.89
N ASN A 304 25.82 -27.95 55.56
CA ASN A 304 26.86 -28.96 55.54
C ASN A 304 27.09 -29.42 54.09
N ASP A 305 28.35 -29.55 53.71
CA ASP A 305 28.73 -30.28 52.51
C ASP A 305 27.83 -31.50 52.27
N SER A 306 27.39 -32.13 53.35
CA SER A 306 26.76 -33.44 53.27
C SER A 306 25.24 -33.38 53.38
N GLU A 307 24.71 -32.18 53.52
CA GLU A 307 23.26 -32.02 53.48
C GLU A 307 22.82 -32.28 52.06
N ILE A 308 23.76 -32.14 51.13
CA ILE A 308 23.53 -32.50 49.74
C ILE A 308 23.51 -34.00 49.57
N ALA A 309 24.59 -34.68 49.98
CA ALA A 309 24.65 -36.12 49.87
C ALA A 309 23.43 -36.75 50.55
N SER A 310 23.11 -36.26 51.74
CA SER A 310 21.89 -36.68 52.43
C SER A 310 20.65 -36.57 51.54
N LEU A 311 20.61 -35.54 50.68
CA LEU A 311 19.53 -35.36 49.73
C LEU A 311 19.64 -36.33 48.57
N TYR A 312 20.82 -36.40 47.96
CA TYR A 312 21.02 -37.26 46.80
C TYR A 312 20.69 -38.69 47.14
N ASP A 313 21.02 -39.08 48.37
CA ASP A 313 20.81 -40.46 48.81
C ASP A 313 19.35 -40.71 49.16
N GLU A 314 18.67 -39.71 49.70
CA GLU A 314 17.27 -39.87 50.04
C GLU A 314 16.44 -39.97 48.76
N MET A 315 16.93 -39.35 47.69
CA MET A 315 16.25 -39.43 46.40
C MET A 315 16.39 -40.82 45.79
N VAL A 316 17.61 -41.23 45.47
CA VAL A 316 17.83 -42.52 44.83
C VAL A 316 17.23 -43.67 45.63
N ALA A 317 16.93 -43.41 46.89
CA ALA A 317 16.29 -44.40 47.75
C ALA A 317 14.81 -44.51 47.40
N ALA A 318 14.17 -43.37 47.14
CA ALA A 318 12.76 -43.29 46.77
C ALA A 318 12.56 -43.48 45.27
N GLN A 319 13.66 -43.71 44.57
CA GLN A 319 13.64 -44.00 43.14
C GLN A 319 12.92 -42.93 42.34
N ILE A 320 13.04 -41.68 42.78
CA ILE A 320 12.56 -40.52 42.03
C ILE A 320 13.69 -40.02 41.15
N PRO A 321 13.60 -40.26 39.85
CA PRO A 321 14.75 -40.03 38.96
C PRO A 321 15.16 -38.56 38.88
N TYR A 322 16.46 -38.29 38.73
CA TYR A 322 16.97 -36.94 38.55
C TYR A 322 18.46 -36.87 38.22
N ASP A 323 18.78 -36.15 37.14
CA ASP A 323 20.12 -36.12 36.56
C ASP A 323 21.10 -35.04 37.03
N VAL A 324 20.62 -33.95 37.59
CA VAL A 324 21.52 -32.85 37.91
C VAL A 324 21.38 -32.40 39.36
N GLN A 325 22.51 -32.34 40.07
CA GLN A 325 22.54 -31.80 41.44
C GLN A 325 23.42 -30.56 41.56
N TYR A 326 22.89 -29.55 42.23
CA TYR A 326 23.51 -28.22 42.27
C TYR A 326 24.15 -27.90 43.61
N SER A 327 24.77 -26.74 43.66
CA SER A 327 25.03 -26.05 44.92
C SER A 327 24.93 -24.56 44.64
N ASP A 328 24.31 -23.83 45.57
CA ASP A 328 24.29 -22.37 45.48
C ASP A 328 25.60 -21.84 46.06
N ILE A 329 25.72 -20.53 46.17
CA ILE A 329 26.97 -19.91 46.66
C ILE A 329 27.46 -20.38 48.03
N ASP A 330 26.84 -21.41 48.58
CA ASP A 330 27.25 -21.90 49.89
C ASP A 330 28.53 -22.71 49.77
N TYR A 331 28.76 -23.30 48.61
CA TYR A 331 29.95 -24.11 48.44
C TYR A 331 31.16 -23.20 48.42
N MET A 332 30.95 -21.91 48.20
CA MET A 332 32.04 -20.94 48.17
C MET A 332 32.38 -20.48 49.57
N GLU A 333 33.65 -20.19 49.81
CA GLU A 333 34.06 -19.66 51.09
C GLU A 333 33.64 -18.21 51.10
N ARG A 334 32.71 -17.89 51.97
CA ARG A 334 32.20 -16.52 52.08
C ARG A 334 31.77 -15.96 50.73
N GLN A 335 31.05 -16.77 49.95
CA GLN A 335 30.45 -16.34 48.70
C GLN A 335 31.46 -15.78 47.70
N LEU A 336 32.71 -16.23 47.79
CA LEU A 336 33.74 -15.82 46.85
C LEU A 336 33.82 -16.78 45.67
N ASP A 337 33.86 -16.24 44.46
CA ASP A 337 34.05 -17.07 43.28
C ASP A 337 35.33 -17.89 43.42
N PHE A 338 35.28 -19.17 43.11
CA PHE A 338 36.49 -19.98 43.01
C PHE A 338 37.15 -20.31 44.38
N THR A 339 36.36 -20.27 45.45
CA THR A 339 36.83 -20.71 46.75
C THR A 339 35.88 -21.76 47.34
N LEU A 340 36.42 -22.69 48.12
CA LEU A 340 35.62 -23.77 48.69
C LEU A 340 35.47 -23.61 50.20
N SER A 341 34.23 -23.54 50.66
CA SER A 341 33.99 -23.34 52.09
C SER A 341 34.52 -24.53 52.85
N PRO A 342 35.14 -24.29 54.01
CA PRO A 342 35.60 -25.36 54.90
C PRO A 342 34.42 -26.24 55.29
N LYS A 343 33.24 -25.61 55.41
CA LYS A 343 31.99 -26.29 55.71
C LYS A 343 31.60 -27.25 54.55
N PHE A 344 32.52 -27.45 53.62
CA PHE A 344 32.17 -28.05 52.33
C PHE A 344 33.31 -28.81 51.70
N ALA A 345 34.40 -29.07 52.44
CA ALA A 345 35.46 -29.88 51.86
C ALA A 345 34.89 -31.28 51.72
N GLY A 346 35.51 -32.11 50.90
CA GLY A 346 34.89 -33.38 50.55
C GLY A 346 33.53 -33.16 49.90
N PHE A 347 33.32 -31.96 49.36
CA PHE A 347 32.32 -31.71 48.33
C PHE A 347 32.87 -32.36 47.07
N PRO A 348 34.14 -32.07 46.74
CA PRO A 348 34.78 -32.77 45.60
C PRO A 348 34.51 -34.25 45.67
N ALA A 349 34.63 -34.85 46.86
CA ALA A 349 34.29 -36.26 47.06
C ALA A 349 32.88 -36.58 46.56
N LEU A 350 31.89 -35.83 47.07
CA LEU A 350 30.50 -35.97 46.65
C LEU A 350 30.31 -35.90 45.15
N ILE A 351 30.82 -34.83 44.54
CA ILE A 351 30.72 -34.67 43.09
C ILE A 351 31.11 -35.98 42.43
N ASN A 352 32.37 -36.35 42.58
CA ASN A 352 32.97 -37.49 41.90
C ASN A 352 32.23 -38.80 42.10
N ARG A 353 31.69 -38.97 43.31
CA ARG A 353 30.86 -40.12 43.63
C ARG A 353 29.55 -40.12 42.87
N MET A 354 28.83 -39.01 42.87
CA MET A 354 27.57 -38.91 42.12
C MET A 354 27.76 -39.02 40.61
N LYS A 355 28.72 -38.29 40.06
CA LYS A 355 28.99 -38.41 38.64
C LYS A 355 29.37 -39.84 38.27
N ALA A 356 29.83 -40.59 39.26
CA ALA A 356 30.21 -41.98 39.06
C ALA A 356 28.98 -42.88 38.92
N ASP A 357 27.93 -42.57 39.66
CA ASP A 357 26.67 -43.31 39.62
C ASP A 357 25.90 -43.00 38.32
N GLY A 358 26.38 -42.00 37.59
CA GLY A 358 25.73 -41.55 36.38
C GLY A 358 24.99 -40.21 36.49
N MET A 359 25.35 -39.42 37.51
CA MET A 359 24.73 -38.11 37.72
C MET A 359 25.57 -37.01 37.14
N ARG A 360 25.06 -35.79 37.22
CA ARG A 360 25.76 -34.62 36.72
C ARG A 360 25.57 -33.44 37.66
N VAL A 361 26.56 -32.56 37.69
CA VAL A 361 26.54 -31.47 38.65
C VAL A 361 26.73 -30.14 37.95
N ILE A 362 25.92 -29.14 38.34
CA ILE A 362 26.09 -27.77 37.85
C ILE A 362 26.42 -26.85 39.01
N LEU A 363 27.28 -25.87 38.76
CA LEU A 363 27.71 -24.94 39.81
C LEU A 363 27.39 -23.49 39.45
N ILE A 364 27.05 -22.70 40.45
CA ILE A 364 26.77 -21.27 40.27
C ILE A 364 28.03 -20.42 40.32
N LEU A 365 28.04 -19.32 39.57
CA LEU A 365 29.12 -18.36 39.65
C LEU A 365 28.55 -16.97 39.49
N ASP A 366 28.90 -16.06 40.38
CA ASP A 366 28.54 -14.67 40.17
C ASP A 366 29.69 -14.03 39.37
N PRO A 367 29.48 -12.81 38.84
CA PRO A 367 30.51 -12.04 38.14
C PRO A 367 31.35 -11.12 39.04
N ALA A 368 30.78 -10.62 40.12
CA ALA A 368 31.47 -9.66 40.98
C ALA A 368 32.60 -10.29 41.79
N ILE A 369 33.83 -9.83 41.58
CA ILE A 369 34.97 -10.36 42.33
C ILE A 369 35.36 -9.46 43.50
N SER A 370 35.59 -10.06 44.66
CA SER A 370 35.96 -9.32 45.88
C SER A 370 37.43 -8.85 45.88
N GLY A 371 37.66 -7.64 46.37
CA GLY A 371 39.02 -7.17 46.48
C GLY A 371 39.43 -6.70 47.87
N ASN A 372 38.64 -7.05 48.88
CA ASN A 372 38.90 -6.65 50.27
C ASN A 372 39.41 -7.88 51.08
N GLU A 373 40.00 -8.82 50.34
CA GLU A 373 40.44 -10.13 50.84
C GLU A 373 41.94 -10.16 51.19
N THR A 374 42.29 -10.68 52.39
CA THR A 374 43.67 -10.62 52.94
C THR A 374 44.60 -11.80 52.60
N GLN A 375 44.06 -13.02 52.62
CA GLN A 375 44.82 -14.18 52.19
C GLN A 375 45.11 -14.06 50.69
N PRO A 376 45.81 -15.02 50.10
CA PRO A 376 46.00 -14.90 48.65
C PRO A 376 44.73 -15.27 47.88
N TYR A 377 44.35 -14.45 46.91
CA TYR A 377 43.13 -14.71 46.15
C TYR A 377 43.41 -14.54 44.65
N PRO A 378 43.87 -15.60 43.99
CA PRO A 378 44.26 -15.52 42.57
C PRO A 378 43.20 -14.78 41.74
N ALA A 379 42.01 -15.35 41.63
CA ALA A 379 40.92 -14.71 40.89
C ALA A 379 41.02 -13.19 40.91
N PHE A 380 40.96 -12.56 42.09
CA PHE A 380 40.96 -11.10 42.13
C PHE A 380 42.28 -10.43 41.73
N THR A 381 43.37 -11.04 42.14
CA THR A 381 44.70 -10.52 41.86
C THR A 381 45.07 -10.59 40.39
N ARG A 382 45.03 -11.79 39.81
CA ARG A 382 45.35 -11.94 38.41
C ARG A 382 44.30 -11.19 37.58
N GLY A 383 43.21 -10.82 38.23
CA GLY A 383 42.18 -10.03 37.60
C GLY A 383 42.69 -8.61 37.41
N VAL A 384 43.35 -8.11 38.45
CA VAL A 384 43.91 -6.77 38.39
C VAL A 384 45.15 -6.72 37.50
N GLU A 385 45.94 -7.79 37.49
CA GLU A 385 47.11 -7.89 36.60
C GLU A 385 46.71 -7.85 35.12
N ASP A 386 45.88 -8.79 34.70
CA ASP A 386 45.36 -8.80 33.34
C ASP A 386 44.47 -7.58 33.04
N ASP A 387 44.18 -6.81 34.09
CA ASP A 387 43.34 -5.61 33.97
C ASP A 387 42.00 -5.89 33.33
N VAL A 388 41.19 -6.72 34.01
CA VAL A 388 39.95 -7.18 33.44
C VAL A 388 38.77 -6.56 34.13
N PHE A 389 39.02 -5.65 35.06
CA PHE A 389 37.90 -5.08 35.78
C PHE A 389 37.40 -3.80 35.17
N ILE A 390 36.16 -3.44 35.49
CA ILE A 390 35.54 -2.23 34.94
C ILE A 390 35.87 -1.06 35.86
N LYS A 391 36.31 0.05 35.26
CA LYS A 391 36.66 1.24 36.04
C LYS A 391 36.33 2.54 35.32
N TYR A 392 36.19 3.63 36.07
CA TYR A 392 35.84 4.94 35.52
C TYR A 392 36.73 5.40 34.38
N PRO A 393 36.25 6.37 33.58
CA PRO A 393 36.79 6.71 32.24
C PRO A 393 38.15 7.43 32.17
N ASN A 394 38.40 8.33 33.11
CA ASN A 394 39.66 9.06 33.13
C ASN A 394 40.72 8.32 33.92
N ASP A 395 41.06 7.13 33.45
CA ASP A 395 42.06 6.25 34.06
C ASP A 395 41.80 5.96 35.54
N GLY A 396 40.61 6.32 36.01
CA GLY A 396 40.23 6.15 37.39
C GLY A 396 40.32 4.73 37.90
N ASP A 397 40.13 4.56 39.21
CA ASP A 397 40.19 3.25 39.83
C ASP A 397 38.91 2.46 39.51
N ILE A 398 38.99 1.14 39.72
CA ILE A 398 37.85 0.23 39.67
C ILE A 398 36.57 0.84 40.22
N VAL A 399 35.43 0.49 39.60
CA VAL A 399 34.11 0.91 40.09
C VAL A 399 33.57 -0.14 41.06
N TRP A 400 33.63 0.17 42.35
CA TRP A 400 33.36 -0.80 43.41
C TRP A 400 31.90 -0.92 43.77
N GLY A 401 31.34 -2.11 43.63
CA GLY A 401 29.98 -2.35 44.08
C GLY A 401 29.98 -3.29 45.25
N LYS A 402 28.80 -3.80 45.62
CA LYS A 402 28.67 -4.80 46.67
C LYS A 402 27.65 -5.87 46.28
N VAL A 403 27.94 -7.12 46.63
CA VAL A 403 27.00 -8.22 46.41
C VAL A 403 27.24 -9.25 47.50
N TRP A 404 27.20 -10.53 47.14
CA TRP A 404 27.23 -11.61 48.14
C TRP A 404 28.45 -11.70 49.06
N PRO A 405 29.67 -11.55 48.50
CA PRO A 405 30.91 -11.80 49.23
C PRO A 405 31.04 -11.00 50.53
N ASP A 406 31.60 -11.61 51.58
CA ASP A 406 31.78 -10.95 52.87
C ASP A 406 33.22 -10.49 53.06
N PHE A 407 33.40 -9.54 53.96
CA PHE A 407 34.74 -9.09 54.34
C PHE A 407 35.39 -10.28 55.04
N PRO A 408 36.70 -10.22 55.28
CA PRO A 408 37.37 -11.44 55.70
C PRO A 408 37.28 -11.78 57.19
N ASP A 409 37.27 -10.80 58.07
CA ASP A 409 37.27 -11.11 59.51
C ASP A 409 35.94 -10.77 60.19
N VAL A 410 35.08 -10.07 59.46
CA VAL A 410 33.81 -9.61 60.01
C VAL A 410 32.93 -10.79 60.48
N VAL A 411 32.10 -10.56 61.49
CA VAL A 411 31.29 -11.63 62.08
C VAL A 411 29.84 -11.44 61.77
N VAL A 412 29.27 -12.33 60.97
CA VAL A 412 27.97 -12.02 60.36
C VAL A 412 26.74 -12.50 61.17
N ASN A 413 25.76 -11.61 61.24
CA ASN A 413 24.52 -11.82 62.00
C ASN A 413 23.35 -11.79 61.06
N GLY A 414 22.85 -12.96 60.67
CA GLY A 414 21.75 -13.03 59.72
C GLY A 414 20.57 -12.15 60.10
N SER A 415 20.36 -12.02 61.41
CA SER A 415 19.24 -11.27 61.97
C SER A 415 19.10 -9.81 61.52
N LEU A 416 20.17 -9.22 60.99
CA LEU A 416 20.26 -7.76 60.82
C LEU A 416 19.50 -7.16 59.64
N ASP A 417 19.17 -5.86 59.74
CA ASP A 417 18.54 -5.11 58.64
C ASP A 417 19.25 -5.51 57.35
N TRP A 418 18.52 -5.61 56.26
CA TRP A 418 19.20 -6.01 55.05
C TRP A 418 20.15 -4.91 54.57
N ASP A 419 19.82 -3.66 54.87
CA ASP A 419 20.75 -2.58 54.58
C ASP A 419 21.95 -2.68 55.50
N SER A 420 21.69 -2.73 56.81
CA SER A 420 22.75 -2.87 57.78
C SER A 420 23.80 -3.85 57.28
N GLN A 421 23.34 -5.01 56.80
CA GLN A 421 24.27 -6.04 56.32
C GLN A 421 25.13 -5.52 55.18
N VAL A 422 24.49 -4.89 54.20
CA VAL A 422 25.20 -4.48 53.00
C VAL A 422 26.33 -3.51 53.33
N GLU A 423 26.27 -2.91 54.52
CA GLU A 423 27.30 -1.97 54.90
C GLU A 423 28.38 -2.58 55.77
N LEU A 424 27.97 -3.34 56.77
CA LEU A 424 28.91 -3.87 57.74
C LEU A 424 29.64 -5.10 57.24
N TYR A 425 28.94 -5.96 56.48
CA TYR A 425 29.47 -7.29 56.12
C TYR A 425 29.95 -7.45 54.66
N ARG A 426 29.28 -6.79 53.72
CA ARG A 426 29.47 -7.11 52.32
C ARG A 426 30.70 -6.48 51.70
N ALA A 427 31.61 -7.31 51.24
CA ALA A 427 32.90 -6.84 50.70
C ALA A 427 32.72 -6.00 49.45
N TYR A 428 33.70 -5.14 49.19
CA TYR A 428 33.77 -4.41 47.91
C TYR A 428 34.09 -5.40 46.79
N VAL A 429 33.44 -5.24 45.64
CA VAL A 429 33.61 -6.19 44.53
C VAL A 429 33.84 -5.47 43.21
N ALA A 430 34.65 -6.07 42.35
CA ALA A 430 34.93 -5.46 41.06
C ALA A 430 34.07 -6.16 40.05
N PHE A 431 33.73 -5.50 38.96
CA PHE A 431 32.91 -6.13 37.91
C PHE A 431 33.69 -6.37 36.61
N PRO A 432 34.01 -7.64 36.31
CA PRO A 432 34.79 -7.91 35.09
C PRO A 432 34.06 -7.44 33.84
N ASP A 433 34.78 -6.82 32.90
CA ASP A 433 34.19 -6.39 31.63
C ASP A 433 34.32 -7.49 30.60
N PHE A 434 33.24 -8.22 30.35
CA PHE A 434 33.34 -9.45 29.57
C PHE A 434 33.47 -9.25 28.04
N PHE A 435 33.54 -8.00 27.60
CA PHE A 435 33.76 -7.75 26.18
C PHE A 435 35.22 -8.02 25.81
N ARG A 436 36.11 -7.76 26.75
CA ARG A 436 37.54 -7.75 26.50
C ARG A 436 38.09 -9.13 26.22
N ASN A 437 38.83 -9.28 25.11
CA ASN A 437 39.54 -10.54 24.82
C ASN A 437 40.36 -10.94 26.04
N SER A 438 40.77 -9.95 26.82
CA SER A 438 41.57 -10.18 28.03
C SER A 438 40.77 -10.83 29.17
N THR A 439 39.52 -10.41 29.36
CA THR A 439 38.66 -10.97 30.41
C THR A 439 38.21 -12.39 30.07
N ALA A 440 38.23 -12.71 28.78
CA ALA A 440 38.04 -14.07 28.36
C ALA A 440 39.08 -15.04 28.95
N LYS A 441 40.39 -14.74 28.81
CA LYS A 441 41.46 -15.62 29.30
C LYS A 441 41.33 -15.83 30.79
N TRP A 442 41.25 -14.71 31.50
CA TRP A 442 41.08 -14.70 32.94
C TRP A 442 39.96 -15.61 33.38
N TRP A 443 38.76 -15.36 32.86
CA TRP A 443 37.57 -16.14 33.17
C TRP A 443 37.76 -17.61 32.80
N LYS A 444 38.18 -17.90 31.58
CA LYS A 444 38.37 -19.29 31.19
C LYS A 444 39.41 -19.96 32.07
N ARG A 445 40.32 -19.17 32.63
CA ARG A 445 41.40 -19.70 33.43
C ARG A 445 40.98 -19.97 34.86
N GLU A 446 40.13 -19.12 35.39
CA GLU A 446 39.58 -19.32 36.73
C GLU A 446 38.69 -20.55 36.72
N ILE A 447 37.79 -20.62 35.74
CA ILE A 447 36.96 -21.79 35.49
C ILE A 447 37.87 -23.01 35.33
N GLU A 448 38.94 -22.85 34.59
CA GLU A 448 39.90 -23.92 34.37
C GLU A 448 40.36 -24.49 35.69
N GLU A 449 40.98 -23.64 36.52
CA GLU A 449 41.55 -24.09 37.78
C GLU A 449 40.50 -24.37 38.84
N LEU A 450 39.24 -24.41 38.46
CA LEU A 450 38.20 -24.87 39.37
C LEU A 450 38.09 -26.36 39.15
N TYR A 451 38.31 -26.76 37.91
CA TYR A 451 38.14 -28.12 37.45
C TYR A 451 39.39 -28.91 37.73
N ASN A 452 40.52 -28.26 37.51
CA ASN A 452 41.82 -28.87 37.74
C ASN A 452 42.61 -27.97 38.65
N ASN A 453 42.38 -28.14 39.96
CA ASN A 453 43.01 -27.31 40.97
C ASN A 453 44.51 -27.54 40.93
N PRO A 454 45.28 -26.50 40.59
CA PRO A 454 46.72 -26.63 40.39
C PRO A 454 47.40 -27.00 41.69
N GLN A 455 47.00 -26.33 42.77
CA GLN A 455 47.60 -26.57 44.07
C GLN A 455 47.04 -27.84 44.67
N ASN A 456 45.76 -27.83 45.01
CA ASN A 456 45.18 -28.95 45.74
C ASN A 456 44.30 -29.86 44.88
N PRO A 457 44.90 -30.76 44.08
CA PRO A 457 44.09 -31.61 43.21
C PRO A 457 43.01 -32.42 43.95
N GLU A 458 43.01 -32.38 45.27
CA GLU A 458 41.99 -33.07 46.06
C GLU A 458 40.79 -32.15 46.35
N ARG A 459 40.93 -30.89 45.98
CA ARG A 459 39.85 -29.93 46.14
C ARG A 459 39.36 -29.41 44.77
N SER A 460 39.46 -30.26 43.75
CA SER A 460 38.95 -29.94 42.41
C SER A 460 37.48 -30.28 42.28
N LEU A 461 36.68 -29.31 41.83
CA LEU A 461 35.27 -29.57 41.57
C LEU A 461 35.04 -29.92 40.11
N LYS A 462 34.46 -31.09 39.87
CA LYS A 462 34.32 -31.59 38.52
C LYS A 462 32.92 -31.30 38.00
N PHE A 463 32.64 -30.04 37.73
CA PHE A 463 31.30 -29.64 37.28
C PHE A 463 31.02 -30.09 35.84
N ASP A 464 29.74 -30.11 35.46
CA ASP A 464 29.35 -30.50 34.12
C ASP A 464 28.80 -29.33 33.30
N GLY A 465 28.20 -28.37 34.02
CA GLY A 465 27.66 -27.17 33.42
C GLY A 465 27.70 -26.02 34.41
N MET A 466 27.72 -24.81 33.88
CA MET A 466 27.87 -23.62 34.69
C MET A 466 26.60 -22.76 34.70
N TRP A 467 26.27 -22.22 35.87
CA TRP A 467 25.07 -21.43 36.05
C TRP A 467 25.48 -20.01 36.42
N ILE A 468 25.69 -19.14 35.44
CA ILE A 468 26.02 -17.76 35.76
C ILE A 468 24.76 -17.03 36.15
N ASP A 469 24.86 -16.20 37.19
CA ASP A 469 23.70 -15.59 37.81
C ASP A 469 24.08 -14.19 38.26
N MET A 470 23.14 -13.45 38.84
CA MET A 470 23.44 -12.16 39.41
C MET A 470 24.17 -11.21 38.43
N ASN A 471 24.01 -11.46 37.13
CA ASN A 471 24.78 -10.77 36.10
C ASN A 471 23.98 -9.82 35.22
N GLU A 472 23.36 -8.82 35.82
CA GLU A 472 22.59 -7.87 35.02
C GLU A 472 23.37 -6.63 34.54
N PRO A 473 24.41 -6.17 35.29
CA PRO A 473 25.01 -6.71 36.50
C PRO A 473 24.32 -6.17 37.73
N SER A 474 24.00 -7.04 38.67
CA SER A 474 23.32 -6.64 39.90
C SER A 474 24.33 -6.25 40.96
N SER A 475 24.11 -5.08 41.54
CA SER A 475 24.89 -4.63 42.70
C SER A 475 23.91 -4.24 43.79
N PHE A 476 24.32 -4.41 45.04
CA PHE A 476 23.46 -4.14 46.19
C PHE A 476 23.55 -2.67 46.61
N VAL A 477 24.25 -1.87 45.82
CA VAL A 477 24.31 -0.43 46.07
C VAL A 477 24.08 0.35 44.78
N ASN A 478 23.13 1.28 44.84
CA ASN A 478 22.75 2.04 43.66
C ASN A 478 23.95 2.83 43.13
N GLY A 479 24.60 2.29 42.11
CA GLY A 479 25.63 3.01 41.41
C GLY A 479 27.01 2.46 41.65
N ALA A 480 27.65 3.01 42.68
CA ALA A 480 28.93 2.50 43.16
C ALA A 480 29.11 2.94 44.61
N VAL A 481 30.19 2.48 45.22
CA VAL A 481 30.17 2.24 46.64
C VAL A 481 30.00 3.45 47.59
N SER A 482 30.96 4.36 47.66
CA SER A 482 31.06 5.21 48.87
C SER A 482 30.44 6.60 48.76
N PRO A 483 31.13 7.52 48.08
CA PRO A 483 30.45 8.79 47.79
C PRO A 483 29.34 8.48 46.78
N GLY A 484 29.70 7.69 45.78
CA GLY A 484 28.77 7.28 44.77
C GLY A 484 29.34 7.46 43.38
N CYS A 485 28.60 8.22 42.56
CA CYS A 485 28.87 8.26 41.13
C CYS A 485 29.50 9.53 40.55
N ARG A 486 28.72 10.61 40.48
CA ARG A 486 29.08 11.88 39.80
C ARG A 486 28.78 11.92 38.28
N ASP A 487 27.49 12.02 37.92
CA ASP A 487 27.12 12.23 36.51
C ASP A 487 25.62 12.50 36.20
N ALA A 488 25.34 12.77 34.93
CA ALA A 488 23.99 12.98 34.44
C ALA A 488 23.71 11.98 33.33
N SER A 489 24.74 11.22 32.97
CA SER A 489 24.58 10.04 32.13
C SER A 489 23.85 9.02 32.97
N LEU A 490 23.70 9.33 34.26
CA LEU A 490 23.35 8.33 35.26
C LEU A 490 21.94 8.54 35.80
N ASN A 491 21.75 9.60 36.57
CA ASN A 491 20.42 9.96 36.99
C ASN A 491 19.86 10.86 35.91
N HIS A 492 18.57 11.18 36.02
CA HIS A 492 17.85 11.94 34.99
C HIS A 492 18.62 11.95 33.67
N PRO A 493 19.01 10.76 33.15
CA PRO A 493 19.32 10.90 31.73
C PRO A 493 18.06 11.52 31.15
N PRO A 494 18.18 12.68 30.49
CA PRO A 494 17.08 13.58 30.10
C PRO A 494 15.68 12.93 30.14
N TYR A 495 15.56 11.72 29.60
CA TYR A 495 14.33 10.95 29.77
C TYR A 495 14.59 9.66 30.54
N MET A 496 13.95 9.53 31.71
CA MET A 496 14.12 8.35 32.54
C MET A 496 12.99 7.39 32.25
N PRO A 497 13.27 6.32 31.47
CA PRO A 497 12.21 5.38 31.09
C PRO A 497 11.34 4.95 32.27
N HIS A 498 10.27 4.20 32.01
CA HIS A 498 9.35 3.83 33.08
C HIS A 498 9.84 2.53 33.72
N LEU A 499 10.94 2.61 34.44
CA LEU A 499 11.49 1.44 35.12
C LEU A 499 11.00 1.42 36.57
N GLU A 500 11.41 0.38 37.29
CA GLU A 500 11.17 0.30 38.70
C GLU A 500 12.11 1.26 39.42
N SER A 501 11.71 1.74 40.58
CA SER A 501 12.48 2.77 41.29
C SER A 501 12.88 3.90 40.35
N ARG A 502 11.90 4.49 39.66
CA ARG A 502 12.23 5.48 38.64
C ARG A 502 13.05 6.62 39.23
N ASP A 503 12.76 6.94 40.49
CA ASP A 503 13.38 8.10 41.14
C ASP A 503 14.87 7.91 41.40
N ARG A 504 15.33 6.67 41.24
CA ARG A 504 16.71 6.35 41.53
C ARG A 504 17.62 6.38 40.29
N GLY A 505 17.08 6.73 39.14
CA GLY A 505 17.90 6.81 37.94
C GLY A 505 18.34 5.43 37.51
N LEU A 506 19.14 5.35 36.45
CA LEU A 506 19.61 4.07 35.92
C LEU A 506 20.65 3.40 36.85
N SER A 507 21.33 4.21 37.67
CA SER A 507 22.29 3.74 38.65
C SER A 507 21.70 2.62 39.51
N SER A 508 20.39 2.69 39.79
CA SER A 508 19.72 1.77 40.70
C SER A 508 20.19 0.31 40.59
N LYS A 509 20.47 -0.29 41.74
CA LYS A 509 20.82 -1.71 41.84
C LYS A 509 21.73 -2.22 40.72
N THR A 510 22.71 -1.39 40.35
CA THR A 510 23.70 -1.77 39.37
C THR A 510 24.86 -0.77 39.25
N LEU A 511 25.61 -0.87 38.16
CA LEU A 511 26.84 -0.11 37.98
C LEU A 511 26.61 1.34 37.58
N CYS A 512 27.65 2.15 37.76
CA CYS A 512 27.66 3.53 37.26
C CYS A 512 27.55 3.61 35.74
N MET A 513 26.60 4.40 35.26
CA MET A 513 26.33 4.51 33.83
C MET A 513 27.54 5.02 33.05
N GLU A 514 28.42 5.74 33.74
CA GLU A 514 29.59 6.34 33.10
C GLU A 514 30.73 5.33 33.05
N SER A 515 30.56 4.22 33.77
CA SER A 515 31.60 3.19 33.86
C SER A 515 32.07 2.78 32.50
N GLN A 516 33.39 2.80 32.29
CA GLN A 516 33.96 2.51 30.98
C GLN A 516 33.95 1.02 30.75
N GLN A 517 33.63 0.60 29.54
CA GLN A 517 33.86 -0.77 29.10
C GLN A 517 34.56 -0.65 27.74
N ILE A 518 35.15 -1.75 27.27
CA ILE A 518 35.87 -1.73 26.01
C ILE A 518 35.43 -2.83 25.08
N LEU A 519 34.88 -2.47 23.92
CA LEU A 519 34.33 -3.48 23.02
C LEU A 519 35.43 -4.45 22.61
N PRO A 520 35.08 -5.53 21.93
CA PRO A 520 36.13 -6.47 21.53
C PRO A 520 37.06 -5.84 20.49
N ASP A 521 36.53 -5.02 19.59
CA ASP A 521 37.38 -4.36 18.58
C ASP A 521 38.44 -3.45 19.21
N GLY A 522 38.20 -2.99 20.44
CA GLY A 522 39.14 -2.12 21.13
C GLY A 522 38.61 -0.72 21.39
N SER A 523 37.47 -0.34 20.81
CA SER A 523 36.93 1.00 21.03
C SER A 523 36.30 1.15 22.40
N LEU A 524 36.08 2.39 22.82
CA LEU A 524 35.61 2.69 24.16
C LEU A 524 34.11 2.97 24.27
N VAL A 525 33.43 2.25 25.15
CA VAL A 525 32.00 2.41 25.29
C VAL A 525 31.62 2.59 26.75
N GLN A 526 30.62 3.42 27.01
CA GLN A 526 30.20 3.63 28.39
C GLN A 526 29.06 2.71 28.81
N HIS A 527 28.98 2.45 30.10
CA HIS A 527 28.06 1.45 30.57
C HIS A 527 26.64 1.81 30.19
N TYR A 528 26.37 3.10 30.06
CA TYR A 528 25.08 3.60 29.57
C TYR A 528 24.51 2.83 28.35
N ASN A 529 25.37 2.59 27.36
CA ASN A 529 24.93 1.94 26.13
C ASN A 529 25.05 0.41 26.08
N VAL A 530 25.78 -0.18 27.03
CA VAL A 530 25.95 -1.64 27.03
C VAL A 530 25.46 -2.37 28.28
N HIS A 531 24.81 -1.68 29.19
CA HIS A 531 24.31 -2.33 30.40
C HIS A 531 23.38 -3.52 30.10
N ASN A 532 22.35 -3.31 29.28
CA ASN A 532 21.44 -4.40 28.90
C ASN A 532 22.20 -5.53 28.25
N LEU A 533 23.43 -5.22 27.84
CA LEU A 533 24.25 -6.15 27.12
C LEU A 533 25.18 -7.00 28.00
N TYR A 534 25.21 -6.73 29.31
CA TYR A 534 26.26 -7.25 30.18
C TYR A 534 26.31 -8.77 30.34
N GLY A 535 25.23 -9.32 30.89
CA GLY A 535 25.14 -10.76 31.08
C GLY A 535 25.29 -11.49 29.76
N TRP A 536 24.82 -10.86 28.68
CA TRP A 536 25.05 -11.39 27.35
C TRP A 536 26.54 -11.40 27.02
N SER A 537 27.25 -10.31 27.35
CA SER A 537 28.69 -10.21 27.08
C SER A 537 29.47 -11.34 27.73
N GLN A 538 28.90 -11.89 28.79
CA GLN A 538 29.52 -12.90 29.64
C GLN A 538 29.11 -14.31 29.26
N THR A 539 28.05 -14.45 28.45
CA THR A 539 27.50 -15.77 28.15
C THR A 539 28.43 -16.65 27.28
N ARG A 540 28.85 -16.17 26.11
CA ARG A 540 29.69 -17.00 25.25
C ARG A 540 31.02 -17.45 25.87
N PRO A 541 31.75 -16.54 26.54
CA PRO A 541 33.01 -16.99 27.17
C PRO A 541 32.80 -18.10 28.23
N THR A 542 31.76 -17.97 29.07
CA THR A 542 31.35 -19.03 29.98
C THR A 542 31.01 -20.35 29.29
N TYR A 543 30.22 -20.29 28.22
CA TYR A 543 29.86 -21.48 27.46
C TYR A 543 31.12 -22.12 26.93
N GLU A 544 32.04 -21.30 26.43
CA GLU A 544 33.31 -21.80 25.94
C GLU A 544 34.20 -22.33 27.08
N ALA A 545 34.21 -21.67 28.23
CA ALA A 545 34.98 -22.17 29.35
C ALA A 545 34.62 -23.62 29.70
N VAL A 546 33.33 -23.89 29.91
CA VAL A 546 32.86 -25.24 30.23
C VAL A 546 33.19 -26.23 29.09
N GLN A 547 33.11 -25.75 27.86
CA GLN A 547 33.44 -26.59 26.71
C GLN A 547 34.88 -27.09 26.79
N GLU A 548 35.82 -26.15 26.75
CA GLU A 548 37.25 -26.46 26.76
C GLU A 548 37.65 -27.31 27.97
N VAL A 549 37.24 -26.87 29.15
CA VAL A 549 37.66 -27.53 30.38
C VAL A 549 37.06 -28.92 30.60
N THR A 550 35.85 -29.15 30.11
CA THR A 550 35.21 -30.46 30.32
C THR A 550 35.35 -31.36 29.10
N GLY A 551 35.91 -30.82 28.03
CA GLY A 551 36.05 -31.57 26.80
C GLY A 551 34.71 -31.96 26.21
N GLN A 552 33.65 -31.57 26.90
CA GLN A 552 32.31 -31.92 26.46
C GLN A 552 31.47 -30.72 26.06
N ARG A 553 30.18 -30.99 25.81
CA ARG A 553 29.23 -30.01 25.29
C ARG A 553 28.79 -29.04 26.39
N GLY A 554 28.39 -29.60 27.52
CA GLY A 554 28.07 -28.79 28.67
C GLY A 554 26.80 -28.03 28.45
N VAL A 555 26.42 -27.24 29.45
CA VAL A 555 25.25 -26.36 29.34
C VAL A 555 25.49 -25.11 30.17
N VAL A 556 24.95 -23.97 29.75
CA VAL A 556 25.02 -22.75 30.56
C VAL A 556 23.62 -22.19 30.81
N ILE A 557 23.30 -21.93 32.07
CA ILE A 557 22.05 -21.26 32.43
C ILE A 557 22.45 -19.84 32.80
N THR A 558 21.82 -18.82 32.23
CA THR A 558 22.18 -17.44 32.60
C THR A 558 20.96 -16.64 32.98
N ARG A 559 21.10 -15.68 33.88
CA ARG A 559 19.94 -14.86 34.24
C ARG A 559 19.63 -13.73 33.26
N SER A 560 20.59 -12.84 33.03
CA SER A 560 20.37 -11.72 32.11
C SER A 560 20.56 -12.15 30.66
N THR A 561 19.58 -11.85 29.83
CA THR A 561 19.61 -12.19 28.41
C THR A 561 19.46 -10.96 27.54
N PHE A 562 19.89 -11.09 26.29
CA PHE A 562 19.60 -10.09 25.26
C PHE A 562 19.36 -10.88 23.97
N PRO A 563 18.78 -10.26 22.92
CA PRO A 563 18.59 -11.15 21.78
C PRO A 563 19.88 -11.75 21.25
N SER A 564 19.85 -13.07 21.03
CA SER A 564 20.97 -13.94 20.62
C SER A 564 21.67 -14.56 21.82
N SER A 565 21.37 -14.01 23.01
CA SER A 565 21.82 -14.58 24.27
C SER A 565 21.63 -16.09 24.29
N GLY A 566 20.52 -16.60 23.78
CA GLY A 566 20.26 -18.03 23.78
C GLY A 566 21.04 -18.90 22.80
N ARG A 567 21.92 -18.29 22.03
CA ARG A 567 22.73 -19.02 21.08
C ARG A 567 23.78 -19.92 21.78
N TRP A 568 24.01 -19.67 23.08
CA TRP A 568 25.09 -20.29 23.86
C TRP A 568 24.55 -20.80 25.19
N ALA A 569 23.42 -20.23 25.61
CA ALA A 569 22.86 -20.49 26.92
C ALA A 569 21.40 -20.91 26.91
N GLY A 570 20.90 -21.23 28.09
CA GLY A 570 19.49 -21.41 28.31
C GLY A 570 19.17 -20.35 29.33
N HIS A 571 17.99 -20.41 29.96
CA HIS A 571 17.60 -19.40 30.93
C HIS A 571 16.49 -19.88 31.83
N TRP A 572 16.57 -19.56 33.11
CA TRP A 572 15.50 -19.88 34.04
C TRP A 572 14.80 -18.56 34.32
N LEU A 573 13.61 -18.59 34.91
CA LEU A 573 12.77 -17.39 34.89
C LEU A 573 12.91 -16.55 36.15
N GLY A 574 13.92 -16.89 36.94
CA GLY A 574 14.30 -16.03 38.05
C GLY A 574 13.59 -16.27 39.37
N ASP A 575 13.76 -15.30 40.26
CA ASP A 575 13.33 -15.38 41.64
C ASP A 575 11.80 -15.27 41.87
N ASN A 576 11.07 -16.28 41.41
CA ASN A 576 9.63 -16.32 41.62
C ASN A 576 9.28 -16.56 43.09
N THR A 577 8.04 -16.32 43.49
CA THR A 577 7.54 -16.67 44.82
C THR A 577 6.69 -17.94 44.77
N ALA A 578 6.63 -18.69 45.86
CA ALA A 578 5.76 -19.85 45.93
C ALA A 578 4.32 -19.41 46.11
N ALA A 579 3.68 -19.06 45.00
CA ALA A 579 2.30 -18.57 44.98
C ALA A 579 1.55 -19.11 43.76
N TRP A 580 0.24 -19.21 43.87
CA TRP A 580 -0.52 -19.92 42.85
C TRP A 580 -0.49 -19.27 41.47
N ASP A 581 -0.44 -17.94 41.43
CA ASP A 581 -0.40 -17.27 40.13
C ASP A 581 0.87 -17.66 39.41
N GLN A 582 1.91 -17.97 40.17
CA GLN A 582 3.22 -18.17 39.58
C GLN A 582 3.29 -19.38 38.67
N LEU A 583 2.38 -20.34 38.85
CA LEU A 583 2.33 -21.46 37.91
C LEU A 583 2.01 -20.97 36.50
N LYS A 584 0.88 -20.30 36.33
CA LYS A 584 0.47 -19.83 35.01
C LYS A 584 1.55 -19.00 34.31
N LYS A 585 2.25 -18.14 35.06
CA LYS A 585 3.26 -17.26 34.47
C LYS A 585 4.43 -18.03 33.88
N SER A 586 4.81 -19.12 34.52
CA SER A 586 5.93 -19.92 34.04
C SER A 586 5.68 -20.44 32.62
N ILE A 587 4.40 -20.71 32.31
CA ILE A 587 3.99 -21.11 30.97
C ILE A 587 4.19 -19.92 30.03
N ILE A 588 3.54 -18.80 30.37
CA ILE A 588 3.72 -17.56 29.63
C ILE A 588 5.20 -17.31 29.38
N GLY A 589 5.98 -17.24 30.46
CA GLY A 589 7.40 -16.95 30.39
C GLY A 589 8.17 -17.84 29.43
N MET A 590 7.96 -19.14 29.55
CA MET A 590 8.58 -20.09 28.65
C MET A 590 8.24 -19.79 27.20
N MET A 591 6.96 -19.61 26.90
CA MET A 591 6.52 -19.39 25.53
C MET A 591 7.16 -18.14 24.96
N GLU A 592 7.10 -17.04 25.70
CA GLU A 592 7.74 -15.79 25.29
C GLU A 592 9.23 -16.01 24.98
N PHE A 593 9.91 -16.83 25.78
CA PHE A 593 11.30 -17.07 25.48
C PHE A 593 11.51 -17.93 24.24
N SER A 594 10.60 -18.87 23.97
CA SER A 594 10.61 -19.59 22.70
C SER A 594 10.65 -18.57 21.59
N LEU A 595 9.81 -17.55 21.70
CA LEU A 595 9.82 -16.46 20.74
C LEU A 595 11.17 -15.75 20.71
N PHE A 596 11.73 -15.47 21.88
CA PHE A 596 12.97 -14.68 21.96
C PHE A 596 14.21 -15.42 21.47
N GLY A 597 14.07 -16.72 21.17
CA GLY A 597 15.13 -17.49 20.57
C GLY A 597 15.94 -18.27 21.60
N ILE A 598 15.26 -18.61 22.70
CA ILE A 598 15.86 -19.29 23.83
C ILE A 598 14.95 -20.45 24.20
N SER A 599 15.34 -21.64 23.79
CA SER A 599 14.55 -22.87 23.93
C SER A 599 14.73 -23.63 25.24
N TYR A 600 15.90 -23.58 25.87
CA TYR A 600 16.15 -24.25 27.16
C TYR A 600 15.75 -23.38 28.38
N THR A 601 14.48 -23.40 28.76
CA THR A 601 14.00 -22.49 29.80
C THR A 601 13.09 -23.18 30.78
N GLY A 602 12.80 -22.54 31.92
CA GLY A 602 11.86 -23.08 32.88
C GLY A 602 11.76 -22.16 34.07
N ALA A 603 10.98 -22.55 35.08
CA ALA A 603 10.90 -21.79 36.33
C ALA A 603 11.43 -22.56 37.53
N ASP A 604 11.34 -21.97 38.72
CA ASP A 604 11.83 -22.64 39.92
C ASP A 604 10.70 -23.45 40.55
N ILE A 605 10.64 -24.72 40.17
CA ILE A 605 9.56 -25.61 40.54
C ILE A 605 9.29 -25.61 42.03
N CYS A 606 8.08 -25.24 42.39
CA CYS A 606 7.57 -25.15 43.78
C CYS A 606 7.79 -23.78 44.36
N GLY A 607 8.58 -22.97 43.68
CA GLY A 607 8.68 -21.56 44.00
C GLY A 607 9.88 -21.25 44.83
N PHE A 608 10.70 -20.32 44.33
CA PHE A 608 11.90 -19.89 45.03
C PHE A 608 11.55 -19.24 46.37
N PHE A 609 11.20 -17.97 46.32
CA PHE A 609 10.82 -17.23 47.51
C PHE A 609 9.67 -17.85 48.31
N GLN A 610 9.82 -17.86 49.63
CA GLN A 610 8.77 -18.32 50.54
C GLN A 610 8.58 -19.84 50.64
N ASP A 611 7.87 -20.24 51.70
CA ASP A 611 7.63 -21.64 52.01
C ASP A 611 6.65 -22.31 51.05
N ALA A 612 7.01 -23.49 50.57
CA ALA A 612 6.13 -24.23 49.68
C ALA A 612 4.89 -24.69 50.44
N GLU A 613 3.75 -24.82 49.74
CA GLU A 613 2.59 -25.51 50.31
C GLU A 613 2.49 -26.86 49.65
N TYR A 614 2.03 -27.86 50.39
CA TYR A 614 1.96 -29.22 49.86
C TYR A 614 1.22 -29.25 48.53
N GLU A 615 -0.03 -28.77 48.47
CA GLU A 615 -0.78 -28.92 47.23
C GLU A 615 -0.15 -28.19 46.04
N MET A 616 0.06 -26.88 46.20
CA MET A 616 0.71 -26.06 45.17
C MET A 616 1.95 -26.75 44.64
N CYS A 617 2.73 -27.29 45.57
CA CYS A 617 3.99 -27.90 45.22
C CYS A 617 3.77 -29.22 44.49
N VAL A 618 2.67 -29.91 44.76
CA VAL A 618 2.34 -31.10 43.99
C VAL A 618 2.09 -30.67 42.56
N ARG A 619 1.14 -29.75 42.41
CA ARG A 619 0.78 -29.20 41.10
C ARG A 619 2.00 -28.74 40.30
N TRP A 620 2.99 -28.19 41.01
CA TRP A 620 4.11 -27.53 40.35
C TRP A 620 5.12 -28.55 39.86
N MET A 621 5.33 -29.59 40.66
CA MET A 621 6.12 -30.72 40.20
C MET A 621 5.48 -31.34 38.96
N GLN A 622 4.15 -31.31 38.90
CA GLN A 622 3.45 -31.86 37.75
C GLN A 622 3.68 -31.01 36.52
N LEU A 623 3.32 -29.73 36.58
CA LEU A 623 3.51 -28.83 35.44
C LEU A 623 4.98 -28.80 35.02
N GLY A 624 5.82 -28.48 36.00
CA GLY A 624 7.26 -28.32 35.80
C GLY A 624 8.01 -29.56 35.36
N ALA A 625 7.42 -30.72 35.56
CA ALA A 625 8.00 -31.94 35.04
C ALA A 625 8.01 -31.88 33.53
N PHE A 626 7.49 -30.78 32.99
CA PHE A 626 7.42 -30.60 31.55
C PHE A 626 8.04 -29.30 31.02
N TYR A 627 8.80 -28.62 31.88
CA TYR A 627 9.72 -27.59 31.44
C TYR A 627 10.93 -28.24 30.76
N PRO A 628 11.39 -27.70 29.64
CA PRO A 628 12.64 -28.18 29.05
C PRO A 628 13.78 -28.09 30.03
N PHE A 629 13.61 -27.28 31.08
CA PHE A 629 14.62 -27.06 32.12
C PHE A 629 13.90 -27.25 33.43
N SER A 630 13.91 -28.48 33.92
CA SER A 630 13.02 -28.83 35.02
C SER A 630 13.76 -28.86 36.33
N ARG A 631 13.82 -27.74 37.03
CA ARG A 631 14.60 -27.70 38.26
C ARG A 631 13.79 -27.23 39.44
N ASN A 632 14.10 -27.77 40.61
CA ASN A 632 13.41 -27.42 41.84
C ASN A 632 14.33 -26.63 42.73
N HIS A 633 14.25 -25.31 42.63
CA HIS A 633 15.13 -24.42 43.36
C HIS A 633 14.31 -23.75 44.45
N ASN A 634 14.99 -23.08 45.38
CA ASN A 634 14.34 -22.57 46.57
C ASN A 634 15.27 -21.61 47.28
N THR A 635 14.72 -20.59 47.94
CA THR A 635 15.58 -19.62 48.60
C THR A 635 16.10 -20.11 49.96
N ILE A 636 16.71 -19.21 50.71
CA ILE A 636 17.55 -19.59 51.85
C ILE A 636 16.81 -20.03 53.12
N GLY A 637 16.04 -19.13 53.73
CA GLY A 637 15.43 -19.41 55.03
C GLY A 637 14.31 -20.44 54.99
N THR A 638 13.49 -20.37 53.94
CA THR A 638 12.32 -21.22 53.74
C THR A 638 12.56 -22.68 54.10
N ARG A 639 11.49 -23.39 54.41
CA ARG A 639 11.57 -24.83 54.61
C ARG A 639 11.86 -25.54 53.28
N ARG A 640 12.52 -26.69 53.36
CA ARG A 640 12.85 -27.43 52.14
C ARG A 640 11.60 -27.88 51.42
N GLN A 641 11.70 -28.04 50.11
CA GLN A 641 10.54 -28.29 49.28
C GLN A 641 10.84 -29.25 48.14
N ASP A 642 11.90 -30.04 48.28
CA ASP A 642 12.23 -31.03 47.28
C ASP A 642 11.25 -32.19 47.40
N PRO A 643 11.26 -33.10 46.43
CA PRO A 643 10.33 -34.24 46.40
C PRO A 643 10.39 -35.16 47.63
N VAL A 644 11.54 -35.31 48.24
CA VAL A 644 11.62 -36.21 49.39
C VAL A 644 11.58 -35.49 50.71
N SER A 645 10.86 -34.38 50.79
CA SER A 645 10.76 -33.65 52.06
C SER A 645 9.32 -33.41 52.44
N TRP A 646 8.44 -34.24 51.89
CA TRP A 646 7.01 -34.11 52.14
C TRP A 646 6.47 -35.34 52.83
N ASP A 647 5.93 -36.26 52.05
CA ASP A 647 5.48 -37.53 52.61
C ASP A 647 5.42 -38.63 51.54
N VAL A 648 5.09 -39.84 51.97
CA VAL A 648 5.08 -40.98 51.07
C VAL A 648 4.19 -40.68 49.89
N ALA A 649 3.08 -39.99 50.15
CA ALA A 649 2.13 -39.63 49.11
C ALA A 649 2.83 -38.84 48.01
N PHE A 650 3.50 -37.77 48.43
CA PHE A 650 4.23 -36.91 47.51
C PHE A 650 5.31 -37.70 46.80
N VAL A 651 6.21 -38.31 47.55
CA VAL A 651 7.26 -39.10 46.94
C VAL A 651 6.67 -39.95 45.85
N ASN A 652 5.58 -40.63 46.17
CA ASN A 652 4.98 -41.60 45.23
C ASN A 652 4.53 -40.88 43.96
N ILE A 653 3.84 -39.76 44.10
CA ILE A 653 3.40 -38.94 42.96
C ILE A 653 4.54 -38.42 42.08
N SER A 654 5.54 -37.81 42.70
CA SER A 654 6.69 -37.29 41.98
C SER A 654 7.37 -38.37 41.13
N ARG A 655 7.33 -39.61 41.61
CA ARG A 655 7.88 -40.74 40.86
C ARG A 655 7.15 -40.91 39.55
N THR A 656 5.81 -40.93 39.61
CA THR A 656 5.00 -41.18 38.44
C THR A 656 5.21 -40.14 37.34
N VAL A 657 5.15 -38.86 37.72
CA VAL A 657 5.25 -37.76 36.75
C VAL A 657 6.65 -37.62 36.15
N LEU A 658 7.68 -37.66 36.99
CA LEU A 658 9.07 -37.65 36.52
C LEU A 658 9.36 -38.85 35.64
N GLN A 659 8.66 -39.96 35.87
CA GLN A 659 8.80 -41.12 35.01
C GLN A 659 8.25 -40.76 33.65
N THR A 660 7.04 -40.22 33.63
CA THR A 660 6.42 -39.84 32.36
C THR A 660 7.40 -38.99 31.56
N ARG A 661 8.00 -38.00 32.22
CA ARG A 661 8.93 -37.12 31.52
C ARG A 661 10.11 -37.87 30.93
N TYR A 662 10.66 -38.79 31.70
CA TYR A 662 11.87 -39.49 31.29
C TYR A 662 11.57 -40.40 30.11
N THR A 663 10.29 -40.47 29.77
CA THR A 663 9.80 -41.25 28.66
C THR A 663 9.82 -40.41 27.42
N LEU A 664 9.37 -39.16 27.55
CA LEU A 664 9.36 -38.20 26.46
C LEU A 664 10.76 -37.86 25.97
N LEU A 665 11.75 -38.11 26.81
CA LEU A 665 13.13 -37.69 26.56
C LEU A 665 13.66 -37.78 25.12
N PRO A 666 13.48 -38.91 24.42
CA PRO A 666 14.05 -38.96 23.07
C PRO A 666 13.35 -38.02 22.10
N TYR A 667 12.07 -37.76 22.38
CA TYR A 667 11.29 -36.81 21.61
C TYR A 667 11.74 -35.40 21.95
N LEU A 668 11.82 -35.13 23.26
CA LEU A 668 12.26 -33.83 23.75
C LEU A 668 13.64 -33.51 23.23
N TYR A 669 14.53 -34.48 23.26
CA TYR A 669 15.88 -34.29 22.72
C TYR A 669 15.87 -33.96 21.22
N THR A 670 15.03 -34.62 20.42
CA THR A 670 15.00 -34.22 19.01
C THR A 670 14.38 -32.83 18.80
N LEU A 671 13.35 -32.48 19.58
CA LEU A 671 12.82 -31.10 19.53
C LEU A 671 13.93 -30.09 19.76
N MET A 672 14.80 -30.39 20.71
CA MET A 672 15.99 -29.59 20.97
C MET A 672 16.90 -29.59 19.75
N HIS A 673 17.07 -30.75 19.12
CA HIS A 673 17.81 -30.82 17.88
C HIS A 673 17.19 -30.00 16.74
N LYS A 674 15.88 -30.07 16.58
CA LYS A 674 15.20 -29.36 15.51
C LYS A 674 15.28 -27.87 15.77
N ALA A 675 15.15 -27.50 17.03
CA ALA A 675 15.19 -26.10 17.40
C ALA A 675 16.56 -25.49 17.10
N HIS A 676 17.62 -26.26 17.33
CA HIS A 676 18.97 -25.74 17.10
C HIS A 676 19.27 -25.63 15.61
N THR A 677 18.71 -26.53 14.82
CA THR A 677 19.09 -26.64 13.41
C THR A 677 18.10 -26.00 12.46
N GLU A 678 16.86 -25.86 12.90
CA GLU A 678 15.79 -25.35 12.05
C GLU A 678 15.23 -24.01 12.54
N GLY A 679 15.37 -23.74 13.82
CA GLY A 679 14.89 -22.48 14.36
C GLY A 679 13.52 -22.60 15.00
N VAL A 680 12.77 -23.60 14.55
CA VAL A 680 11.50 -24.00 15.16
C VAL A 680 11.46 -23.90 16.70
N THR A 681 10.26 -23.95 17.29
CA THR A 681 10.10 -23.77 18.74
C THR A 681 10.09 -25.09 19.51
N VAL A 682 10.23 -25.01 20.83
CA VAL A 682 10.15 -26.18 21.70
C VAL A 682 8.92 -26.14 22.59
N VAL A 683 8.93 -25.35 23.66
CA VAL A 683 7.65 -25.02 24.28
C VAL A 683 6.91 -24.15 23.28
N ARG A 684 5.85 -24.69 22.71
CA ARG A 684 5.17 -24.07 21.57
C ARG A 684 3.72 -23.82 21.92
N PRO A 685 3.29 -22.54 21.89
CA PRO A 685 1.94 -22.06 22.16
C PRO A 685 0.98 -22.75 21.23
N LEU A 686 -0.26 -22.96 21.67
CA LEU A 686 -1.23 -23.66 20.84
C LEU A 686 -1.47 -22.91 19.54
N LEU A 687 -1.60 -21.59 19.63
CA LEU A 687 -1.88 -20.80 18.46
C LEU A 687 -0.85 -21.02 17.35
N HIS A 688 0.30 -21.59 17.67
CA HIS A 688 1.36 -21.75 16.65
C HIS A 688 1.06 -22.87 15.67
N GLU A 689 0.30 -23.86 16.12
CA GLU A 689 0.00 -25.03 15.31
C GLU A 689 -1.44 -25.02 14.79
N PHE A 690 -2.28 -24.17 15.38
CA PHE A 690 -3.69 -24.10 15.02
C PHE A 690 -4.15 -22.65 14.83
N VAL A 691 -3.44 -21.90 13.97
CA VAL A 691 -3.64 -20.46 13.88
C VAL A 691 -5.04 -20.07 13.45
N SER A 692 -5.62 -20.87 12.57
CA SER A 692 -6.94 -20.59 12.00
C SER A 692 -8.02 -20.69 13.06
N ASP A 693 -7.67 -21.33 14.18
CA ASP A 693 -8.60 -21.42 15.30
C ASP A 693 -8.37 -20.27 16.27
N GLN A 694 -9.23 -19.27 16.21
CA GLN A 694 -9.02 -18.03 16.94
C GLN A 694 -9.28 -18.22 18.42
N VAL A 695 -9.73 -19.42 18.80
CA VAL A 695 -9.86 -19.70 20.22
C VAL A 695 -8.47 -19.82 20.88
N THR A 696 -7.51 -20.34 20.10
CA THR A 696 -6.16 -20.57 20.57
C THR A 696 -5.32 -19.29 20.68
N TRP A 697 -5.72 -18.24 19.96
CA TRP A 697 -5.02 -16.96 20.01
C TRP A 697 -4.94 -16.44 21.44
N ASP A 698 -5.76 -16.98 22.31
CA ASP A 698 -5.94 -16.39 23.62
C ASP A 698 -5.71 -17.34 24.76
N ILE A 699 -5.48 -18.62 24.45
CA ILE A 699 -5.26 -19.60 25.52
C ILE A 699 -3.77 -19.65 25.88
N ASP A 700 -3.50 -19.43 27.16
CA ASP A 700 -2.15 -19.33 27.71
C ASP A 700 -2.02 -20.17 28.97
N SER A 701 -2.90 -21.15 29.12
CA SER A 701 -2.97 -21.92 30.34
C SER A 701 -2.65 -23.36 30.00
N GLN A 702 -2.12 -23.57 28.81
CA GLN A 702 -1.69 -24.90 28.37
C GLN A 702 -0.81 -24.76 27.14
N PHE A 703 0.14 -25.66 26.98
CA PHE A 703 1.11 -25.50 25.92
C PHE A 703 1.45 -26.82 25.28
N LEU A 704 2.16 -26.74 24.16
CA LEU A 704 2.63 -27.91 23.47
C LEU A 704 4.11 -28.07 23.75
N LEU A 705 4.64 -29.28 23.57
CA LEU A 705 6.07 -29.46 23.44
C LEU A 705 6.24 -29.95 22.02
N GLY A 706 6.89 -29.14 21.18
CA GLY A 706 6.91 -29.44 19.76
C GLY A 706 5.47 -29.48 19.31
N PRO A 707 5.20 -30.12 18.17
CA PRO A 707 3.83 -30.11 17.63
C PRO A 707 2.90 -31.14 18.26
N ALA A 708 3.42 -32.28 18.68
CA ALA A 708 2.58 -33.42 19.01
C ALA A 708 2.09 -33.52 20.47
N PHE A 709 2.79 -32.90 21.41
CA PHE A 709 2.51 -33.17 22.81
C PHE A 709 1.80 -32.02 23.51
N LEU A 710 0.57 -32.24 23.94
CA LEU A 710 -0.24 -31.18 24.55
C LEU A 710 -0.42 -31.33 26.05
N VAL A 711 0.19 -30.43 26.80
CA VAL A 711 0.17 -30.49 28.26
C VAL A 711 -0.91 -29.58 28.78
N SER A 712 -1.83 -30.12 29.57
CA SER A 712 -2.98 -29.35 30.01
C SER A 712 -3.03 -29.38 31.52
N PRO A 713 -2.29 -28.46 32.15
CA PRO A 713 -1.98 -28.42 33.58
C PRO A 713 -3.13 -27.95 34.43
N VAL A 714 -3.11 -28.34 35.70
CA VAL A 714 -4.02 -27.83 36.70
C VAL A 714 -3.32 -26.70 37.45
N LEU A 715 -3.82 -25.48 37.35
CA LEU A 715 -3.09 -24.36 37.92
C LEU A 715 -3.89 -23.66 39.00
N GLU A 716 -4.95 -24.29 39.48
CA GLU A 716 -5.78 -23.72 40.56
C GLU A 716 -5.65 -24.57 41.81
N ARG A 717 -5.92 -23.99 42.98
CA ARG A 717 -5.70 -24.67 44.25
C ARG A 717 -6.59 -25.90 44.44
N ASN A 718 -7.70 -25.73 45.13
CA ASN A 718 -8.55 -26.86 45.50
C ASN A 718 -9.06 -27.69 44.32
N ALA A 719 -8.93 -27.17 43.11
CA ALA A 719 -9.52 -27.81 41.94
C ALA A 719 -8.97 -29.20 41.74
N ARG A 720 -9.85 -30.15 41.46
CA ARG A 720 -9.43 -31.51 41.10
C ARG A 720 -10.04 -31.96 39.76
N ASN A 721 -10.32 -30.98 38.90
CA ASN A 721 -10.74 -31.18 37.51
C ASN A 721 -10.27 -29.98 36.68
N VAL A 722 -10.10 -30.13 35.37
CA VAL A 722 -9.63 -29.00 34.56
C VAL A 722 -10.33 -28.86 33.22
N THR A 723 -10.91 -27.68 32.98
CA THR A 723 -11.42 -27.38 31.66
C THR A 723 -10.22 -26.95 30.80
N ALA A 724 -10.15 -27.49 29.58
CA ALA A 724 -9.01 -27.27 28.71
C ALA A 724 -9.48 -27.34 27.28
N TYR A 725 -8.90 -26.53 26.41
CA TYR A 725 -9.31 -26.50 25.02
C TYR A 725 -8.62 -27.61 24.25
N PHE A 726 -9.35 -28.23 23.34
CA PHE A 726 -8.80 -29.23 22.43
C PHE A 726 -9.15 -28.86 21.00
N PRO A 727 -8.15 -28.40 20.23
CA PRO A 727 -8.32 -27.97 18.84
C PRO A 727 -8.82 -29.08 17.90
N ARG A 728 -9.15 -28.72 16.67
CA ARG A 728 -9.65 -29.68 15.68
C ARG A 728 -8.54 -30.63 15.23
N ALA A 729 -8.44 -31.76 15.93
CA ALA A 729 -7.53 -32.84 15.55
C ALA A 729 -7.67 -33.93 16.60
N ARG A 730 -6.92 -35.02 16.49
CA ARG A 730 -7.07 -36.13 17.45
C ARG A 730 -6.16 -36.04 18.69
N TRP A 731 -6.74 -36.17 19.87
CA TRP A 731 -5.98 -36.03 21.12
C TRP A 731 -5.97 -37.29 21.98
N TYR A 732 -5.10 -38.24 21.65
CA TYR A 732 -4.96 -39.46 22.43
C TYR A 732 -4.34 -39.23 23.81
N ASP A 733 -5.07 -39.58 24.87
CA ASP A 733 -4.56 -39.49 26.24
C ASP A 733 -3.27 -40.30 26.45
N TYR A 734 -2.17 -39.62 26.75
CA TYR A 734 -0.82 -40.22 26.77
C TYR A 734 -0.71 -41.48 27.59
N TYR A 735 -1.53 -41.58 28.65
CA TYR A 735 -1.45 -42.69 29.58
C TYR A 735 -2.10 -43.98 29.05
N THR A 736 -3.34 -43.84 28.55
CA THR A 736 -4.20 -44.98 28.20
C THR A 736 -4.27 -45.34 26.71
N GLY A 737 -4.16 -44.35 25.84
CA GLY A 737 -4.13 -44.59 24.42
C GLY A 737 -5.45 -44.24 23.76
N VAL A 738 -6.42 -43.81 24.56
CA VAL A 738 -7.74 -43.48 24.02
C VAL A 738 -7.86 -42.03 23.55
N ASP A 739 -8.38 -41.84 22.34
CA ASP A 739 -8.73 -40.50 21.86
C ASP A 739 -9.78 -39.88 22.79
N ILE A 740 -9.49 -38.71 23.33
CA ILE A 740 -10.44 -37.99 24.18
C ILE A 740 -11.74 -37.83 23.40
N ASN A 741 -11.64 -37.23 22.21
CA ASN A 741 -12.71 -37.08 21.22
C ASN A 741 -13.40 -35.73 21.32
N ALA A 742 -12.61 -34.69 21.48
CA ALA A 742 -13.13 -33.35 21.36
C ALA A 742 -12.49 -32.80 20.11
N ARG A 743 -13.20 -31.96 19.37
CA ARG A 743 -12.58 -31.31 18.24
C ARG A 743 -13.02 -29.87 18.30
N GLY A 744 -12.04 -28.98 18.42
CA GLY A 744 -12.30 -27.56 18.61
C GLY A 744 -13.30 -27.36 19.72
N GLU A 745 -13.05 -28.00 20.85
CA GLU A 745 -14.00 -28.04 21.96
C GLU A 745 -13.41 -27.85 23.31
N TRP A 746 -14.19 -27.27 24.21
CA TRP A 746 -13.78 -27.20 25.60
C TRP A 746 -14.31 -28.39 26.36
N LYS A 747 -13.43 -29.29 26.78
CA LYS A 747 -13.81 -30.31 27.73
C LYS A 747 -13.44 -29.93 29.13
N THR A 748 -14.02 -30.65 30.07
CA THR A 748 -13.57 -30.63 31.45
C THR A 748 -13.16 -32.04 31.85
N LEU A 749 -11.90 -32.35 31.60
CA LEU A 749 -11.34 -33.65 31.94
C LEU A 749 -11.18 -33.76 33.45
N PRO A 750 -11.13 -35.00 33.97
CA PRO A 750 -10.92 -35.26 35.39
C PRO A 750 -9.44 -35.15 35.72
N ALA A 751 -9.11 -34.50 36.84
CA ALA A 751 -7.73 -34.33 37.25
C ALA A 751 -7.53 -34.53 38.75
N PRO A 752 -7.30 -35.78 39.16
CA PRO A 752 -6.97 -36.08 40.56
C PRO A 752 -5.73 -35.31 41.02
N LEU A 753 -5.43 -35.36 42.30
CA LEU A 753 -4.23 -34.70 42.83
C LEU A 753 -2.98 -35.44 42.41
N ASP A 754 -3.15 -36.63 41.84
CA ASP A 754 -2.01 -37.44 41.38
C ASP A 754 -1.87 -37.51 39.85
N HIS A 755 -2.62 -36.66 39.14
CA HIS A 755 -2.71 -36.74 37.69
C HIS A 755 -2.48 -35.39 37.02
N ILE A 756 -1.88 -35.42 35.83
CA ILE A 756 -1.84 -34.24 34.96
C ILE A 756 -2.04 -34.70 33.51
N ASN A 757 -3.09 -34.18 32.86
CA ASN A 757 -3.47 -34.70 31.55
C ASN A 757 -2.48 -34.37 30.44
N LEU A 758 -1.97 -35.39 29.78
CA LEU A 758 -1.13 -35.18 28.62
C LEU A 758 -1.84 -35.84 27.44
N HIS A 759 -1.65 -35.31 26.24
CA HIS A 759 -2.30 -35.89 25.07
C HIS A 759 -1.42 -35.81 23.83
N VAL A 760 -1.52 -36.80 22.96
CA VAL A 760 -0.72 -36.81 21.74
C VAL A 760 -1.50 -36.56 20.46
N ARG A 761 -1.13 -35.51 19.74
CA ARG A 761 -1.76 -35.09 18.49
C ARG A 761 -1.73 -36.19 17.41
N GLY A 762 -2.91 -36.66 17.03
CA GLY A 762 -3.02 -37.62 15.96
C GLY A 762 -2.28 -37.12 14.74
N GLY A 763 -1.45 -37.98 14.16
CA GLY A 763 -0.71 -37.63 12.98
C GLY A 763 0.77 -37.64 13.25
N TYR A 764 1.11 -37.86 14.51
CA TYR A 764 2.50 -37.79 14.95
C TYR A 764 2.92 -39.07 15.66
N ILE A 765 4.17 -39.49 15.46
CA ILE A 765 4.74 -40.62 16.21
C ILE A 765 5.95 -40.23 17.06
N LEU A 766 5.87 -40.57 18.34
CA LEU A 766 6.81 -40.14 19.35
C LEU A 766 7.79 -41.25 19.72
N PRO A 767 9.10 -41.03 19.53
CA PRO A 767 10.01 -41.99 20.15
C PRO A 767 9.91 -41.84 21.64
N TRP A 768 9.97 -42.93 22.39
CA TRP A 768 9.89 -42.87 23.84
C TRP A 768 10.80 -43.94 24.46
N GLN A 769 11.46 -43.61 25.57
CA GLN A 769 12.34 -44.56 26.23
C GLN A 769 11.90 -44.89 27.65
N GLU A 770 12.33 -46.04 28.13
CA GLU A 770 11.98 -46.49 29.47
C GLU A 770 12.69 -45.63 30.50
N PRO A 771 11.96 -45.22 31.55
CA PRO A 771 12.53 -44.36 32.60
C PRO A 771 13.55 -45.05 33.50
N ALA A 772 14.70 -44.41 33.73
CA ALA A 772 15.68 -44.88 34.71
C ALA A 772 15.81 -43.89 35.86
N LEU A 773 16.79 -44.11 36.72
CA LEU A 773 17.02 -43.19 37.83
C LEU A 773 17.89 -42.03 37.36
N ASN A 774 18.29 -42.10 36.10
CA ASN A 774 19.08 -41.06 35.48
C ASN A 774 19.39 -41.41 34.04
N THR A 775 19.58 -40.39 33.20
CA THR A 775 19.76 -40.60 31.76
C THR A 775 20.81 -41.63 31.42
N HIS A 776 21.77 -41.82 32.33
CA HIS A 776 22.88 -42.74 32.11
C HIS A 776 22.42 -44.19 32.05
N LEU A 777 21.54 -44.57 32.97
CA LEU A 777 20.91 -45.87 32.95
C LEU A 777 19.79 -45.93 31.91
N SER A 778 19.11 -44.80 31.74
CA SER A 778 17.98 -44.69 30.85
C SER A 778 18.34 -44.98 29.39
N ARG A 779 19.37 -44.32 28.86
CA ARG A 779 19.79 -44.49 27.46
C ARG A 779 20.16 -45.92 27.09
N GLN A 780 20.33 -46.76 28.09
CA GLN A 780 20.69 -48.15 27.84
C GLN A 780 19.45 -49.00 27.60
N LYS A 781 18.37 -48.67 28.31
CA LYS A 781 17.10 -49.40 28.24
C LYS A 781 16.43 -49.41 26.86
N PHE A 782 15.18 -49.86 26.85
CA PHE A 782 14.44 -50.12 25.62
C PHE A 782 13.77 -48.89 25.01
N MET A 783 14.03 -48.69 23.72
CA MET A 783 13.45 -47.62 22.94
C MET A 783 12.10 -48.05 22.42
N GLY A 784 11.07 -47.27 22.69
CA GLY A 784 9.74 -47.58 22.20
C GLY A 784 9.31 -46.75 21.01
N PHE A 785 8.05 -46.92 20.61
CA PHE A 785 7.39 -46.01 19.66
C PHE A 785 5.97 -45.78 20.14
N LYS A 786 5.38 -44.68 19.73
CA LYS A 786 3.98 -44.44 20.02
C LYS A 786 3.40 -43.80 18.78
N ILE A 787 2.78 -44.62 17.95
CA ILE A 787 2.20 -44.16 16.71
C ILE A 787 0.76 -43.70 16.95
N ALA A 788 0.57 -42.38 16.97
CA ALA A 788 -0.76 -41.81 17.13
C ALA A 788 -1.29 -41.49 15.75
N LEU A 789 -2.05 -42.42 15.20
CA LEU A 789 -2.67 -42.21 13.90
C LEU A 789 -3.72 -41.13 14.06
N ASP A 790 -4.14 -40.54 12.96
CA ASP A 790 -5.34 -39.73 12.98
C ASP A 790 -6.25 -40.01 11.80
N ASP A 791 -7.54 -40.07 12.08
CA ASP A 791 -8.56 -39.99 11.05
C ASP A 791 -8.23 -38.70 10.33
N GLU A 792 -7.75 -37.75 11.14
CA GLU A 792 -7.39 -36.39 10.73
C GLU A 792 -6.10 -36.29 9.87
N GLY A 793 -5.06 -37.04 10.24
CA GLY A 793 -3.87 -37.27 9.43
C GLY A 793 -3.40 -38.65 9.83
N THR A 794 -2.62 -39.36 9.00
CA THR A 794 -2.20 -40.71 9.42
C THR A 794 -1.10 -40.73 10.47
N ALA A 795 0.17 -40.51 10.08
CA ALA A 795 1.25 -40.43 11.07
C ALA A 795 2.64 -40.11 10.52
N GLY A 796 3.29 -39.13 11.15
CA GLY A 796 4.67 -38.77 10.86
C GLY A 796 5.48 -38.67 12.16
N GLY A 797 6.81 -38.57 12.05
CA GLY A 797 7.64 -38.47 13.23
C GLY A 797 9.14 -38.47 12.96
N TRP A 798 9.93 -38.01 13.93
CA TRP A 798 11.39 -37.99 13.80
C TRP A 798 12.05 -38.45 15.08
N LEU A 799 13.24 -39.04 14.94
CA LEU A 799 14.14 -39.31 16.06
C LEU A 799 15.56 -38.89 15.69
N PHE A 800 16.26 -38.34 16.67
CA PHE A 800 17.66 -37.98 16.50
C PHE A 800 18.44 -38.54 17.66
N TRP A 801 19.36 -39.49 17.40
CA TRP A 801 20.25 -40.02 18.45
C TRP A 801 21.72 -39.73 18.27
N ASP A 802 22.36 -39.60 19.42
CA ASP A 802 23.61 -38.88 19.57
C ASP A 802 24.33 -39.43 20.80
N ASP A 803 25.65 -39.32 20.87
CA ASP A 803 26.34 -39.74 22.10
C ASP A 803 25.85 -38.87 23.26
N GLY A 804 25.01 -37.91 22.92
CA GLY A 804 24.29 -37.11 23.90
C GLY A 804 25.14 -36.24 24.78
N GLN A 805 26.33 -35.88 24.31
CA GLN A 805 27.25 -35.09 25.12
C GLN A 805 28.52 -34.59 24.41
N SER A 806 28.74 -34.95 23.16
CA SER A 806 29.91 -34.46 22.44
C SER A 806 29.63 -33.10 21.82
N ILE A 807 30.68 -32.43 21.36
CA ILE A 807 30.59 -31.07 20.81
C ILE A 807 30.25 -31.15 19.32
N ASP A 808 29.21 -30.41 18.92
CA ASP A 808 28.87 -30.29 17.50
C ASP A 808 28.72 -31.63 16.81
N THR A 809 28.10 -32.59 17.49
CA THR A 809 27.93 -33.91 16.94
C THR A 809 27.35 -33.86 15.54
N TYR A 810 26.18 -33.25 15.40
CA TYR A 810 25.54 -33.11 14.10
C TYR A 810 26.48 -32.49 13.06
N GLY A 811 26.94 -31.27 13.34
CA GLY A 811 27.78 -30.52 12.43
C GLY A 811 29.10 -31.16 12.03
N LYS A 812 29.45 -32.27 12.67
CA LYS A 812 30.61 -33.04 12.26
C LYS A 812 30.46 -34.53 12.55
N GLY A 813 29.60 -35.19 11.77
CA GLY A 813 29.68 -36.64 11.60
C GLY A 813 28.88 -37.58 12.47
N LEU A 814 29.19 -37.61 13.76
CA LEU A 814 28.70 -38.69 14.61
C LEU A 814 27.31 -38.46 15.23
N TYR A 815 26.28 -38.75 14.44
CA TYR A 815 24.88 -38.65 14.87
C TYR A 815 23.97 -39.59 14.09
N TYR A 816 22.71 -39.69 14.51
CA TYR A 816 21.75 -40.53 13.82
C TYR A 816 20.41 -39.83 13.71
N LEU A 817 19.86 -39.79 12.49
CA LEU A 817 18.63 -39.05 12.19
C LEU A 817 17.72 -39.87 11.29
N ALA A 818 16.50 -40.10 11.74
CA ALA A 818 15.56 -40.93 11.01
C ALA A 818 14.13 -40.37 11.02
N SER A 819 13.48 -40.36 9.86
CA SER A 819 12.07 -39.98 9.80
C SER A 819 11.23 -41.24 9.78
N PHE A 820 9.99 -41.12 10.23
CA PHE A 820 9.08 -42.26 10.38
C PHE A 820 7.68 -41.92 9.87
N SER A 821 7.15 -42.76 8.99
CA SER A 821 5.83 -42.51 8.42
C SER A 821 4.91 -43.73 8.48
N ALA A 822 3.70 -43.54 9.01
CA ALA A 822 2.68 -44.58 8.99
C ALA A 822 1.53 -44.18 8.06
N SER A 823 1.41 -44.89 6.94
CA SER A 823 0.38 -44.61 5.93
C SER A 823 -0.85 -45.51 6.05
N GLN A 824 -0.72 -46.76 5.59
CA GLN A 824 -1.84 -47.68 5.59
C GLN A 824 -1.55 -48.94 6.38
N ASN A 825 -1.93 -48.92 7.65
CA ASN A 825 -1.77 -50.05 8.56
C ASN A 825 -0.32 -50.45 8.83
N THR A 826 0.60 -49.93 8.02
CA THR A 826 2.03 -50.23 8.12
C THR A 826 2.91 -48.99 8.29
N MET A 827 3.78 -49.02 9.29
CA MET A 827 4.70 -47.93 9.56
C MET A 827 6.12 -48.28 9.10
N GLN A 828 6.78 -47.33 8.42
CA GLN A 828 8.09 -47.57 7.82
C GLN A 828 9.17 -46.75 8.53
N SER A 829 10.42 -46.88 8.09
CA SER A 829 11.53 -46.19 8.74
C SER A 829 12.62 -45.76 7.77
N HIS A 830 12.71 -44.46 7.53
CA HIS A 830 13.67 -43.91 6.59
C HIS A 830 14.84 -43.31 7.37
N ILE A 831 15.97 -44.03 7.42
CA ILE A 831 17.17 -43.53 8.08
C ILE A 831 17.84 -42.52 7.17
N ILE A 832 17.85 -41.25 7.58
CA ILE A 832 18.39 -40.17 6.72
C ILE A 832 19.91 -40.16 6.68
N PHE A 833 20.52 -40.45 7.83
CA PHE A 833 21.98 -40.47 7.99
C PHE A 833 22.32 -41.22 9.27
N ASN A 834 23.18 -42.23 9.19
CA ASN A 834 23.57 -42.96 10.38
C ASN A 834 25.08 -43.05 10.59
N ASN A 835 25.53 -42.95 11.83
CA ASN A 835 26.95 -42.83 12.11
C ASN A 835 27.25 -43.00 13.59
N TYR A 836 26.24 -43.36 14.37
CA TYR A 836 26.43 -43.58 15.80
C TYR A 836 25.88 -44.95 16.22
N ILE A 837 24.82 -45.39 15.55
CA ILE A 837 24.21 -46.68 15.88
C ILE A 837 24.65 -47.78 14.92
N THR A 838 25.72 -48.48 15.29
CA THR A 838 26.25 -49.57 14.48
C THR A 838 25.91 -50.91 15.11
N GLY A 839 26.19 -52.00 14.40
CA GLY A 839 25.95 -53.32 14.94
C GLY A 839 26.62 -53.43 16.29
N THR A 840 27.90 -53.09 16.33
CA THR A 840 28.70 -53.14 17.55
C THR A 840 28.15 -52.19 18.61
N ASN A 841 27.39 -51.17 18.16
CA ASN A 841 26.78 -50.17 19.06
C ASN A 841 25.27 -50.08 18.85
N PRO A 842 24.51 -50.78 19.70
CA PRO A 842 23.10 -51.03 19.46
C PRO A 842 22.17 -50.12 20.26
N LEU A 843 20.99 -49.86 19.71
CA LEU A 843 19.94 -49.14 20.43
C LEU A 843 18.73 -50.06 20.59
N LYS A 844 18.59 -50.66 21.78
CA LYS A 844 17.54 -51.62 22.04
C LYS A 844 16.18 -51.06 21.63
N LEU A 845 15.45 -51.77 20.76
CA LEU A 845 14.06 -51.39 20.43
C LEU A 845 13.07 -52.28 21.15
N GLY A 846 12.47 -51.77 22.22
CA GLY A 846 11.50 -52.49 23.00
C GLY A 846 10.13 -52.54 22.37
N TYR A 847 9.18 -51.78 22.91
CA TYR A 847 7.78 -51.90 22.51
C TYR A 847 7.39 -51.02 21.31
N ILE A 848 6.14 -51.14 20.86
CA ILE A 848 5.64 -50.37 19.74
C ILE A 848 4.13 -50.18 19.82
N GLU A 849 3.64 -49.37 20.76
CA GLU A 849 2.20 -49.12 20.86
C GLU A 849 1.70 -48.45 19.59
N ILE A 850 0.39 -48.43 19.38
CA ILE A 850 -0.22 -47.80 18.21
C ILE A 850 -1.68 -47.57 18.50
N TRP A 851 -2.11 -46.30 18.53
CA TRP A 851 -3.49 -45.97 18.86
C TRP A 851 -4.27 -45.55 17.62
N GLY A 852 -5.59 -45.75 17.65
CA GLY A 852 -6.47 -45.37 16.55
C GLY A 852 -6.38 -46.23 15.30
N VAL A 853 -6.46 -47.56 15.47
CA VAL A 853 -6.24 -48.50 14.37
C VAL A 853 -7.54 -48.95 13.69
N GLY A 854 -8.67 -48.57 14.28
CA GLY A 854 -9.96 -49.02 13.79
C GLY A 854 -10.57 -50.04 14.74
N SER A 855 -11.89 -50.21 14.69
CA SER A 855 -12.57 -51.15 15.58
C SER A 855 -12.51 -52.57 15.04
N VAL A 856 -11.99 -52.72 13.82
CA VAL A 856 -11.82 -54.03 13.20
C VAL A 856 -10.48 -54.66 13.57
N PRO A 857 -10.52 -55.75 14.35
CA PRO A 857 -9.29 -56.40 14.84
C PRO A 857 -8.48 -57.07 13.72
N VAL A 858 -9.03 -57.08 12.51
CA VAL A 858 -8.42 -57.73 11.35
C VAL A 858 -7.33 -56.91 10.68
N THR A 859 -6.12 -57.45 10.73
CA THR A 859 -4.99 -56.88 10.03
C THR A 859 -4.96 -57.50 8.64
N SER A 860 -4.56 -56.70 7.65
CA SER A 860 -4.29 -57.23 6.33
C SER A 860 -2.87 -57.81 6.35
N VAL A 861 -2.14 -57.47 7.41
CA VAL A 861 -0.78 -57.96 7.69
C VAL A 861 -0.39 -57.58 9.13
N SER A 862 0.17 -58.55 9.87
CA SER A 862 0.29 -58.48 11.34
C SER A 862 1.73 -58.56 11.95
N ILE A 863 2.76 -58.39 11.12
CA ILE A 863 4.12 -58.74 11.52
C ILE A 863 5.25 -57.90 10.88
N SER A 864 6.30 -57.64 11.66
CA SER A 864 7.40 -56.69 11.32
C SER A 864 8.65 -57.25 10.60
N VAL A 865 9.46 -56.32 10.08
CA VAL A 865 10.59 -56.65 9.23
C VAL A 865 11.87 -56.11 9.83
N SER A 866 13.01 -56.52 9.29
CA SER A 866 14.33 -56.06 9.73
C SER A 866 15.28 -56.18 8.55
N GLY A 867 14.71 -56.63 7.43
CA GLY A 867 15.46 -57.26 6.36
C GLY A 867 14.97 -58.69 6.30
N MET A 868 14.73 -59.28 7.48
CA MET A 868 14.07 -60.58 7.63
C MET A 868 12.73 -60.38 8.34
N VAL A 869 11.67 -60.98 7.81
CA VAL A 869 10.33 -60.79 8.37
C VAL A 869 10.09 -61.70 9.60
N ILE A 870 9.21 -61.28 10.52
CA ILE A 870 8.84 -62.09 11.68
C ILE A 870 7.45 -61.73 12.20
N THR A 871 6.72 -62.72 12.73
CA THR A 871 5.37 -62.49 13.25
C THR A 871 5.24 -62.65 14.77
N PRO A 872 5.47 -61.55 15.54
CA PRO A 872 5.39 -61.60 17.00
C PRO A 872 3.96 -61.52 17.51
N SER A 873 3.75 -61.79 18.79
CA SER A 873 2.42 -61.74 19.39
C SER A 873 2.08 -60.32 19.84
N PHE A 874 0.79 -60.03 19.97
CA PHE A 874 0.30 -58.68 20.22
C PHE A 874 -1.05 -58.61 20.93
N ASN A 875 -1.26 -57.58 21.74
CA ASN A 875 -2.56 -57.33 22.37
C ASN A 875 -3.31 -56.22 21.65
N ASN A 876 -4.46 -56.55 21.04
CA ASN A 876 -5.33 -55.55 20.47
C ASN A 876 -6.68 -55.54 21.18
N ASP A 877 -7.04 -54.41 21.77
CA ASP A 877 -8.40 -54.21 22.24
C ASP A 877 -9.14 -53.36 21.19
N PRO A 878 -10.26 -53.85 20.64
CA PRO A 878 -10.99 -53.10 19.62
C PRO A 878 -11.72 -51.88 20.19
N THR A 879 -12.22 -52.01 21.41
CA THR A 879 -12.87 -50.90 22.13
C THR A 879 -11.98 -49.66 22.18
N THR A 880 -10.80 -49.81 22.78
CA THR A 880 -9.79 -48.76 22.87
C THR A 880 -8.72 -49.04 21.82
N GLN A 881 -8.75 -48.29 20.72
CA GLN A 881 -7.95 -48.58 19.53
C GLN A 881 -6.54 -49.17 19.71
N VAL A 882 -5.99 -49.14 20.92
CA VAL A 882 -4.61 -49.60 21.18
C VAL A 882 -4.19 -50.85 20.40
N LEU A 883 -2.91 -50.95 20.07
CA LEU A 883 -2.35 -52.17 19.49
C LEU A 883 -0.94 -52.43 20.00
N SER A 884 -0.81 -52.92 21.23
CA SER A 884 0.50 -53.12 21.83
C SER A 884 1.27 -54.29 21.20
N ILE A 885 2.59 -54.18 21.11
CA ILE A 885 3.39 -55.15 20.37
C ILE A 885 4.80 -55.34 20.96
N ASP A 886 4.89 -55.97 22.13
CA ASP A 886 6.16 -56.20 22.82
C ASP A 886 7.20 -56.89 21.91
N VAL A 887 8.47 -56.52 22.05
CA VAL A 887 9.54 -57.04 21.19
C VAL A 887 10.88 -57.16 21.94
N THR A 888 10.83 -57.18 23.27
CA THR A 888 12.06 -57.30 24.06
C THR A 888 12.79 -58.62 23.73
N ASP A 889 12.04 -59.58 23.23
CA ASP A 889 12.51 -60.95 23.01
C ASP A 889 13.44 -61.09 21.80
N ARG A 890 13.31 -60.18 20.83
CA ARG A 890 14.05 -60.25 19.57
C ARG A 890 15.47 -59.68 19.69
N ASN A 891 16.12 -59.48 18.55
CA ASN A 891 17.41 -58.79 18.50
C ASN A 891 17.23 -57.60 17.58
N ILE A 892 16.16 -56.85 17.85
CA ILE A 892 15.76 -55.67 17.07
C ILE A 892 16.37 -54.37 17.59
N SER A 893 17.17 -53.73 16.75
CA SER A 893 17.78 -52.46 17.11
C SER A 893 17.33 -51.39 16.12
N LEU A 894 17.63 -50.13 16.43
CA LEU A 894 17.07 -49.02 15.66
C LEU A 894 17.70 -48.87 14.28
N HIS A 895 18.88 -49.46 14.10
CA HIS A 895 19.59 -49.29 12.83
C HIS A 895 19.27 -50.35 11.79
N ASN A 896 18.58 -51.42 12.21
CA ASN A 896 18.30 -52.54 11.31
C ASN A 896 16.80 -52.82 11.11
N PHE A 897 15.96 -51.90 11.58
CA PHE A 897 14.50 -52.08 11.60
C PHE A 897 13.76 -51.45 10.39
N THR A 898 12.53 -51.90 10.10
CA THR A 898 11.70 -51.42 8.97
C THR A 898 10.19 -51.80 9.02
N ASP B 9 -24.81 0.68 4.19
CA ASP B 9 -25.81 1.20 3.23
C ASP B 9 -25.25 1.46 1.82
N GLU B 10 -24.20 2.28 1.74
CA GLU B 10 -23.26 2.25 0.62
C GLU B 10 -22.68 0.85 0.64
N GLU B 11 -21.57 0.62 -0.08
CA GLU B 11 -20.96 -0.72 -0.08
C GLU B 11 -21.92 -1.77 -0.67
N LYS B 12 -23.20 -1.38 -0.80
CA LYS B 12 -24.21 -2.20 -1.44
C LYS B 12 -24.05 -2.01 -2.93
N ILE B 13 -23.75 -3.10 -3.62
CA ILE B 13 -23.52 -3.04 -5.06
C ILE B 13 -24.73 -3.59 -5.80
N ASP B 14 -25.55 -2.69 -6.35
CA ASP B 14 -26.82 -3.07 -6.94
C ASP B 14 -26.75 -4.36 -7.75
N CYS B 15 -27.34 -5.42 -7.19
CA CYS B 15 -27.38 -6.74 -7.81
C CYS B 15 -28.33 -6.81 -9.01
N TYR B 16 -29.43 -6.06 -8.97
CA TYR B 16 -30.43 -6.06 -10.04
C TYR B 16 -30.73 -4.67 -10.64
N PRO B 17 -29.92 -4.25 -11.63
CA PRO B 17 -30.10 -3.02 -12.39
C PRO B 17 -30.76 -3.37 -13.71
N ASP B 18 -31.11 -4.64 -13.88
CA ASP B 18 -31.78 -5.09 -15.08
C ASP B 18 -33.06 -4.27 -15.34
N GLU B 19 -33.40 -4.11 -16.61
CA GLU B 19 -34.54 -3.32 -17.01
C GLU B 19 -35.81 -3.89 -16.39
N ASN B 20 -35.92 -5.21 -16.45
CA ASN B 20 -37.08 -5.93 -15.96
C ASN B 20 -36.71 -7.12 -15.09
N GLY B 21 -37.56 -7.41 -14.10
CA GLY B 21 -37.42 -8.63 -13.34
C GLY B 21 -36.95 -8.46 -11.92
N ALA B 22 -36.53 -7.26 -11.56
CA ALA B 22 -36.11 -7.04 -10.18
C ALA B 22 -37.26 -7.35 -9.24
N SER B 23 -36.98 -8.20 -8.26
CA SER B 23 -37.99 -8.76 -7.37
C SER B 23 -37.34 -9.61 -6.27
N ALA B 24 -37.99 -9.70 -5.12
CA ALA B 24 -37.41 -10.41 -3.99
C ALA B 24 -36.96 -11.82 -4.37
N GLU B 25 -37.79 -12.58 -5.08
CA GLU B 25 -37.46 -13.99 -5.37
C GLU B 25 -36.50 -14.16 -6.55
N ASN B 26 -36.63 -13.29 -7.54
CA ASN B 26 -35.71 -13.25 -8.68
C ASN B 26 -34.31 -12.81 -8.21
N CYS B 27 -34.27 -11.99 -7.16
CA CYS B 27 -33.02 -11.55 -6.56
C CYS B 27 -32.33 -12.60 -5.69
N THR B 28 -33.05 -13.65 -5.32
CA THR B 28 -32.41 -14.68 -4.52
C THR B 28 -31.79 -15.71 -5.45
N ALA B 29 -32.35 -15.89 -6.63
CA ALA B 29 -31.80 -16.85 -7.59
C ALA B 29 -30.40 -16.43 -8.02
N ARG B 30 -30.19 -15.13 -8.17
CA ARG B 30 -28.86 -14.55 -8.19
C ARG B 30 -28.43 -14.54 -6.71
N GLY B 31 -27.19 -14.94 -6.39
CA GLY B 31 -26.81 -15.12 -5.00
C GLY B 31 -26.81 -13.88 -4.11
N CYS B 32 -27.98 -13.25 -3.97
CA CYS B 32 -28.07 -11.90 -3.43
C CYS B 32 -29.17 -11.74 -2.37
N ILE B 33 -29.22 -10.54 -1.78
CA ILE B 33 -30.12 -10.24 -0.68
C ILE B 33 -31.12 -9.17 -1.08
N TRP B 34 -32.41 -9.43 -0.86
CA TRP B 34 -33.44 -8.45 -1.17
C TRP B 34 -34.01 -7.82 0.09
N GLU B 35 -33.55 -6.61 0.39
CA GLU B 35 -33.99 -5.85 1.55
C GLU B 35 -34.41 -4.45 1.12
N ALA B 36 -35.73 -4.24 0.99
CA ALA B 36 -36.29 -2.95 0.56
C ALA B 36 -35.83 -1.81 1.44
N SER B 37 -35.81 -0.59 0.90
CA SER B 37 -35.30 0.57 1.63
C SER B 37 -36.05 1.88 1.39
N ASN B 38 -35.99 2.77 2.37
CA ASN B 38 -36.69 4.05 2.32
C ASN B 38 -35.73 5.15 1.92
N SER B 39 -34.52 4.76 1.51
CA SER B 39 -33.50 5.72 1.11
C SER B 39 -33.43 5.81 -0.41
N SER B 40 -33.47 7.04 -0.94
CA SER B 40 -33.38 7.24 -2.38
C SER B 40 -32.02 6.78 -2.92
N GLY B 41 -32.07 6.06 -4.03
CA GLY B 41 -30.86 5.56 -4.67
C GLY B 41 -30.47 4.13 -4.34
N VAL B 42 -30.60 3.74 -3.06
CA VAL B 42 -30.11 2.44 -2.60
C VAL B 42 -30.89 1.25 -3.13
N PRO B 43 -30.18 0.18 -3.49
CA PRO B 43 -30.69 -0.98 -4.22
C PRO B 43 -31.39 -2.00 -3.34
N PHE B 44 -32.65 -2.28 -3.62
CA PHE B 44 -33.34 -3.30 -2.85
C PHE B 44 -32.56 -4.60 -2.94
N CYS B 45 -32.00 -4.87 -4.11
CA CYS B 45 -31.23 -6.07 -4.32
C CYS B 45 -29.75 -5.75 -4.37
N TYR B 46 -28.95 -6.38 -3.52
CA TYR B 46 -27.50 -6.14 -3.51
C TYR B 46 -26.69 -7.42 -3.31
N PHE B 47 -25.38 -7.30 -3.43
CA PHE B 47 -24.49 -8.45 -3.37
C PHE B 47 -24.09 -8.78 -1.93
N VAL B 48 -23.82 -10.05 -1.67
CA VAL B 48 -23.30 -10.41 -0.35
C VAL B 48 -22.03 -11.24 -0.45
N ASN B 49 -21.77 -11.77 -1.64
CA ASN B 49 -20.53 -12.51 -1.87
C ASN B 49 -20.17 -12.65 -3.36
N ASP B 50 -18.90 -12.95 -3.60
CA ASP B 50 -18.35 -12.96 -4.95
C ASP B 50 -18.76 -14.21 -5.72
N LEU B 51 -18.46 -14.19 -7.02
CA LEU B 51 -18.68 -15.35 -7.87
C LEU B 51 -17.42 -15.76 -8.65
N TYR B 52 -16.38 -14.93 -8.59
CA TYR B 52 -15.11 -15.32 -9.15
C TYR B 52 -14.04 -15.35 -8.06
N SER B 53 -13.08 -16.25 -8.19
CA SER B 53 -11.98 -16.30 -7.25
C SER B 53 -10.68 -16.18 -8.00
N VAL B 54 -9.91 -15.14 -7.69
CA VAL B 54 -8.56 -15.02 -8.23
C VAL B 54 -7.75 -16.17 -7.65
N SER B 55 -6.95 -16.81 -8.48
CA SER B 55 -6.43 -18.12 -8.12
C SER B 55 -4.94 -18.09 -8.08
N ASP B 56 -4.31 -17.72 -9.19
CA ASP B 56 -2.86 -17.76 -9.23
C ASP B 56 -2.36 -16.36 -9.44
N VAL B 57 -1.42 -15.89 -8.64
CA VAL B 57 -0.98 -14.50 -8.77
C VAL B 57 0.52 -14.45 -8.90
N GLN B 58 1.02 -13.74 -9.90
CA GLN B 58 2.46 -13.66 -10.09
C GLN B 58 2.92 -12.24 -10.34
N TYR B 59 3.96 -11.81 -9.65
CA TYR B 59 4.51 -10.48 -9.88
C TYR B 59 5.81 -10.56 -10.67
N ASN B 60 6.12 -9.50 -11.39
CA ASN B 60 7.44 -9.34 -11.97
C ASN B 60 7.83 -7.87 -12.11
N SER B 61 9.01 -7.65 -12.69
CA SER B 61 9.63 -6.34 -12.72
C SER B 61 8.84 -5.37 -13.59
N HIS B 62 8.09 -5.93 -14.52
CA HIS B 62 7.38 -5.15 -15.52
C HIS B 62 5.87 -5.38 -15.50
N GLY B 63 5.35 -5.94 -14.42
CA GLY B 63 3.93 -6.10 -14.26
C GLY B 63 3.43 -7.09 -13.23
N ALA B 64 2.47 -7.90 -13.65
CA ALA B 64 1.71 -8.79 -12.79
C ALA B 64 0.79 -9.60 -13.67
N THR B 65 0.15 -10.62 -13.09
CA THR B 65 -0.71 -11.50 -13.85
C THR B 65 -1.40 -12.42 -12.87
N ALA B 66 -2.61 -12.85 -13.19
CA ALA B 66 -3.37 -13.71 -12.30
C ALA B 66 -4.50 -14.38 -13.07
N ASP B 67 -5.07 -15.41 -12.45
CA ASP B 67 -6.14 -16.16 -13.08
C ASP B 67 -7.44 -15.97 -12.30
N ILE B 68 -8.55 -15.88 -13.00
CA ILE B 68 -9.85 -15.72 -12.36
C ILE B 68 -10.83 -16.80 -12.84
N SER B 69 -11.47 -17.49 -11.90
CA SER B 69 -12.34 -18.62 -12.24
C SER B 69 -13.60 -18.61 -11.39
N LEU B 70 -14.56 -19.44 -11.77
CA LEU B 70 -15.88 -19.38 -11.15
C LEU B 70 -16.05 -20.15 -9.83
N LYS B 71 -17.02 -19.73 -9.03
CA LYS B 71 -17.42 -20.44 -7.82
C LYS B 71 -18.74 -19.86 -7.25
N SER B 72 -19.87 -20.55 -7.48
CA SER B 72 -19.97 -21.65 -8.44
C SER B 72 -20.98 -21.28 -9.51
N SER B 73 -20.88 -21.98 -10.63
CA SER B 73 -21.70 -21.71 -11.81
C SER B 73 -23.18 -21.59 -11.46
N VAL B 74 -23.57 -22.11 -10.31
CA VAL B 74 -24.97 -22.07 -9.89
C VAL B 74 -25.55 -20.65 -9.97
N TYR B 75 -24.79 -19.66 -9.50
CA TYR B 75 -25.29 -18.29 -9.43
C TYR B 75 -24.89 -17.42 -10.61
N ALA B 76 -23.64 -17.55 -11.04
CA ALA B 76 -23.19 -16.84 -12.22
C ALA B 76 -24.13 -17.06 -13.40
N ASN B 77 -24.78 -18.22 -13.43
CA ASN B 77 -25.66 -18.57 -14.55
C ASN B 77 -26.99 -17.83 -14.53
N ALA B 78 -27.30 -17.17 -13.42
CA ALA B 78 -28.56 -16.44 -13.26
C ALA B 78 -28.47 -14.99 -13.75
N PHE B 79 -27.26 -14.54 -14.01
CA PHE B 79 -27.02 -13.18 -14.47
C PHE B 79 -27.09 -13.06 -15.99
N PRO B 80 -27.58 -11.91 -16.47
CA PRO B 80 -27.73 -11.60 -17.87
C PRO B 80 -27.22 -12.68 -18.80
N SER B 81 -25.96 -12.67 -19.20
CA SER B 81 -25.55 -13.61 -20.27
C SER B 81 -24.88 -14.89 -19.74
N THR B 82 -24.22 -15.63 -20.63
CA THR B 82 -23.46 -16.80 -20.21
C THR B 82 -22.04 -16.44 -19.77
N PRO B 83 -21.77 -16.60 -18.47
CA PRO B 83 -20.46 -16.26 -17.91
C PRO B 83 -19.34 -16.89 -18.72
N VAL B 84 -18.21 -16.20 -18.80
CA VAL B 84 -17.03 -16.78 -19.42
C VAL B 84 -16.06 -17.27 -18.36
N ASN B 85 -15.42 -18.39 -18.65
CA ASN B 85 -14.63 -19.10 -17.67
C ASN B 85 -13.55 -19.93 -18.35
N PRO B 86 -12.32 -19.83 -17.87
CA PRO B 86 -11.98 -18.83 -16.86
C PRO B 86 -11.55 -17.54 -17.53
N LEU B 87 -11.22 -16.54 -16.73
CA LEU B 87 -10.73 -15.27 -17.23
C LEU B 87 -9.21 -15.17 -17.03
N ARG B 88 -8.65 -14.01 -17.33
CA ARG B 88 -7.23 -13.80 -17.07
C ARG B 88 -6.88 -12.34 -16.97
N LEU B 89 -6.05 -11.97 -16.00
CA LEU B 89 -5.73 -10.56 -15.80
C LEU B 89 -4.24 -10.23 -16.01
N ASP B 90 -3.95 -9.27 -16.90
CA ASP B 90 -2.58 -8.87 -17.19
C ASP B 90 -2.36 -7.39 -16.90
N VAL B 91 -1.65 -7.11 -15.81
CA VAL B 91 -1.31 -5.75 -15.45
C VAL B 91 0.07 -5.44 -16.00
N THR B 92 0.18 -4.38 -16.79
CA THR B 92 1.46 -4.02 -17.40
C THR B 92 1.95 -2.68 -16.90
N TYR B 93 3.19 -2.62 -16.42
CA TYR B 93 3.75 -1.33 -16.05
C TYR B 93 4.46 -0.74 -17.27
N HIS B 94 3.75 0.05 -18.06
CA HIS B 94 4.31 0.68 -19.26
C HIS B 94 5.35 1.75 -18.94
N LYS B 95 4.91 2.91 -18.53
CA LYS B 95 5.86 3.94 -18.16
C LYS B 95 5.83 4.01 -16.65
N ASN B 96 6.53 4.97 -16.08
CA ASN B 96 6.41 5.21 -14.66
C ASN B 96 5.13 5.96 -14.28
N GLU B 97 4.54 6.65 -15.26
CA GLU B 97 3.37 7.47 -14.99
C GLU B 97 2.09 6.83 -15.49
N MET B 98 2.23 5.67 -16.13
CA MET B 98 1.06 5.00 -16.71
C MET B 98 1.11 3.48 -16.67
N LEU B 99 -0.07 2.89 -16.44
CA LEU B 99 -0.26 1.46 -16.32
C LEU B 99 -1.33 1.07 -17.29
N GLN B 100 -1.40 -0.21 -17.61
CA GLN B 100 -2.67 -0.75 -18.10
C GLN B 100 -2.92 -2.02 -17.33
N PHE B 101 -4.19 -2.39 -17.22
CA PHE B 101 -4.50 -3.71 -16.71
C PHE B 101 -5.73 -4.17 -17.45
N LYS B 102 -5.74 -5.41 -17.90
CA LYS B 102 -6.80 -5.91 -18.74
C LYS B 102 -7.26 -7.25 -18.25
N ILE B 103 -8.56 -7.48 -18.36
CA ILE B 103 -9.12 -8.78 -18.01
C ILE B 103 -9.84 -9.28 -19.24
N TYR B 104 -9.30 -10.33 -19.85
CA TYR B 104 -9.86 -10.86 -21.07
C TYR B 104 -10.08 -12.36 -20.98
N ASP B 105 -10.35 -12.97 -22.12
CA ASP B 105 -10.61 -14.40 -22.18
C ASP B 105 -9.43 -15.05 -22.88
N PRO B 106 -8.69 -15.90 -22.15
CA PRO B 106 -7.42 -16.45 -22.64
C PRO B 106 -7.67 -17.45 -23.75
N ASN B 107 -8.91 -17.94 -23.81
CA ASN B 107 -9.29 -19.02 -24.72
C ASN B 107 -9.83 -18.51 -26.05
N LYS B 108 -11.06 -18.04 -26.02
CA LYS B 108 -11.67 -17.44 -27.21
C LYS B 108 -11.25 -15.96 -27.35
N ASN B 109 -11.05 -15.52 -28.60
CA ASN B 109 -10.64 -14.15 -28.87
C ASN B 109 -11.82 -13.17 -28.91
N ARG B 110 -11.93 -12.32 -27.89
CA ARG B 110 -13.10 -11.47 -27.73
C ARG B 110 -12.92 -10.17 -28.48
N TYR B 111 -14.03 -9.49 -28.81
CA TYR B 111 -13.96 -8.16 -29.45
C TYR B 111 -13.14 -7.15 -28.66
N GLU B 112 -12.07 -6.67 -29.26
CA GLU B 112 -11.25 -5.65 -28.63
C GLU B 112 -11.22 -4.40 -29.51
N VAL B 113 -11.24 -3.24 -28.84
CA VAL B 113 -11.47 -1.96 -29.51
C VAL B 113 -10.33 -1.57 -30.44
N PRO B 114 -10.63 -1.40 -31.75
CA PRO B 114 -9.68 -1.18 -32.84
C PRO B 114 -9.26 0.26 -33.01
N VAL B 115 -9.00 0.98 -31.92
CA VAL B 115 -8.37 2.29 -32.09
C VAL B 115 -6.92 2.19 -31.68
N PRO B 116 -6.02 2.68 -32.52
CA PRO B 116 -4.58 2.71 -32.26
C PRO B 116 -4.23 3.61 -31.09
N LEU B 117 -3.45 3.09 -30.15
CA LEU B 117 -2.88 3.88 -29.08
C LEU B 117 -1.38 3.74 -29.18
N ASN B 118 -0.64 4.71 -28.65
CA ASN B 118 0.79 4.46 -28.55
C ASN B 118 1.29 4.06 -27.15
N ILE B 119 2.26 3.17 -27.16
CA ILE B 119 2.63 2.41 -26.01
C ILE B 119 4.10 2.12 -26.17
N PRO B 120 4.91 2.37 -25.13
CA PRO B 120 6.32 2.03 -25.29
C PRO B 120 6.45 0.59 -25.80
N SER B 121 7.26 0.41 -26.84
CA SER B 121 7.49 -0.90 -27.45
C SER B 121 7.75 -1.96 -26.40
N MET B 122 8.44 -1.54 -25.33
CA MET B 122 8.71 -2.35 -24.15
C MET B 122 8.45 -1.58 -22.84
N PRO B 123 7.74 -2.24 -21.91
CA PRO B 123 7.54 -1.75 -20.55
C PRO B 123 8.80 -1.08 -20.03
N SER B 124 8.78 0.24 -19.93
CA SER B 124 9.95 1.05 -19.55
C SER B 124 9.98 1.59 -18.09
N SER B 125 9.28 0.91 -17.18
CA SER B 125 9.16 1.35 -15.78
C SER B 125 10.38 1.00 -14.93
N THR B 126 10.79 1.95 -14.11
CA THR B 126 11.96 1.77 -13.24
C THR B 126 11.59 1.89 -11.75
N PRO B 127 12.07 0.95 -10.91
CA PRO B 127 11.77 0.95 -9.47
C PRO B 127 12.02 2.31 -8.79
N GLU B 128 13.05 3.01 -9.24
CA GLU B 128 13.35 4.34 -8.69
C GLU B 128 12.34 5.39 -9.13
N GLY B 129 11.82 5.25 -10.35
CA GLY B 129 10.90 6.24 -10.90
C GLY B 129 9.43 5.88 -11.01
N GLN B 130 9.11 4.59 -10.91
CA GLN B 130 7.73 4.12 -10.93
C GLN B 130 6.95 4.84 -9.83
N LEU B 131 5.82 5.42 -10.20
CA LEU B 131 5.10 6.33 -9.31
C LEU B 131 3.97 5.66 -8.53
N TYR B 132 3.65 4.43 -8.90
CA TYR B 132 2.53 3.72 -8.33
C TYR B 132 3.06 2.34 -8.02
N ASP B 133 2.21 1.51 -7.41
CA ASP B 133 2.47 0.06 -7.33
C ASP B 133 1.13 -0.65 -7.17
N VAL B 134 1.08 -1.92 -7.55
CA VAL B 134 -0.22 -2.58 -7.58
C VAL B 134 -0.20 -3.94 -6.91
N LEU B 135 -1.28 -4.25 -6.19
CA LEU B 135 -1.48 -5.59 -5.65
C LEU B 135 -2.66 -6.20 -6.37
N ILE B 136 -2.67 -7.52 -6.48
CA ILE B 136 -3.87 -8.21 -6.90
C ILE B 136 -4.42 -8.91 -5.66
N LYS B 137 -5.43 -8.32 -5.05
CA LYS B 137 -5.95 -8.81 -3.78
C LYS B 137 -6.84 -10.06 -3.92
N LYS B 138 -6.77 -10.94 -2.93
CA LYS B 138 -7.20 -12.33 -3.09
C LYS B 138 -8.62 -12.66 -2.67
N ASN B 139 -9.21 -11.88 -1.76
CA ASN B 139 -10.50 -12.33 -1.25
C ASN B 139 -11.37 -11.29 -0.57
N PRO B 140 -12.40 -10.78 -1.28
CA PRO B 140 -12.82 -11.20 -2.62
C PRO B 140 -11.88 -10.64 -3.66
N PHE B 141 -11.92 -11.19 -4.87
CA PHE B 141 -11.03 -10.73 -5.93
C PHE B 141 -11.09 -9.23 -6.10
N GLY B 142 -9.93 -8.61 -6.33
CA GLY B 142 -9.83 -7.18 -6.43
C GLY B 142 -8.45 -6.74 -6.84
N ILE B 143 -8.35 -5.54 -7.37
CA ILE B 143 -7.08 -4.98 -7.80
C ILE B 143 -6.87 -3.69 -7.08
N GLU B 144 -5.67 -3.44 -6.57
CA GLU B 144 -5.44 -2.23 -5.80
C GLU B 144 -4.24 -1.45 -6.29
N ILE B 145 -4.52 -0.35 -6.98
CA ILE B 145 -3.48 0.54 -7.47
C ILE B 145 -3.27 1.67 -6.48
N ARG B 146 -2.02 2.06 -6.25
CA ARG B 146 -1.68 2.98 -5.18
C ARG B 146 -0.57 3.94 -5.56
N ARG B 147 -0.76 5.23 -5.29
CA ARG B 147 0.33 6.18 -5.51
C ARG B 147 1.45 5.99 -4.48
N LYS B 148 2.62 5.57 -4.95
CA LYS B 148 3.76 5.29 -4.07
C LYS B 148 4.17 6.50 -3.24
N SER B 149 3.98 7.69 -3.80
CA SER B 149 4.45 8.93 -3.18
C SER B 149 3.85 9.23 -1.80
N THR B 150 2.54 9.34 -1.76
CA THR B 150 1.78 9.37 -0.52
C THR B 150 1.24 7.96 -0.33
N GLY B 151 0.18 7.79 0.43
CA GLY B 151 -0.41 6.47 0.55
C GLY B 151 -1.51 6.20 -0.46
N THR B 152 -2.11 7.28 -0.97
CA THR B 152 -3.47 7.24 -1.54
C THR B 152 -3.73 6.08 -2.50
N ILE B 153 -4.90 5.47 -2.37
CA ILE B 153 -5.31 4.35 -3.24
C ILE B 153 -6.13 4.88 -4.43
N ILE B 154 -5.56 4.75 -5.62
CA ILE B 154 -6.17 5.24 -6.84
C ILE B 154 -7.32 4.33 -7.25
N TRP B 155 -7.07 3.03 -7.33
CA TRP B 155 -8.10 2.05 -7.70
C TRP B 155 -8.25 0.98 -6.63
N ASP B 156 -9.48 0.52 -6.42
CA ASP B 156 -9.74 -0.53 -5.44
C ASP B 156 -10.99 -1.28 -5.90
N SER B 157 -10.77 -2.38 -6.62
CA SER B 157 -11.88 -3.16 -7.17
C SER B 157 -12.19 -4.36 -6.29
N GLN B 158 -11.67 -4.34 -5.07
CA GLN B 158 -12.02 -5.35 -4.08
C GLN B 158 -13.38 -5.01 -3.47
N LEU B 159 -14.33 -4.63 -4.32
CA LEU B 159 -15.72 -4.56 -3.93
C LEU B 159 -16.42 -5.74 -4.60
N LEU B 160 -17.65 -6.02 -4.21
CA LEU B 160 -18.37 -7.13 -4.81
C LEU B 160 -19.05 -6.77 -6.15
N GLY B 161 -19.68 -7.76 -6.75
CA GLY B 161 -20.43 -7.52 -7.97
C GLY B 161 -19.69 -7.83 -9.25
N PHE B 162 -18.38 -8.06 -9.18
CA PHE B 162 -17.64 -8.38 -10.40
C PHE B 162 -18.36 -9.46 -11.16
N THR B 163 -18.73 -9.17 -12.40
CA THR B 163 -19.39 -10.15 -13.24
C THR B 163 -18.70 -10.14 -14.60
N PHE B 164 -18.68 -11.29 -15.26
CA PHE B 164 -18.19 -11.36 -16.63
C PHE B 164 -19.05 -12.41 -17.29
N SER B 165 -19.65 -12.04 -18.42
CA SER B 165 -20.58 -12.87 -19.16
C SER B 165 -20.54 -12.30 -20.55
N ASP B 166 -20.78 -13.13 -21.56
CA ASP B 166 -20.42 -12.73 -22.91
C ASP B 166 -20.85 -11.32 -23.23
N MET B 167 -22.10 -10.97 -22.90
CA MET B 167 -22.61 -9.65 -23.21
C MET B 167 -23.03 -8.88 -21.98
N PHE B 168 -22.35 -9.14 -20.87
CA PHE B 168 -22.52 -8.35 -19.65
C PHE B 168 -21.30 -8.40 -18.73
N ILE B 169 -20.60 -7.28 -18.58
CA ILE B 169 -19.42 -7.22 -17.72
C ILE B 169 -19.62 -6.14 -16.69
N ARG B 170 -19.19 -6.40 -15.44
CA ARG B 170 -19.30 -5.43 -14.36
C ARG B 170 -18.04 -5.41 -13.56
N ILE B 171 -17.43 -4.25 -13.41
CA ILE B 171 -16.36 -4.10 -12.43
C ILE B 171 -16.64 -2.84 -11.64
N SER B 172 -16.11 -2.76 -10.42
CA SER B 172 -16.42 -1.63 -9.54
C SER B 172 -15.16 -1.10 -8.91
N THR B 173 -15.20 0.11 -8.39
CA THR B 173 -14.03 0.61 -7.68
C THR B 173 -14.32 1.70 -6.67
N ARG B 174 -13.42 1.80 -5.70
CA ARG B 174 -13.56 2.82 -4.70
C ARG B 174 -12.81 4.07 -5.12
N LEU B 175 -13.51 5.18 -5.12
CA LEU B 175 -12.88 6.47 -5.37
C LEU B 175 -12.10 6.94 -4.14
N PRO B 176 -10.86 7.41 -4.35
CA PRO B 176 -10.04 7.97 -3.27
C PRO B 176 -10.60 9.28 -2.74
N SER B 177 -11.72 9.76 -3.26
CA SER B 177 -12.27 11.03 -2.81
C SER B 177 -13.68 11.33 -3.32
N LYS B 178 -14.19 12.49 -2.94
CA LYS B 178 -15.52 12.89 -3.35
C LYS B 178 -15.45 13.83 -4.58
N TYR B 179 -14.37 13.75 -5.34
CA TYR B 179 -14.17 14.65 -6.48
C TYR B 179 -13.82 13.90 -7.78
N LEU B 180 -14.79 13.79 -8.68
CA LEU B 180 -14.66 12.98 -9.89
C LEU B 180 -15.15 13.80 -11.08
N TYR B 181 -14.34 13.88 -12.14
CA TYR B 181 -14.68 14.73 -13.27
C TYR B 181 -14.78 14.01 -14.61
N GLY B 182 -15.87 14.28 -15.33
CA GLY B 182 -16.00 13.90 -16.73
C GLY B 182 -16.43 12.50 -17.08
N PHE B 183 -17.41 12.36 -17.97
CA PHE B 183 -17.71 11.06 -18.57
C PHE B 183 -18.41 11.25 -19.93
N GLY B 184 -18.64 10.11 -20.61
CA GLY B 184 -19.05 10.05 -22.02
C GLY B 184 -20.16 11.01 -22.34
N GLU B 185 -20.10 11.61 -23.53
CA GLU B 185 -20.91 12.79 -23.81
C GLU B 185 -22.34 12.78 -23.27
N THR B 186 -22.60 13.64 -22.27
CA THR B 186 -23.94 13.90 -21.76
C THR B 186 -24.01 15.25 -21.03
N GLU B 187 -25.23 15.70 -20.72
CA GLU B 187 -25.40 16.99 -20.05
C GLU B 187 -25.35 16.86 -18.54
N HIS B 188 -24.13 16.94 -17.99
CA HIS B 188 -23.99 16.94 -16.54
C HIS B 188 -24.45 18.31 -16.05
N ARG B 189 -24.82 18.40 -14.77
CA ARG B 189 -25.42 19.62 -14.22
C ARG B 189 -24.35 20.50 -13.57
N SER B 190 -23.24 19.90 -13.18
CA SER B 190 -22.07 20.63 -12.68
C SER B 190 -20.77 19.89 -13.09
N TYR B 191 -19.61 20.57 -12.97
CA TYR B 191 -18.36 19.95 -13.40
C TYR B 191 -18.04 18.68 -12.60
N ARG B 192 -17.97 18.83 -11.28
CA ARG B 192 -17.71 17.72 -10.37
C ARG B 192 -18.93 16.81 -10.18
N ARG B 193 -18.80 15.51 -10.49
CA ARG B 193 -20.01 14.66 -10.52
C ARG B 193 -20.46 14.18 -9.15
N ASP B 194 -21.76 13.85 -9.07
CA ASP B 194 -22.53 13.79 -7.82
C ASP B 194 -22.19 12.66 -6.87
N LEU B 195 -22.28 11.43 -7.33
CA LEU B 195 -21.93 10.27 -6.48
C LEU B 195 -23.10 9.80 -5.62
N GLU B 196 -24.03 10.69 -5.33
CA GLU B 196 -25.18 10.35 -4.51
C GLU B 196 -26.18 9.48 -5.29
N TRP B 197 -25.76 8.28 -5.65
CA TRP B 197 -26.63 7.30 -6.34
C TRP B 197 -27.16 7.76 -7.71
N HIS B 198 -26.29 7.77 -8.71
CA HIS B 198 -26.66 8.20 -10.06
C HIS B 198 -26.12 7.27 -11.13
N THR B 199 -26.96 6.94 -12.10
CA THR B 199 -26.52 6.14 -13.23
C THR B 199 -26.56 6.96 -14.54
N TRP B 200 -25.47 6.91 -15.32
CA TRP B 200 -25.39 7.59 -16.62
C TRP B 200 -25.22 6.62 -17.78
N GLY B 201 -25.96 6.84 -18.86
CA GLY B 201 -25.81 6.04 -20.06
C GLY B 201 -24.71 6.51 -21.02
N MET B 202 -24.09 5.55 -21.70
CA MET B 202 -23.09 5.90 -22.69
C MET B 202 -23.26 5.11 -23.99
N PHE B 203 -23.71 5.81 -25.03
CA PHE B 203 -23.99 5.16 -26.30
C PHE B 203 -24.27 6.23 -27.33
N SER B 204 -23.60 6.17 -28.48
CA SER B 204 -23.81 7.13 -29.56
C SER B 204 -25.27 7.23 -29.88
N ARG B 205 -25.85 8.39 -29.59
CA ARG B 205 -27.25 8.60 -29.87
C ARG B 205 -27.44 10.01 -30.41
N ASP B 206 -28.43 10.21 -31.26
CA ASP B 206 -28.78 11.55 -31.68
C ASP B 206 -29.76 12.09 -30.63
N GLN B 207 -29.20 12.64 -29.56
CA GLN B 207 -29.98 13.12 -28.42
C GLN B 207 -29.58 14.55 -28.16
N PRO B 208 -30.53 15.49 -28.30
CA PRO B 208 -30.16 16.81 -27.79
C PRO B 208 -29.84 16.69 -26.31
N PRO B 209 -28.75 17.33 -25.86
CA PRO B 209 -28.28 17.16 -24.50
C PRO B 209 -29.41 17.26 -23.49
N GLY B 210 -29.34 16.42 -22.46
CA GLY B 210 -30.29 16.46 -21.36
C GLY B 210 -29.68 15.70 -20.19
N TYR B 211 -30.12 16.04 -18.98
CA TYR B 211 -29.67 15.35 -17.77
C TYR B 211 -29.99 13.85 -17.82
N LYS B 212 -28.93 13.05 -17.66
CA LYS B 212 -29.02 11.60 -17.65
C LYS B 212 -29.37 10.94 -18.99
N LYS B 213 -29.12 11.65 -20.09
CA LYS B 213 -29.38 11.09 -21.43
C LYS B 213 -28.09 10.90 -22.23
N ASN B 214 -27.91 9.71 -22.80
CA ASN B 214 -26.76 9.46 -23.65
C ASN B 214 -26.85 10.28 -24.90
N SER B 215 -25.77 10.99 -25.21
CA SER B 215 -25.78 11.90 -26.35
C SER B 215 -24.87 11.45 -27.47
N TYR B 216 -24.33 12.43 -28.17
CA TYR B 216 -23.60 12.18 -29.39
C TYR B 216 -22.40 11.24 -29.20
N GLY B 217 -21.42 11.63 -28.40
CA GLY B 217 -20.27 10.76 -28.17
C GLY B 217 -20.26 9.84 -26.95
N VAL B 218 -19.17 9.08 -26.85
CA VAL B 218 -18.94 8.16 -25.74
C VAL B 218 -17.49 8.31 -25.28
N HIS B 219 -17.27 8.59 -23.99
CA HIS B 219 -15.92 8.81 -23.48
C HIS B 219 -15.69 8.20 -22.09
N PRO B 220 -15.40 6.89 -22.04
CA PRO B 220 -15.27 6.25 -20.72
C PRO B 220 -13.99 6.64 -19.98
N TYR B 221 -13.75 7.93 -19.85
CA TYR B 221 -12.56 8.44 -19.17
C TYR B 221 -12.96 9.46 -18.12
N TYR B 222 -12.28 9.42 -16.98
CA TYR B 222 -12.55 10.37 -15.90
C TYR B 222 -11.26 10.84 -15.26
N MET B 223 -11.31 11.99 -14.60
CA MET B 223 -10.20 12.43 -13.78
C MET B 223 -10.65 12.40 -12.32
N GLY B 224 -9.79 11.89 -11.43
CA GLY B 224 -10.13 11.85 -10.02
C GLY B 224 -9.17 12.68 -9.20
N LEU B 225 -9.70 13.61 -8.40
CA LEU B 225 -8.85 14.39 -7.52
C LEU B 225 -8.66 13.66 -6.21
N GLU B 226 -7.49 13.80 -5.59
CA GLU B 226 -7.22 13.06 -4.37
C GLU B 226 -7.30 13.92 -3.13
N GLU B 227 -7.35 13.27 -1.98
CA GLU B 227 -7.42 13.92 -0.67
C GLU B 227 -6.52 15.17 -0.61
N ASP B 228 -5.23 15.03 -0.95
CA ASP B 228 -4.35 16.18 -1.10
C ASP B 228 -4.52 16.80 -2.49
N GLY B 229 -3.46 17.38 -3.04
CA GLY B 229 -3.57 17.98 -4.36
C GLY B 229 -3.51 17.05 -5.57
N SER B 230 -3.08 15.80 -5.37
CA SER B 230 -2.74 14.94 -6.49
C SER B 230 -3.93 14.57 -7.37
N ALA B 231 -3.64 14.28 -8.64
CA ALA B 231 -4.68 13.94 -9.60
C ALA B 231 -4.29 12.69 -10.35
N HIS B 232 -5.27 11.98 -10.87
CA HIS B 232 -5.05 10.75 -11.62
C HIS B 232 -6.16 10.62 -12.65
N GLY B 233 -6.00 9.73 -13.62
CA GLY B 233 -7.01 9.61 -14.66
C GLY B 233 -7.15 8.17 -15.06
N VAL B 234 -8.37 7.75 -15.41
CA VAL B 234 -8.61 6.35 -15.76
C VAL B 234 -9.40 6.21 -17.07
N LEU B 235 -8.99 5.30 -17.94
CA LEU B 235 -9.72 5.11 -19.20
C LEU B 235 -10.16 3.68 -19.38
N LEU B 236 -11.42 3.47 -19.73
CA LEU B 236 -11.89 2.13 -20.08
C LEU B 236 -11.95 2.02 -21.59
N LEU B 237 -10.98 1.38 -22.22
CA LEU B 237 -11.03 1.24 -23.67
C LEU B 237 -12.08 0.20 -24.04
N ASN B 238 -13.35 0.59 -23.95
CA ASN B 238 -14.48 -0.24 -24.36
C ASN B 238 -15.50 0.53 -25.20
N SER B 239 -15.85 -0.01 -26.35
CA SER B 239 -16.77 0.70 -27.25
C SER B 239 -18.15 0.03 -27.35
N ASN B 240 -18.48 -0.77 -26.36
CA ASN B 240 -19.80 -1.38 -26.26
C ASN B 240 -20.76 -0.48 -25.52
N ALA B 241 -22.05 -0.77 -25.61
CA ALA B 241 -23.05 0.02 -24.90
C ALA B 241 -22.94 -0.21 -23.40
N MET B 242 -22.68 0.84 -22.63
CA MET B 242 -22.49 0.67 -21.21
C MET B 242 -23.15 1.77 -20.40
N ASP B 243 -23.23 1.57 -19.10
CA ASP B 243 -23.53 2.66 -18.18
C ASP B 243 -22.56 2.65 -16.98
N VAL B 244 -22.44 3.78 -16.29
CA VAL B 244 -21.63 3.84 -15.08
C VAL B 244 -22.54 4.26 -13.95
N THR B 245 -22.19 3.91 -12.71
CA THR B 245 -23.06 4.21 -11.59
C THR B 245 -22.30 4.74 -10.39
N PHE B 246 -22.64 5.95 -9.96
CA PHE B 246 -21.90 6.61 -8.89
C PHE B 246 -22.58 6.45 -7.51
N GLN B 247 -21.80 6.05 -6.50
CA GLN B 247 -22.30 5.80 -5.14
C GLN B 247 -21.62 6.66 -4.09
N PRO B 248 -22.36 7.05 -3.03
CA PRO B 248 -22.00 7.96 -1.94
C PRO B 248 -20.74 7.59 -1.14
N LEU B 249 -20.59 6.32 -0.79
CA LEU B 249 -19.27 5.85 -0.40
C LEU B 249 -18.50 6.03 -1.68
N PRO B 250 -17.46 6.87 -1.67
CA PRO B 250 -16.93 7.24 -3.00
C PRO B 250 -16.66 5.96 -3.79
N ALA B 251 -17.50 5.65 -4.79
CA ALA B 251 -17.33 4.41 -5.56
C ALA B 251 -18.20 4.36 -6.82
N LEU B 252 -17.60 3.99 -7.95
CA LEU B 252 -18.36 3.80 -9.17
C LEU B 252 -18.36 2.38 -9.70
N THR B 253 -19.30 2.12 -10.62
CA THR B 253 -19.57 0.80 -11.15
C THR B 253 -19.75 0.83 -12.69
N TYR B 254 -18.88 0.14 -13.41
CA TYR B 254 -19.00 -0.03 -14.86
C TYR B 254 -19.85 -1.27 -15.22
N ARG B 255 -20.79 -1.13 -16.13
CA ARG B 255 -21.56 -2.26 -16.62
C ARG B 255 -21.59 -2.20 -18.13
N THR B 256 -20.62 -2.80 -18.80
CA THR B 256 -20.53 -2.76 -20.26
C THR B 256 -21.29 -3.95 -20.82
N THR B 257 -21.65 -3.89 -22.10
CA THR B 257 -22.37 -5.01 -22.72
C THR B 257 -21.49 -5.87 -23.60
N GLY B 258 -20.17 -5.71 -23.53
CA GLY B 258 -19.33 -6.83 -23.86
C GLY B 258 -18.18 -6.72 -24.81
N GLY B 259 -17.08 -6.18 -24.32
CA GLY B 259 -15.78 -6.38 -24.95
C GLY B 259 -14.91 -7.05 -23.90
N VAL B 260 -13.66 -6.64 -23.80
CA VAL B 260 -12.83 -7.02 -22.65
C VAL B 260 -12.71 -5.76 -21.79
N LEU B 261 -12.20 -5.89 -20.57
CA LEU B 261 -12.00 -4.71 -19.72
C LEU B 261 -10.58 -4.18 -19.89
N ASP B 262 -10.37 -3.29 -20.85
CA ASP B 262 -9.03 -2.79 -21.12
C ASP B 262 -8.88 -1.44 -20.43
N PHE B 263 -8.22 -1.41 -19.28
CA PHE B 263 -8.08 -0.15 -18.53
C PHE B 263 -6.70 0.46 -18.67
N TYR B 264 -6.63 1.78 -18.75
CA TYR B 264 -5.35 2.47 -18.68
C TYR B 264 -5.40 3.51 -17.58
N VAL B 265 -4.44 3.45 -16.68
CA VAL B 265 -4.36 4.44 -15.58
C VAL B 265 -3.17 5.40 -15.66
N PHE B 266 -3.45 6.69 -15.53
CA PHE B 266 -2.42 7.70 -15.63
C PHE B 266 -2.37 8.44 -14.34
N LEU B 267 -1.17 8.75 -13.86
CA LEU B 267 -1.12 9.43 -12.58
C LEU B 267 -0.05 10.48 -12.51
N GLY B 268 0.15 11.21 -13.60
CA GLY B 268 0.94 12.42 -13.50
C GLY B 268 0.38 13.01 -12.23
N PRO B 269 1.23 13.65 -11.42
CA PRO B 269 0.67 14.21 -10.19
C PRO B 269 -0.40 15.31 -10.44
N THR B 270 -0.24 16.15 -11.47
CA THR B 270 -1.15 17.29 -11.63
C THR B 270 -2.17 17.14 -12.77
N PRO B 271 -3.32 17.83 -12.65
CA PRO B 271 -4.31 17.71 -13.70
C PRO B 271 -3.70 17.85 -15.10
N GLU B 272 -2.95 18.91 -15.35
CA GLU B 272 -2.37 19.09 -16.66
C GLU B 272 -1.45 17.93 -17.06
N LEU B 273 -0.75 17.36 -16.07
CA LEU B 273 0.11 16.20 -16.29
C LEU B 273 -0.73 14.95 -16.62
N VAL B 274 -1.82 14.77 -15.89
CA VAL B 274 -2.70 13.66 -16.13
C VAL B 274 -3.11 13.71 -17.57
N THR B 275 -3.52 14.89 -18.03
CA THR B 275 -4.05 15.06 -19.36
C THR B 275 -2.99 14.94 -20.45
N GLN B 276 -1.78 15.41 -20.17
CA GLN B 276 -0.66 15.21 -21.10
C GLN B 276 -0.41 13.74 -21.35
N GLN B 277 -0.41 12.95 -20.27
CA GLN B 277 -0.19 11.52 -20.36
C GLN B 277 -1.37 10.76 -20.98
N TYR B 278 -2.58 11.25 -20.74
CA TYR B 278 -3.76 10.62 -21.32
C TYR B 278 -3.69 10.81 -22.82
N THR B 279 -3.61 12.06 -23.24
CA THR B 279 -3.55 12.34 -24.67
C THR B 279 -2.27 11.79 -25.28
N GLU B 280 -1.21 11.64 -24.48
CA GLU B 280 -0.02 11.02 -25.03
C GLU B 280 -0.34 9.62 -25.54
N LEU B 281 -1.23 8.91 -24.84
CA LEU B 281 -1.57 7.55 -25.23
C LEU B 281 -2.55 7.49 -26.40
N ILE B 282 -3.60 8.31 -26.36
CA ILE B 282 -4.65 8.22 -27.36
C ILE B 282 -4.38 9.15 -28.54
N GLY B 283 -3.70 10.25 -28.27
CA GLY B 283 -3.31 11.21 -29.29
C GLY B 283 -3.67 12.63 -28.90
N ARG B 284 -2.84 13.59 -29.30
CA ARG B 284 -3.07 14.99 -28.94
C ARG B 284 -4.03 15.64 -29.94
N PRO B 285 -4.69 16.75 -29.55
CA PRO B 285 -5.71 17.38 -30.37
C PRO B 285 -5.17 17.73 -31.76
N VAL B 286 -6.07 17.96 -32.71
CA VAL B 286 -5.66 18.54 -33.97
C VAL B 286 -5.10 19.93 -33.76
N MET B 287 -4.31 20.34 -34.74
CA MET B 287 -3.93 21.73 -34.88
C MET B 287 -4.89 22.37 -35.87
N VAL B 288 -5.53 23.45 -35.45
CA VAL B 288 -6.48 24.15 -36.30
C VAL B 288 -5.77 25.22 -37.11
N PRO B 289 -6.31 25.53 -38.30
CA PRO B 289 -5.75 26.65 -39.08
C PRO B 289 -6.09 27.95 -38.36
N TYR B 290 -5.24 28.95 -38.49
CA TYR B 290 -5.43 30.20 -37.75
C TYR B 290 -6.85 30.76 -37.92
N TRP B 291 -7.32 30.72 -39.17
CA TRP B 291 -8.62 31.29 -39.52
C TRP B 291 -9.80 30.69 -38.75
N SER B 292 -9.69 29.43 -38.32
CA SER B 292 -10.79 28.77 -37.62
C SER B 292 -11.03 29.37 -36.23
N LEU B 293 -10.07 30.17 -35.78
CA LEU B 293 -10.15 30.80 -34.46
C LEU B 293 -11.07 32.02 -34.49
N GLY B 294 -11.48 32.40 -35.69
CA GLY B 294 -12.37 33.52 -35.87
C GLY B 294 -13.80 33.18 -35.50
N PHE B 295 -14.68 34.17 -35.58
CA PHE B 295 -16.08 34.00 -35.27
C PHE B 295 -16.70 33.31 -36.44
N GLN B 296 -17.88 32.72 -36.24
CA GLN B 296 -18.49 31.94 -37.32
C GLN B 296 -20.00 32.08 -37.31
N LEU B 297 -20.60 31.87 -38.47
CA LEU B 297 -22.03 32.01 -38.56
C LEU B 297 -22.63 30.90 -39.39
N CYS B 298 -23.78 30.42 -38.93
CA CYS B 298 -24.51 29.40 -39.65
C CYS B 298 -25.95 29.38 -39.17
N ARG B 299 -26.78 28.64 -39.89
CA ARG B 299 -28.11 28.32 -39.41
C ARG B 299 -28.71 27.25 -40.28
N TYR B 300 -29.60 26.48 -39.68
CA TYR B 300 -30.39 25.53 -40.43
C TYR B 300 -31.47 26.39 -41.08
N GLY B 301 -31.56 26.35 -42.40
CA GLY B 301 -32.66 27.04 -43.05
C GLY B 301 -32.35 28.38 -43.69
N TYR B 302 -31.16 28.51 -44.29
CA TYR B 302 -30.91 29.57 -45.26
C TYR B 302 -31.74 29.22 -46.51
N GLN B 303 -32.70 30.07 -46.85
CA GLN B 303 -33.60 29.85 -47.98
C GLN B 303 -32.92 30.06 -49.30
N ASN B 304 -33.05 31.29 -49.80
CA ASN B 304 -32.36 31.76 -50.99
C ASN B 304 -30.83 31.59 -50.83
N ASP B 305 -30.20 31.13 -51.90
CA ASP B 305 -28.74 31.23 -52.06
C ASP B 305 -28.21 32.55 -51.45
N SER B 306 -28.96 33.62 -51.64
CA SER B 306 -28.49 34.97 -51.36
C SER B 306 -28.93 35.52 -50.01
N GLU B 307 -29.67 34.72 -49.25
CA GLU B 307 -29.99 35.11 -47.89
C GLU B 307 -28.69 35.08 -47.10
N ILE B 308 -27.73 34.32 -47.62
CA ILE B 308 -26.41 34.26 -47.02
C ILE B 308 -25.66 35.53 -47.33
N ALA B 309 -25.53 35.83 -48.62
CA ALA B 309 -24.82 37.04 -49.05
C ALA B 309 -25.41 38.25 -48.33
N SER B 310 -26.73 38.31 -48.30
CA SER B 310 -27.44 39.33 -47.54
C SER B 310 -26.92 39.41 -46.09
N LEU B 311 -26.61 38.25 -45.51
CA LEU B 311 -26.06 38.22 -44.17
C LEU B 311 -24.59 38.66 -44.13
N TYR B 312 -23.80 38.11 -45.04
CA TYR B 312 -22.37 38.41 -45.06
C TYR B 312 -22.15 39.91 -45.23
N ASP B 313 -22.99 40.51 -46.08
CA ASP B 313 -22.88 41.91 -46.40
C ASP B 313 -23.38 42.81 -45.29
N GLU B 314 -24.45 42.39 -44.62
CA GLU B 314 -24.96 43.14 -43.47
C GLU B 314 -23.95 43.13 -42.31
N MET B 315 -23.15 42.07 -42.22
CA MET B 315 -22.10 41.98 -41.20
C MET B 315 -20.95 42.95 -41.48
N VAL B 316 -20.26 42.76 -42.61
CA VAL B 316 -19.08 43.57 -42.93
C VAL B 316 -19.45 45.06 -42.96
N ALA B 317 -20.75 45.33 -43.06
CA ALA B 317 -21.25 46.70 -43.01
C ALA B 317 -21.18 47.25 -41.58
N ALA B 318 -21.57 46.41 -40.63
CA ALA B 318 -21.56 46.78 -39.21
C ALA B 318 -20.19 46.57 -38.58
N GLN B 319 -19.24 46.10 -39.40
CA GLN B 319 -17.85 45.91 -38.99
C GLN B 319 -17.68 44.97 -37.78
N ILE B 320 -18.58 43.98 -37.70
CA ILE B 320 -18.51 42.94 -36.69
C ILE B 320 -17.72 41.82 -37.31
N PRO B 321 -16.47 41.63 -36.84
CA PRO B 321 -15.54 40.69 -37.50
C PRO B 321 -15.98 39.21 -37.45
N TYR B 322 -15.71 38.47 -38.53
CA TYR B 322 -16.01 37.03 -38.55
C TYR B 322 -15.48 36.31 -39.78
N ASP B 323 -14.72 35.24 -39.53
CA ASP B 323 -13.94 34.52 -40.54
C ASP B 323 -14.59 33.36 -41.28
N VAL B 324 -15.66 32.79 -40.74
CA VAL B 324 -16.20 31.57 -41.33
C VAL B 324 -17.70 31.69 -41.55
N GLN B 325 -18.14 31.43 -42.78
CA GLN B 325 -19.59 31.40 -43.09
C GLN B 325 -20.02 30.02 -43.60
N TYR B 326 -21.15 29.54 -43.09
CA TYR B 326 -21.58 28.16 -43.31
C TYR B 326 -22.76 28.07 -44.24
N SER B 327 -23.15 26.83 -44.51
CA SER B 327 -24.50 26.53 -44.97
C SER B 327 -24.90 25.18 -44.39
N ASP B 328 -26.14 25.09 -43.91
CA ASP B 328 -26.68 23.81 -43.50
C ASP B 328 -27.13 23.04 -44.73
N ILE B 329 -27.75 21.87 -44.53
CA ILE B 329 -28.19 21.02 -45.64
C ILE B 329 -29.14 21.66 -46.66
N ASP B 330 -29.34 22.97 -46.58
CA ASP B 330 -30.20 23.66 -47.52
C ASP B 330 -29.49 23.84 -48.86
N TYR B 331 -28.16 23.91 -48.82
CA TYR B 331 -27.42 24.09 -50.05
C TYR B 331 -27.52 22.83 -50.91
N MET B 332 -27.92 21.73 -50.29
CA MET B 332 -28.08 20.49 -51.01
C MET B 332 -29.43 20.42 -51.66
N GLU B 333 -29.49 19.79 -52.83
CA GLU B 333 -30.77 19.54 -53.46
C GLU B 333 -31.47 18.43 -52.70
N ARG B 334 -32.57 18.78 -52.04
CA ARG B 334 -33.34 17.83 -51.26
C ARG B 334 -32.47 17.07 -50.25
N GLN B 335 -31.58 17.80 -49.57
CA GLN B 335 -30.74 17.25 -48.50
C GLN B 335 -29.89 16.05 -48.93
N LEU B 336 -29.53 16.00 -50.21
CA LEU B 336 -28.67 14.95 -50.72
C LEU B 336 -27.22 15.38 -50.61
N ASP B 337 -26.36 14.50 -50.12
CA ASP B 337 -24.93 14.78 -50.13
C ASP B 337 -24.46 15.03 -51.55
N PHE B 338 -23.66 16.08 -51.73
CA PHE B 338 -22.98 16.31 -53.01
C PHE B 338 -23.90 16.80 -54.17
N THR B 339 -25.00 17.46 -53.81
CA THR B 339 -25.90 18.03 -54.80
C THR B 339 -26.20 19.47 -54.42
N LEU B 340 -26.43 20.31 -55.42
CA LEU B 340 -26.64 21.73 -55.19
C LEU B 340 -28.05 22.12 -55.52
N SER B 341 -28.75 22.68 -54.53
CA SER B 341 -30.14 23.08 -54.72
C SER B 341 -30.21 24.16 -55.80
N PRO B 342 -31.23 24.06 -56.68
CA PRO B 342 -31.50 25.11 -57.67
C PRO B 342 -31.71 26.46 -56.97
N LYS B 343 -32.34 26.42 -55.81
CA LYS B 343 -32.56 27.60 -54.97
C LYS B 343 -31.22 28.19 -54.46
N PHE B 344 -30.12 27.69 -55.04
CA PHE B 344 -28.80 27.90 -54.46
C PHE B 344 -27.68 27.97 -55.50
N ALA B 345 -28.01 27.98 -56.78
CA ALA B 345 -26.95 28.09 -57.76
C ALA B 345 -26.36 29.49 -57.58
N GLY B 346 -25.16 29.70 -58.09
CA GLY B 346 -24.49 30.95 -57.76
C GLY B 346 -24.24 31.08 -56.26
N PHE B 347 -24.32 29.93 -55.56
CA PHE B 347 -23.72 29.80 -54.25
C PHE B 347 -22.22 29.77 -54.52
N PRO B 348 -21.78 28.93 -55.47
CA PRO B 348 -20.36 28.92 -55.83
C PRO B 348 -19.84 30.34 -56.00
N ALA B 349 -20.64 31.17 -56.67
CA ALA B 349 -20.31 32.59 -56.83
C ALA B 349 -20.03 33.25 -55.47
N LEU B 350 -20.98 33.11 -54.56
CA LEU B 350 -20.85 33.66 -53.22
C LEU B 350 -19.57 33.19 -52.50
N ILE B 351 -19.33 31.88 -52.49
CA ILE B 351 -18.15 31.32 -51.83
C ILE B 351 -16.95 32.11 -52.32
N ASN B 352 -16.68 31.98 -53.62
CA ASN B 352 -15.47 32.52 -54.24
C ASN B 352 -15.26 34.00 -53.98
N ARG B 353 -16.37 34.75 -53.98
CA ARG B 353 -16.35 36.16 -53.65
C ARG B 353 -15.91 36.41 -52.20
N MET B 354 -16.54 35.70 -51.24
CA MET B 354 -16.19 35.88 -49.84
C MET B 354 -14.76 35.44 -49.51
N LYS B 355 -14.35 34.29 -50.07
CA LYS B 355 -12.99 33.79 -49.84
C LYS B 355 -12.00 34.77 -50.43
N ALA B 356 -12.47 35.54 -51.40
CA ALA B 356 -11.67 36.57 -52.04
C ALA B 356 -11.44 37.80 -51.12
N ASP B 357 -12.46 38.17 -50.35
CA ASP B 357 -12.34 39.25 -49.38
C ASP B 357 -11.49 38.86 -48.17
N GLY B 358 -11.13 37.58 -48.09
CA GLY B 358 -10.36 37.06 -46.98
C GLY B 358 -11.17 36.20 -46.01
N MET B 359 -12.32 35.70 -46.46
CA MET B 359 -13.20 34.86 -45.64
C MET B 359 -12.97 33.37 -45.88
N ARG B 360 -13.59 32.56 -45.05
CA ARG B 360 -13.53 31.11 -45.17
C ARG B 360 -14.89 30.44 -44.99
N VAL B 361 -15.11 29.37 -45.73
CA VAL B 361 -16.40 28.72 -45.73
C VAL B 361 -16.32 27.24 -45.32
N ILE B 362 -17.23 26.83 -44.43
CA ILE B 362 -17.34 25.41 -44.05
C ILE B 362 -18.69 24.85 -44.50
N LEU B 363 -18.69 23.60 -44.92
CA LEU B 363 -19.88 22.95 -45.41
C LEU B 363 -20.23 21.69 -44.62
N ILE B 364 -21.53 21.45 -44.43
CA ILE B 364 -21.98 20.25 -43.73
C ILE B 364 -22.10 19.05 -44.67
N LEU B 365 -21.91 17.86 -44.12
CA LEU B 365 -22.15 16.63 -44.87
C LEU B 365 -22.69 15.60 -43.90
N ASP B 366 -23.79 14.96 -44.26
CA ASP B 366 -24.26 13.80 -43.49
C ASP B 366 -23.60 12.56 -44.09
N PRO B 367 -23.68 11.43 -43.39
CA PRO B 367 -23.15 10.16 -43.90
C PRO B 367 -24.15 9.30 -44.67
N ALA B 368 -25.43 9.43 -44.38
CA ALA B 368 -26.43 8.57 -45.02
C ALA B 368 -26.69 8.95 -46.47
N ILE B 369 -26.45 8.02 -47.39
CA ILE B 369 -26.66 8.30 -48.82
C ILE B 369 -27.99 7.77 -49.34
N SER B 370 -28.71 8.58 -50.13
CA SER B 370 -30.03 8.18 -50.64
C SER B 370 -29.94 7.25 -51.84
N GLY B 371 -30.86 6.29 -51.93
CA GLY B 371 -30.83 5.35 -53.03
C GLY B 371 -32.16 5.21 -53.73
N ASN B 372 -33.07 6.15 -53.45
CA ASN B 372 -34.41 6.10 -54.05
C ASN B 372 -34.51 7.24 -55.10
N GLU B 373 -33.35 7.62 -55.64
CA GLU B 373 -33.17 8.74 -56.58
C GLU B 373 -33.19 8.31 -58.05
N THR B 374 -33.95 9.02 -58.90
CA THR B 374 -34.17 8.61 -60.32
C THR B 374 -33.21 9.19 -61.37
N GLN B 375 -32.80 10.44 -61.19
CA GLN B 375 -31.79 11.03 -62.05
C GLN B 375 -30.46 10.33 -61.78
N PRO B 376 -29.39 10.75 -62.46
CA PRO B 376 -28.11 10.10 -62.13
C PRO B 376 -27.53 10.67 -60.83
N TYR B 377 -27.11 9.79 -59.93
CA TYR B 377 -26.56 10.20 -58.63
C TYR B 377 -25.24 9.46 -58.35
N PRO B 378 -24.12 10.03 -58.82
CA PRO B 378 -22.82 9.37 -58.67
C PRO B 378 -22.64 8.84 -57.25
N ALA B 379 -22.52 9.75 -56.29
CA ALA B 379 -22.36 9.38 -54.89
C ALA B 379 -22.99 8.02 -54.57
N PHE B 380 -24.30 7.88 -54.73
CA PHE B 380 -24.93 6.61 -54.34
C PHE B 380 -24.57 5.43 -55.23
N THR B 381 -24.46 5.69 -56.53
CA THR B 381 -24.18 4.65 -57.51
C THR B 381 -22.77 4.08 -57.38
N ARG B 382 -21.77 4.94 -57.48
CA ARG B 382 -20.39 4.52 -57.30
C ARG B 382 -20.15 3.99 -55.89
N GLY B 383 -21.08 4.30 -55.00
CA GLY B 383 -21.06 3.78 -53.65
C GLY B 383 -21.42 2.31 -53.68
N VAL B 384 -22.39 1.95 -54.51
CA VAL B 384 -22.80 0.57 -54.63
C VAL B 384 -21.76 -0.24 -55.42
N GLU B 385 -21.12 0.41 -56.40
CA GLU B 385 -20.07 -0.23 -57.19
C GLU B 385 -18.86 -0.61 -56.32
N ASP B 386 -18.26 0.40 -55.69
CA ASP B 386 -17.18 0.18 -54.75
C ASP B 386 -17.61 -0.65 -53.53
N ASP B 387 -18.91 -0.88 -53.41
CA ASP B 387 -19.47 -1.65 -52.30
C ASP B 387 -19.05 -1.09 -50.97
N VAL B 388 -19.46 0.16 -50.70
CA VAL B 388 -19.04 0.85 -49.50
C VAL B 388 -20.16 1.00 -48.48
N PHE B 389 -21.30 0.39 -48.76
CA PHE B 389 -22.41 0.54 -47.85
C PHE B 389 -22.49 -0.59 -46.82
N ILE B 390 -23.13 -0.31 -45.69
CA ILE B 390 -23.31 -1.30 -44.65
C ILE B 390 -24.54 -2.17 -44.95
N LYS B 391 -24.40 -3.48 -44.86
CA LYS B 391 -25.52 -4.39 -45.10
C LYS B 391 -25.47 -5.63 -44.22
N TYR B 392 -26.63 -6.29 -44.08
CA TYR B 392 -26.76 -7.47 -43.22
C TYR B 392 -25.74 -8.59 -43.51
N PRO B 393 -25.49 -9.48 -42.52
CA PRO B 393 -24.37 -10.41 -42.45
C PRO B 393 -24.34 -11.56 -43.48
N ASN B 394 -25.48 -12.15 -43.79
CA ASN B 394 -25.51 -13.28 -44.72
C ASN B 394 -25.70 -12.79 -46.15
N ASP B 395 -24.72 -12.00 -46.61
CA ASP B 395 -24.70 -11.44 -47.97
C ASP B 395 -25.97 -10.63 -48.30
N GLY B 396 -26.76 -10.34 -47.29
CA GLY B 396 -27.99 -9.58 -47.47
C GLY B 396 -27.84 -8.20 -48.08
N ASP B 397 -28.97 -7.59 -48.38
CA ASP B 397 -28.98 -6.29 -49.00
C ASP B 397 -28.62 -5.23 -47.97
N ILE B 398 -28.27 -4.04 -48.47
CA ILE B 398 -28.06 -2.84 -47.67
C ILE B 398 -29.06 -2.70 -46.52
N VAL B 399 -28.60 -2.16 -45.39
CA VAL B 399 -29.48 -1.88 -44.25
C VAL B 399 -30.01 -0.45 -44.38
N TRP B 400 -31.27 -0.34 -44.78
CA TRP B 400 -31.85 0.94 -45.15
C TRP B 400 -32.41 1.71 -43.96
N GLY B 401 -31.92 2.92 -43.73
CA GLY B 401 -32.52 3.78 -42.72
C GLY B 401 -33.21 4.97 -43.38
N LYS B 402 -33.54 5.99 -42.60
CA LYS B 402 -34.09 7.24 -43.13
C LYS B 402 -33.53 8.44 -42.38
N VAL B 403 -33.25 9.52 -43.08
CA VAL B 403 -32.78 10.75 -42.45
C VAL B 403 -33.28 11.91 -43.30
N TRP B 404 -32.47 12.96 -43.45
CA TRP B 404 -32.88 14.18 -44.12
C TRP B 404 -33.39 14.11 -45.57
N PRO B 405 -32.71 13.33 -46.44
CA PRO B 405 -33.04 13.26 -47.87
C PRO B 405 -34.49 12.93 -48.20
N ASP B 406 -35.04 13.61 -49.23
CA ASP B 406 -36.42 13.37 -49.66
C ASP B 406 -36.50 12.51 -50.91
N PHE B 407 -37.63 11.83 -51.08
CA PHE B 407 -37.85 11.07 -52.30
C PHE B 407 -37.81 12.09 -53.42
N PRO B 408 -37.79 11.62 -54.69
CA PRO B 408 -37.54 12.57 -55.78
C PRO B 408 -38.75 13.37 -56.29
N ASP B 409 -39.94 12.79 -56.32
CA ASP B 409 -41.10 13.52 -56.86
C ASP B 409 -42.12 13.93 -55.80
N VAL B 410 -42.00 13.37 -54.60
CA VAL B 410 -42.91 13.65 -53.51
C VAL B 410 -43.03 15.17 -53.21
N VAL B 411 -44.21 15.59 -52.75
CA VAL B 411 -44.47 17.00 -52.45
C VAL B 411 -44.53 17.27 -50.96
N VAL B 412 -43.60 18.06 -50.45
CA VAL B 412 -43.43 18.12 -49.00
C VAL B 412 -44.22 19.26 -48.34
N ASN B 413 -44.88 18.89 -47.24
CA ASN B 413 -45.69 19.76 -46.40
C ASN B 413 -45.08 19.87 -45.01
N GLY B 414 -44.34 20.94 -44.74
CA GLY B 414 -43.68 21.10 -43.45
C GLY B 414 -44.64 20.94 -42.28
N SER B 415 -45.90 21.30 -42.51
CA SER B 415 -46.93 21.27 -41.47
C SER B 415 -47.15 19.91 -40.79
N LEU B 416 -46.71 18.83 -41.41
CA LEU B 416 -47.15 17.49 -41.03
C LEU B 416 -46.48 16.85 -39.80
N ASP B 417 -47.17 15.89 -39.18
CA ASP B 417 -46.67 15.13 -38.03
C ASP B 417 -45.24 14.80 -38.36
N TRP B 418 -44.36 14.80 -37.36
CA TRP B 418 -42.96 14.51 -37.68
C TRP B 418 -42.79 13.04 -38.05
N ASP B 419 -43.68 12.18 -37.56
CA ASP B 419 -43.67 10.79 -38.00
C ASP B 419 -44.19 10.71 -39.42
N SER B 420 -45.35 11.31 -39.66
CA SER B 420 -45.96 11.34 -40.99
C SER B 420 -44.92 11.66 -42.05
N GLN B 421 -44.12 12.70 -41.82
CA GLN B 421 -43.06 13.07 -42.74
C GLN B 421 -42.07 11.94 -42.96
N VAL B 422 -41.56 11.33 -41.89
CA VAL B 422 -40.53 10.29 -42.01
C VAL B 422 -41.00 9.12 -42.87
N GLU B 423 -42.33 9.00 -43.05
CA GLU B 423 -42.84 7.89 -43.84
C GLU B 423 -43.13 8.29 -45.27
N LEU B 424 -43.78 9.42 -45.46
CA LEU B 424 -44.23 9.83 -46.80
C LEU B 424 -43.13 10.49 -47.63
N TYR B 425 -42.26 11.25 -46.99
CA TYR B 425 -41.29 12.10 -47.70
C TYR B 425 -39.84 11.63 -47.67
N ARG B 426 -39.39 11.06 -46.56
CA ARG B 426 -37.97 10.79 -46.34
C ARG B 426 -37.46 9.56 -47.11
N ALA B 427 -36.50 9.78 -48.01
CA ALA B 427 -35.93 8.71 -48.83
C ALA B 427 -35.20 7.66 -48.01
N TYR B 428 -35.13 6.43 -48.56
CA TYR B 428 -34.30 5.35 -48.00
C TYR B 428 -32.82 5.71 -48.18
N VAL B 429 -32.00 5.45 -47.16
CA VAL B 429 -30.60 5.87 -47.22
C VAL B 429 -29.69 4.74 -46.78
N ALA B 430 -28.49 4.67 -47.36
CA ALA B 430 -27.55 3.63 -47.02
C ALA B 430 -26.54 4.26 -46.12
N PHE B 431 -25.89 3.44 -45.29
CA PHE B 431 -24.89 3.96 -44.38
C PHE B 431 -23.48 3.47 -44.74
N PRO B 432 -22.61 4.38 -45.23
CA PRO B 432 -21.25 3.95 -45.57
C PRO B 432 -20.52 3.43 -44.35
N ASP B 433 -19.78 2.32 -44.50
CA ASP B 433 -18.95 1.76 -43.43
C ASP B 433 -17.55 2.35 -43.51
N PHE B 434 -17.24 3.32 -42.64
CA PHE B 434 -16.02 4.11 -42.81
C PHE B 434 -14.73 3.41 -42.39
N PHE B 435 -14.84 2.14 -42.00
CA PHE B 435 -13.65 1.40 -41.62
C PHE B 435 -12.91 0.96 -42.87
N ARG B 436 -13.68 0.71 -43.94
CA ARG B 436 -13.14 0.06 -45.14
C ARG B 436 -12.21 0.98 -45.91
N ASN B 437 -11.02 0.47 -46.26
CA ASN B 437 -10.09 1.21 -47.13
C ASN B 437 -10.87 1.65 -48.39
N SER B 438 -11.85 0.84 -48.78
CA SER B 438 -12.66 1.12 -49.96
C SER B 438 -13.56 2.37 -49.80
N THR B 439 -14.17 2.53 -48.62
CA THR B 439 -15.06 3.67 -48.35
C THR B 439 -14.25 4.95 -48.24
N ALA B 440 -12.97 4.81 -47.95
CA ALA B 440 -12.08 5.95 -47.95
C ALA B 440 -11.96 6.58 -49.34
N LYS B 441 -11.71 5.77 -50.37
CA LYS B 441 -11.57 6.30 -51.74
C LYS B 441 -12.83 7.02 -52.16
N TRP B 442 -13.95 6.29 -52.08
CA TRP B 442 -15.27 6.81 -52.41
C TRP B 442 -15.55 8.17 -51.77
N TRP B 443 -15.43 8.23 -50.45
CA TRP B 443 -15.63 9.44 -49.68
C TRP B 443 -14.67 10.55 -50.12
N LYS B 444 -13.37 10.26 -50.17
CA LYS B 444 -12.40 11.29 -50.57
C LYS B 444 -12.67 11.74 -52.01
N ARG B 445 -13.29 10.87 -52.80
CA ARG B 445 -13.56 11.16 -54.20
C ARG B 445 -14.80 12.02 -54.38
N GLU B 446 -15.81 11.80 -53.53
CA GLU B 446 -17.02 12.59 -53.57
C GLU B 446 -16.69 13.99 -53.08
N ILE B 447 -15.97 14.06 -51.96
CA ILE B 447 -15.44 15.31 -51.43
C ILE B 447 -14.61 16.00 -52.50
N GLU B 448 -13.80 15.22 -53.21
CA GLU B 448 -12.98 15.72 -54.30
C GLU B 448 -13.82 16.46 -55.32
N GLU B 449 -14.77 15.76 -55.92
CA GLU B 449 -15.57 16.33 -56.99
C GLU B 449 -16.61 17.30 -56.48
N LEU B 450 -16.52 17.68 -55.21
CA LEU B 450 -17.36 18.75 -54.70
C LEU B 450 -16.56 20.03 -54.90
N TYR B 451 -15.25 19.88 -54.83
CA TYR B 451 -14.33 20.99 -54.86
C TYR B 451 -13.98 21.30 -56.30
N ASN B 452 -13.83 20.22 -57.08
CA ASN B 452 -13.51 20.33 -58.50
C ASN B 452 -14.55 19.56 -59.27
N ASN B 453 -15.67 20.22 -59.54
CA ASN B 453 -16.79 19.60 -60.24
C ASN B 453 -16.34 19.21 -61.63
N PRO B 454 -16.29 17.90 -61.91
CA PRO B 454 -15.78 17.40 -63.19
C PRO B 454 -16.66 17.88 -64.34
N GLN B 455 -17.96 17.77 -64.16
CA GLN B 455 -18.89 18.17 -65.20
C GLN B 455 -19.03 19.68 -65.27
N ASN B 456 -19.60 20.28 -64.24
CA ASN B 456 -19.92 21.72 -64.26
C ASN B 456 -18.96 22.58 -63.41
N PRO B 457 -17.76 22.89 -63.94
CA PRO B 457 -16.79 23.63 -63.12
C PRO B 457 -17.30 24.98 -62.63
N GLU B 458 -18.50 25.36 -63.06
CA GLU B 458 -19.12 26.60 -62.58
C GLU B 458 -20.01 26.36 -61.34
N ARG B 459 -20.19 25.08 -61.00
CA ARG B 459 -20.95 24.70 -59.82
C ARG B 459 -20.04 23.99 -58.78
N SER B 460 -18.77 24.37 -58.77
CA SER B 460 -17.82 23.87 -57.78
C SER B 460 -17.87 24.69 -56.49
N LEU B 461 -18.02 24.01 -55.36
CA LEU B 461 -17.96 24.66 -54.06
C LEU B 461 -16.55 24.58 -53.50
N LYS B 462 -16.00 25.75 -53.19
CA LYS B 462 -14.62 25.83 -52.71
C LYS B 462 -14.57 25.96 -51.19
N PHE B 463 -14.93 24.87 -50.51
CA PHE B 463 -14.95 24.87 -49.05
C PHE B 463 -13.53 24.92 -48.44
N ASP B 464 -13.46 25.29 -47.18
CA ASP B 464 -12.18 25.36 -46.46
C ASP B 464 -12.08 24.30 -45.37
N GLY B 465 -13.23 23.94 -44.82
CA GLY B 465 -13.32 22.90 -43.80
C GLY B 465 -14.64 22.18 -43.89
N MET B 466 -14.67 20.95 -43.38
CA MET B 466 -15.85 20.11 -43.47
C MET B 466 -16.49 19.87 -42.09
N TRP B 467 -17.82 19.88 -42.06
CA TRP B 467 -18.56 19.70 -40.82
C TRP B 467 -19.39 18.43 -40.94
N ILE B 468 -18.82 17.28 -40.57
CA ILE B 468 -19.59 16.04 -40.56
C ILE B 468 -20.51 16.03 -39.35
N ASP B 469 -21.74 15.61 -39.55
CA ASP B 469 -22.78 15.72 -38.55
C ASP B 469 -23.68 14.50 -38.68
N MET B 470 -24.67 14.37 -37.81
CA MET B 470 -25.66 13.32 -37.95
C MET B 470 -25.05 11.91 -38.04
N ASN B 471 -23.84 11.76 -37.52
CA ASN B 471 -23.03 10.53 -37.67
C ASN B 471 -22.83 9.76 -36.38
N GLU B 472 -23.90 9.26 -35.77
CA GLU B 472 -23.70 8.51 -34.53
C GLU B 472 -23.65 7.01 -34.73
N PRO B 473 -24.29 6.46 -35.77
CA PRO B 473 -25.01 7.10 -36.88
C PRO B 473 -26.48 7.28 -36.54
N SER B 474 -27.01 8.48 -36.78
CA SER B 474 -28.42 8.78 -36.53
C SER B 474 -29.31 8.38 -37.69
N SER B 475 -30.34 7.62 -37.38
CA SER B 475 -31.40 7.27 -38.30
C SER B 475 -32.74 7.66 -37.66
N PHE B 476 -33.69 8.06 -38.50
CA PHE B 476 -35.00 8.50 -38.07
C PHE B 476 -35.96 7.32 -37.94
N VAL B 477 -35.45 6.10 -38.10
CA VAL B 477 -36.24 4.90 -37.78
C VAL B 477 -35.46 3.92 -36.92
N ASN B 478 -36.10 3.46 -35.85
CA ASN B 478 -35.47 2.58 -34.88
C ASN B 478 -35.07 1.25 -35.54
N GLY B 479 -33.81 1.16 -35.94
CA GLY B 479 -33.24 -0.08 -36.47
C GLY B 479 -32.99 0.01 -37.95
N ALA B 480 -33.98 -0.40 -38.71
CA ALA B 480 -33.95 -0.34 -40.15
C ALA B 480 -35.38 -0.33 -40.69
N VAL B 481 -35.50 -0.13 -41.99
CA VAL B 481 -36.68 0.54 -42.51
C VAL B 481 -38.03 -0.16 -42.36
N SER B 482 -38.26 -1.29 -43.01
CA SER B 482 -39.66 -1.67 -43.27
C SER B 482 -40.29 -2.67 -42.30
N PRO B 483 -39.92 -3.96 -42.42
CA PRO B 483 -40.33 -4.90 -41.37
C PRO B 483 -39.55 -4.53 -40.12
N GLY B 484 -38.25 -4.31 -40.31
CA GLY B 484 -37.36 -3.91 -39.24
C GLY B 484 -36.08 -4.72 -39.23
N CYS B 485 -35.84 -5.40 -38.12
CA CYS B 485 -34.54 -5.96 -37.85
C CYS B 485 -34.42 -7.48 -37.89
N ARG B 486 -34.96 -8.16 -36.87
CA ARG B 486 -34.79 -9.60 -36.63
C ARG B 486 -33.53 -10.02 -35.83
N ASP B 487 -33.51 -9.73 -34.51
CA ASP B 487 -32.42 -10.21 -33.65
C ASP B 487 -32.55 -9.91 -32.16
N ALA B 488 -31.61 -10.46 -31.40
CA ALA B 488 -31.52 -10.31 -29.95
C ALA B 488 -30.17 -9.69 -29.60
N SER B 489 -29.34 -9.52 -30.61
CA SER B 489 -28.13 -8.72 -30.50
C SER B 489 -28.62 -7.28 -30.40
N LEU B 490 -29.93 -7.10 -30.57
CA LEU B 490 -30.47 -5.79 -30.88
C LEU B 490 -31.31 -5.23 -29.74
N ASN B 491 -32.44 -5.87 -29.51
CA ASN B 491 -33.25 -5.53 -28.36
C ASN B 491 -32.80 -6.46 -27.28
N HIS B 492 -33.30 -6.21 -26.07
CA HIS B 492 -32.84 -6.93 -24.88
C HIS B 492 -31.51 -7.64 -25.13
N PRO B 493 -30.49 -6.92 -25.62
CA PRO B 493 -29.22 -7.59 -25.38
C PRO B 493 -29.20 -7.84 -23.88
N PRO B 494 -29.10 -9.10 -23.46
CA PRO B 494 -29.36 -9.58 -22.10
C PRO B 494 -29.38 -8.48 -21.03
N TYR B 495 -28.44 -7.54 -21.08
CA TYR B 495 -28.55 -6.37 -20.22
C TYR B 495 -28.64 -5.11 -21.06
N MET B 496 -29.75 -4.40 -20.93
CA MET B 496 -29.98 -3.16 -21.66
C MET B 496 -29.54 -1.98 -20.80
N PRO B 497 -28.38 -1.39 -21.10
CA PRO B 497 -27.85 -0.32 -20.25
C PRO B 497 -28.89 0.75 -19.98
N HIS B 498 -28.58 1.72 -19.12
CA HIS B 498 -29.54 2.75 -18.78
C HIS B 498 -29.47 3.89 -19.77
N LEU B 499 -29.91 3.62 -20.99
CA LEU B 499 -29.95 4.67 -22.01
C LEU B 499 -31.33 5.31 -22.08
N GLU B 500 -31.46 6.31 -22.95
CA GLU B 500 -32.72 6.94 -23.25
C GLU B 500 -33.55 5.98 -24.10
N SER B 501 -34.87 6.07 -24.02
CA SER B 501 -35.73 5.08 -24.65
C SER B 501 -35.29 3.64 -24.37
N ARG B 502 -35.09 3.30 -23.10
CA ARG B 502 -34.56 1.98 -22.78
C ARG B 502 -35.40 0.87 -23.39
N ASP B 503 -36.71 1.11 -23.49
CA ASP B 503 -37.64 0.07 -23.94
C ASP B 503 -37.49 -0.24 -25.42
N ARG B 504 -36.73 0.59 -26.12
CA ARG B 504 -36.57 0.44 -27.56
C ARG B 504 -35.31 -0.34 -27.97
N GLY B 505 -34.54 -0.80 -27.00
CA GLY B 505 -33.33 -1.54 -27.32
C GLY B 505 -32.29 -0.62 -27.93
N LEU B 506 -31.16 -1.21 -28.34
CA LEU B 506 -30.06 -0.43 -28.91
C LEU B 506 -30.37 0.05 -30.33
N SER B 507 -31.30 -0.64 -31.00
CA SER B 507 -31.80 -0.29 -32.33
C SER B 507 -32.22 1.18 -32.39
N SER B 508 -32.79 1.67 -31.29
CA SER B 508 -33.32 3.05 -31.23
C SER B 508 -32.51 4.09 -32.00
N LYS B 509 -33.22 4.85 -32.85
CA LYS B 509 -32.67 6.00 -33.58
C LYS B 509 -31.27 5.75 -34.14
N THR B 510 -31.09 4.55 -34.69
CA THR B 510 -29.84 4.19 -35.35
C THR B 510 -29.92 2.86 -36.10
N LEU B 511 -28.76 2.28 -36.36
CA LEU B 511 -28.65 1.11 -37.23
C LEU B 511 -28.93 -0.21 -36.53
N CYS B 512 -29.23 -1.25 -37.30
CA CYS B 512 -29.38 -2.59 -36.75
C CYS B 512 -28.09 -3.07 -36.10
N MET B 513 -28.20 -3.59 -34.89
CA MET B 513 -27.03 -4.03 -34.15
C MET B 513 -26.31 -5.19 -34.83
N GLU B 514 -27.04 -5.93 -35.67
CA GLU B 514 -26.48 -7.08 -36.38
C GLU B 514 -25.78 -6.66 -37.66
N SER B 515 -25.93 -5.39 -38.03
CA SER B 515 -25.41 -4.88 -39.28
C SER B 515 -23.92 -5.11 -39.34
N GLN B 516 -23.47 -5.74 -40.42
CA GLN B 516 -22.07 -6.08 -40.63
C GLN B 516 -21.25 -4.85 -40.98
N GLN B 517 -20.08 -4.73 -40.37
CA GLN B 517 -19.09 -3.77 -40.82
C GLN B 517 -17.80 -4.59 -40.95
N ILE B 518 -16.78 -4.01 -41.57
CA ILE B 518 -15.54 -4.73 -41.83
C ILE B 518 -14.33 -3.90 -41.42
N LEU B 519 -13.57 -4.38 -40.43
CA LEU B 519 -12.47 -3.58 -39.89
C LEU B 519 -11.46 -3.30 -40.98
N PRO B 520 -10.47 -2.44 -40.68
CA PRO B 520 -9.55 -2.10 -41.77
C PRO B 520 -8.68 -3.30 -42.14
N ASP B 521 -8.36 -4.12 -41.14
CA ASP B 521 -7.56 -5.33 -41.40
C ASP B 521 -8.28 -6.33 -42.31
N GLY B 522 -9.62 -6.26 -42.33
CA GLY B 522 -10.41 -7.10 -43.20
C GLY B 522 -11.30 -8.08 -42.47
N SER B 523 -11.15 -8.15 -41.15
CA SER B 523 -12.03 -9.03 -40.37
C SER B 523 -13.46 -8.46 -40.21
N LEU B 524 -14.39 -9.35 -39.83
CA LEU B 524 -15.82 -9.01 -39.78
C LEU B 524 -16.31 -8.69 -38.39
N VAL B 525 -16.93 -7.52 -38.24
CA VAL B 525 -17.41 -7.06 -36.94
C VAL B 525 -18.84 -6.62 -37.03
N GLN B 526 -19.65 -6.92 -36.01
CA GLN B 526 -21.05 -6.49 -36.04
C GLN B 526 -21.26 -5.11 -35.44
N HIS B 527 -22.32 -4.45 -35.86
CA HIS B 527 -22.49 -3.05 -35.45
C HIS B 527 -22.57 -2.94 -33.92
N TYR B 528 -23.05 -4.00 -33.29
CA TYR B 528 -23.08 -4.14 -31.82
C TYR B 528 -21.83 -3.63 -31.12
N ASN B 529 -20.66 -4.04 -31.62
CA ASN B 529 -19.40 -3.71 -30.98
C ASN B 529 -18.73 -2.42 -31.49
N VAL B 530 -19.19 -1.88 -32.60
CA VAL B 530 -18.52 -0.72 -33.17
C VAL B 530 -19.42 0.51 -33.35
N HIS B 531 -20.65 0.44 -32.83
CA HIS B 531 -21.55 1.57 -33.00
C HIS B 531 -20.95 2.85 -32.38
N ASN B 532 -20.52 2.79 -31.13
CA ASN B 532 -19.94 3.97 -30.50
C ASN B 532 -18.76 4.49 -31.29
N LEU B 533 -18.28 3.66 -32.19
CA LEU B 533 -17.06 3.92 -32.94
C LEU B 533 -17.31 4.59 -34.31
N TYR B 534 -18.57 4.69 -34.73
CA TYR B 534 -18.90 5.06 -36.12
C TYR B 534 -18.45 6.42 -36.58
N GLY B 535 -18.91 7.47 -35.93
CA GLY B 535 -18.49 8.81 -36.28
C GLY B 535 -16.99 8.98 -36.15
N TRP B 536 -16.40 8.24 -35.22
CA TRP B 536 -14.96 8.20 -35.12
C TRP B 536 -14.36 7.57 -36.38
N SER B 537 -14.96 6.47 -36.85
CA SER B 537 -14.46 5.73 -38.03
C SER B 537 -14.44 6.60 -39.27
N GLN B 538 -15.27 7.64 -39.24
CA GLN B 538 -15.47 8.56 -40.35
C GLN B 538 -14.61 9.82 -40.20
N THR B 539 -14.04 10.06 -39.03
CA THR B 539 -13.36 11.33 -38.82
C THR B 539 -12.05 11.48 -39.60
N ARG B 540 -11.13 10.53 -39.49
CA ARG B 540 -9.83 10.66 -40.18
C ARG B 540 -9.93 10.77 -41.71
N PRO B 541 -10.74 9.90 -42.36
CA PRO B 541 -10.86 10.00 -43.82
C PRO B 541 -11.38 11.37 -44.25
N THR B 542 -12.38 11.91 -43.56
CA THR B 542 -12.84 13.29 -43.77
C THR B 542 -11.75 14.37 -43.59
N TYR B 543 -10.99 14.28 -42.51
CA TYR B 543 -9.91 15.22 -42.26
C TYR B 543 -8.91 15.12 -43.39
N GLU B 544 -8.62 13.89 -43.81
CA GLU B 544 -7.74 13.67 -44.96
C GLU B 544 -8.33 14.16 -46.29
N ALA B 545 -9.63 13.95 -46.52
CA ALA B 545 -10.25 14.45 -47.74
C ALA B 545 -10.05 15.98 -47.90
N VAL B 546 -10.43 16.74 -46.89
CA VAL B 546 -10.20 18.19 -46.90
C VAL B 546 -8.73 18.58 -47.11
N GLN B 547 -7.84 17.83 -46.47
CA GLN B 547 -6.39 18.04 -46.61
C GLN B 547 -5.95 17.95 -48.08
N GLU B 548 -6.13 16.76 -48.65
CA GLU B 548 -5.72 16.50 -50.03
C GLU B 548 -6.35 17.49 -51.00
N VAL B 549 -7.67 17.64 -50.94
CA VAL B 549 -8.41 18.44 -51.91
C VAL B 549 -8.14 19.94 -51.81
N THR B 550 -7.86 20.45 -50.62
CA THR B 550 -7.64 21.90 -50.47
C THR B 550 -6.15 22.24 -50.44
N GLY B 551 -5.34 21.19 -50.43
CA GLY B 551 -3.89 21.35 -50.34
C GLY B 551 -3.49 22.05 -49.06
N GLN B 552 -4.48 22.37 -48.23
CA GLN B 552 -4.23 23.04 -46.97
C GLN B 552 -4.53 22.17 -45.74
N ARG B 553 -4.42 22.81 -44.58
CA ARG B 553 -4.54 22.16 -43.28
C ARG B 553 -6.01 21.84 -43.00
N GLY B 554 -6.87 22.84 -43.18
CA GLY B 554 -8.30 22.62 -43.03
C GLY B 554 -8.69 22.39 -41.58
N VAL B 555 -9.96 22.12 -41.37
CA VAL B 555 -10.49 21.80 -40.05
C VAL B 555 -11.69 20.87 -40.22
N VAL B 556 -11.89 19.94 -39.28
CA VAL B 556 -13.10 19.13 -39.29
C VAL B 556 -13.83 19.29 -37.95
N ILE B 557 -15.13 19.57 -38.02
CA ILE B 557 -16.01 19.56 -36.85
C ILE B 557 -16.86 18.29 -36.95
N THR B 558 -16.89 17.46 -35.91
CA THR B 558 -17.72 16.25 -35.97
C THR B 558 -18.62 16.12 -34.74
N ARG B 559 -19.77 15.47 -34.90
CA ARG B 559 -20.67 15.35 -33.77
C ARG B 559 -20.34 14.16 -32.86
N SER B 560 -20.34 12.96 -33.42
CA SER B 560 -20.02 11.77 -32.63
C SER B 560 -18.51 11.63 -32.43
N THR B 561 -18.10 11.49 -31.17
CA THR B 561 -16.69 11.32 -30.81
C THR B 561 -16.46 10.02 -30.05
N PHE B 562 -15.21 9.56 -30.05
CA PHE B 562 -14.78 8.48 -29.16
C PHE B 562 -13.36 8.85 -28.71
N PRO B 563 -12.81 8.20 -27.67
CA PRO B 563 -11.45 8.68 -27.37
C PRO B 563 -10.46 8.55 -28.54
N SER B 564 -9.75 9.65 -28.78
CA SER B 564 -8.78 9.86 -29.88
C SER B 564 -9.45 10.52 -31.08
N SER B 565 -10.77 10.53 -31.08
CA SER B 565 -11.57 11.26 -32.07
C SER B 565 -11.00 12.67 -32.30
N GLY B 566 -10.57 13.37 -31.25
CA GLY B 566 -10.03 14.71 -31.40
C GLY B 566 -8.63 14.84 -32.00
N ARG B 567 -8.05 13.72 -32.40
CA ARG B 567 -6.74 13.73 -33.03
C ARG B 567 -6.77 14.32 -34.46
N TRP B 568 -7.98 14.46 -35.01
CA TRP B 568 -8.18 14.84 -36.41
C TRP B 568 -9.25 15.91 -36.50
N ALA B 569 -10.08 15.99 -35.47
CA ALA B 569 -11.25 16.84 -35.49
C ALA B 569 -11.37 17.76 -34.26
N GLY B 570 -12.38 18.61 -34.30
CA GLY B 570 -12.81 19.33 -33.12
C GLY B 570 -14.23 18.86 -32.92
N HIS B 571 -15.00 19.59 -32.11
CA HIS B 571 -16.36 19.16 -31.80
C HIS B 571 -17.18 20.30 -31.22
N TRP B 572 -18.42 20.42 -31.68
CA TRP B 572 -19.35 21.36 -31.07
C TRP B 572 -20.30 20.54 -30.17
N LEU B 573 -21.00 21.21 -29.26
CA LEU B 573 -21.68 20.48 -28.19
C LEU B 573 -23.12 20.10 -28.52
N GLY B 574 -23.48 20.21 -29.80
CA GLY B 574 -24.75 19.72 -30.28
C GLY B 574 -25.97 20.64 -30.18
N ASP B 575 -27.13 20.02 -30.37
CA ASP B 575 -28.42 20.71 -30.46
C ASP B 575 -28.96 21.24 -29.13
N ASN B 576 -28.28 22.24 -28.56
CA ASN B 576 -28.75 22.89 -27.34
C ASN B 576 -30.03 23.69 -27.61
N THR B 577 -30.73 24.07 -26.54
CA THR B 577 -31.87 24.99 -26.63
C THR B 577 -31.46 26.39 -26.21
N ALA B 578 -32.10 27.42 -26.76
CA ALA B 578 -31.89 28.78 -26.28
C ALA B 578 -32.55 28.99 -24.90
N ALA B 579 -31.84 28.55 -23.86
CA ALA B 579 -32.30 28.64 -22.46
C ALA B 579 -31.16 29.03 -21.54
N TRP B 580 -31.48 29.63 -20.40
CA TRP B 580 -30.43 30.23 -19.55
C TRP B 580 -29.46 29.23 -18.95
N ASP B 581 -29.95 28.04 -18.58
CA ASP B 581 -29.07 27.03 -18.03
C ASP B 581 -28.00 26.66 -19.04
N GLN B 582 -28.34 26.75 -20.32
CA GLN B 582 -27.47 26.24 -21.37
C GLN B 582 -26.14 27.00 -21.46
N LEU B 583 -26.09 28.23 -20.96
CA LEU B 583 -24.80 28.92 -20.92
C LEU B 583 -23.83 28.16 -20.02
N LYS B 584 -24.22 27.95 -18.76
CA LYS B 584 -23.32 27.30 -17.82
C LYS B 584 -22.82 25.96 -18.36
N LYS B 585 -23.70 25.18 -18.99
CA LYS B 585 -23.33 23.85 -19.46
C LYS B 585 -22.23 23.90 -20.51
N SER B 586 -22.26 24.92 -21.36
CA SER B 586 -21.27 25.02 -22.43
C SER B 586 -19.87 25.11 -21.84
N ILE B 587 -19.75 25.76 -20.70
CA ILE B 587 -18.48 25.82 -19.98
C ILE B 587 -18.11 24.41 -19.52
N ILE B 588 -18.99 23.80 -18.74
CA ILE B 588 -18.83 22.40 -18.34
C ILE B 588 -18.40 21.53 -19.52
N GLY B 589 -19.23 21.50 -20.56
CA GLY B 589 -18.98 20.70 -21.74
C GLY B 589 -17.61 20.90 -22.36
N MET B 590 -17.22 22.15 -22.55
CA MET B 590 -15.91 22.44 -23.09
C MET B 590 -14.83 21.84 -22.21
N MET B 591 -14.89 22.11 -20.92
CA MET B 591 -13.84 21.66 -20.01
C MET B 591 -13.72 20.13 -20.06
N GLU B 592 -14.85 19.42 -19.93
CA GLU B 592 -14.86 17.96 -20.04
C GLU B 592 -14.20 17.49 -21.32
N PHE B 593 -14.42 18.20 -22.42
CA PHE B 593 -13.78 17.80 -23.67
C PHE B 593 -12.29 18.10 -23.69
N SER B 594 -11.85 19.16 -23.00
CA SER B 594 -10.41 19.36 -22.81
C SER B 594 -9.87 18.08 -22.20
N LEU B 595 -10.58 17.54 -21.21
CA LEU B 595 -10.16 16.31 -20.59
C LEU B 595 -10.15 15.18 -21.60
N PHE B 596 -11.18 15.10 -22.42
CA PHE B 596 -11.30 13.96 -23.34
C PHE B 596 -10.33 13.99 -24.49
N GLY B 597 -9.53 15.07 -24.60
CA GLY B 597 -8.47 15.15 -25.58
C GLY B 597 -8.89 15.82 -26.86
N ILE B 598 -9.88 16.71 -26.72
CA ILE B 598 -10.48 17.44 -27.82
C ILE B 598 -10.51 18.93 -27.47
N SER B 599 -9.57 19.69 -28.03
CA SER B 599 -9.34 21.09 -27.66
C SER B 599 -10.16 22.12 -28.44
N TYR B 600 -10.52 21.80 -29.69
CA TYR B 600 -11.32 22.71 -30.54
C TYR B 600 -12.83 22.48 -30.39
N THR B 601 -13.44 23.13 -29.39
CA THR B 601 -14.83 22.84 -29.03
C THR B 601 -15.58 24.11 -28.68
N GLY B 602 -16.91 24.02 -28.68
CA GLY B 602 -17.75 25.14 -28.31
C GLY B 602 -19.22 24.74 -28.35
N ALA B 603 -20.10 25.71 -28.10
CA ALA B 603 -21.55 25.47 -28.22
C ALA B 603 -22.16 26.31 -29.33
N ASP B 604 -23.48 26.20 -29.50
CA ASP B 604 -24.16 27.00 -30.51
C ASP B 604 -24.61 28.30 -29.87
N ILE B 605 -23.77 29.32 -30.05
CA ILE B 605 -23.95 30.63 -29.43
C ILE B 605 -25.34 31.22 -29.71
N CYS B 606 -26.06 31.49 -28.61
CA CYS B 606 -27.44 32.02 -28.60
C CYS B 606 -28.48 30.92 -28.59
N GLY B 607 -28.04 29.68 -28.80
CA GLY B 607 -28.92 28.54 -28.65
C GLY B 607 -29.55 28.09 -29.96
N PHE B 608 -29.31 26.82 -30.29
CA PHE B 608 -29.84 26.21 -31.50
C PHE B 608 -31.35 26.20 -31.46
N PHE B 609 -31.90 25.22 -30.75
CA PHE B 609 -33.34 25.08 -30.59
C PHE B 609 -34.04 26.32 -30.00
N GLN B 610 -35.16 26.70 -30.61
CA GLN B 610 -36.01 27.78 -30.10
C GLN B 610 -35.52 29.21 -30.38
N ASP B 611 -36.44 30.16 -30.21
CA ASP B 611 -36.19 31.57 -30.49
C ASP B 611 -35.28 32.21 -29.47
N ALA B 612 -34.31 32.97 -29.96
CA ALA B 612 -33.38 33.66 -29.06
C ALA B 612 -34.09 34.78 -28.30
N GLU B 613 -33.67 35.07 -27.07
CA GLU B 613 -34.11 36.29 -26.39
C GLU B 613 -32.99 37.30 -26.44
N TYR B 614 -33.34 38.57 -26.57
CA TYR B 614 -32.34 39.62 -26.67
C TYR B 614 -31.27 39.48 -25.58
N GLU B 615 -31.66 39.51 -24.31
CA GLU B 615 -30.65 39.56 -23.25
C GLU B 615 -29.76 38.30 -23.22
N MET B 616 -30.41 37.14 -23.15
CA MET B 616 -29.70 35.86 -23.14
C MET B 616 -28.70 35.83 -24.26
N CYS B 617 -29.15 36.29 -25.42
CA CYS B 617 -28.32 36.23 -26.62
C CYS B 617 -27.16 37.23 -26.55
N VAL B 618 -27.33 38.32 -25.82
CA VAL B 618 -26.22 39.24 -25.58
C VAL B 618 -25.20 38.50 -24.73
N ARG B 619 -25.64 38.05 -23.57
CA ARG B 619 -24.79 37.27 -22.67
C ARG B 619 -24.02 36.14 -23.38
N TRP B 620 -24.67 35.51 -24.35
CA TRP B 620 -24.12 34.31 -24.97
C TRP B 620 -23.05 34.67 -26.00
N MET B 621 -23.30 35.74 -26.75
CA MET B 621 -22.27 36.29 -27.62
C MET B 621 -21.04 36.66 -26.78
N GLN B 622 -21.27 37.12 -25.56
CA GLN B 622 -20.17 37.51 -24.71
C GLN B 622 -19.34 36.29 -24.25
N LEU B 623 -19.99 35.35 -23.57
CA LEU B 623 -19.33 34.10 -23.16
C LEU B 623 -18.70 33.40 -24.36
N GLY B 624 -19.54 33.07 -25.33
CA GLY B 624 -19.13 32.35 -26.53
C GLY B 624 -18.07 33.00 -27.40
N ALA B 625 -17.86 34.30 -27.22
CA ALA B 625 -16.77 34.98 -27.90
C ALA B 625 -15.45 34.46 -27.37
N PHE B 626 -15.53 33.54 -26.42
CA PHE B 626 -14.33 32.93 -25.87
C PHE B 626 -14.31 31.39 -25.89
N TYR B 627 -15.21 30.79 -26.66
CA TYR B 627 -15.05 29.40 -27.09
C TYR B 627 -13.93 29.30 -28.14
N PRO B 628 -13.07 28.27 -28.03
CA PRO B 628 -12.08 28.04 -29.09
C PRO B 628 -12.77 27.85 -30.43
N PHE B 629 -14.06 27.54 -30.37
CA PHE B 629 -14.85 27.30 -31.57
C PHE B 629 -16.08 28.17 -31.39
N SER B 630 -16.00 29.41 -31.86
CA SER B 630 -17.03 30.38 -31.55
C SER B 630 -18.02 30.52 -32.68
N ARG B 631 -19.07 29.71 -32.67
CA ARG B 631 -20.02 29.76 -33.78
C ARG B 631 -21.44 30.07 -33.32
N ASN B 632 -22.17 30.84 -34.13
CA ASN B 632 -23.57 31.17 -33.86
C ASN B 632 -24.49 30.41 -34.80
N HIS B 633 -24.98 29.28 -34.31
CA HIS B 633 -25.83 28.39 -35.10
C HIS B 633 -27.24 28.47 -34.54
N ASN B 634 -28.19 27.93 -35.31
CA ASN B 634 -29.60 28.11 -34.96
C ASN B 634 -30.45 27.16 -35.79
N THR B 635 -31.57 26.69 -35.23
CA THR B 635 -32.38 25.71 -35.95
C THR B 635 -33.25 26.38 -37.02
N ILE B 636 -34.17 25.61 -37.58
CA ILE B 636 -34.85 25.96 -38.81
C ILE B 636 -35.94 27.03 -38.68
N GLY B 637 -37.02 26.74 -37.95
CA GLY B 637 -38.18 27.62 -37.89
C GLY B 637 -37.96 28.92 -37.12
N THR B 638 -37.22 28.83 -36.03
CA THR B 638 -36.91 29.95 -35.14
C THR B 638 -36.59 31.24 -35.90
N ARG B 639 -36.78 32.37 -35.24
CA ARG B 639 -36.36 33.67 -35.76
C ARG B 639 -34.85 33.77 -35.77
N ARG B 640 -34.29 34.52 -36.72
CA ARG B 640 -32.84 34.67 -36.81
C ARG B 640 -32.28 35.35 -35.56
N GLN B 641 -31.03 35.02 -35.25
CA GLN B 641 -30.44 35.39 -33.98
C GLN B 641 -28.97 35.75 -34.12
N ASP B 642 -28.55 36.06 -35.34
CA ASP B 642 -27.17 36.47 -35.57
C ASP B 642 -27.00 37.87 -35.03
N PRO B 643 -25.74 38.37 -34.96
CA PRO B 643 -25.43 39.72 -34.43
C PRO B 643 -26.13 40.90 -35.14
N VAL B 644 -26.39 40.80 -36.44
CA VAL B 644 -27.03 41.91 -37.15
C VAL B 644 -28.53 41.70 -37.38
N SER B 645 -29.20 41.05 -36.43
CA SER B 645 -30.63 40.81 -36.58
C SER B 645 -31.36 41.29 -35.33
N TRP B 646 -30.71 42.17 -34.58
CA TRP B 646 -31.28 42.66 -33.34
C TRP B 646 -31.50 44.15 -33.43
N ASP B 647 -30.52 44.91 -32.94
CA ASP B 647 -30.58 46.36 -33.04
C ASP B 647 -29.21 47.00 -32.89
N VAL B 648 -29.16 48.31 -33.06
CA VAL B 648 -27.90 49.05 -33.07
C VAL B 648 -27.15 48.76 -31.80
N ALA B 649 -27.89 48.66 -30.70
CA ALA B 649 -27.31 48.37 -29.39
C ALA B 649 -26.52 47.05 -29.43
N PHE B 650 -27.21 46.02 -29.93
CA PHE B 650 -26.61 44.71 -30.05
C PHE B 650 -25.41 44.76 -30.97
N VAL B 651 -25.63 45.16 -32.22
CA VAL B 651 -24.54 45.23 -33.17
C VAL B 651 -23.33 45.88 -32.54
N ASN B 652 -23.56 46.99 -31.83
CA ASN B 652 -22.45 47.75 -31.23
C ASN B 652 -21.71 46.88 -30.21
N ILE B 653 -22.46 46.23 -29.33
CA ILE B 653 -21.87 45.34 -28.32
C ILE B 653 -21.07 44.18 -28.93
N SER B 654 -21.68 43.44 -29.85
CA SER B 654 -21.01 42.32 -30.51
C SER B 654 -19.69 42.73 -31.16
N ARG B 655 -19.59 44.00 -31.57
CA ARG B 655 -18.36 44.54 -32.15
C ARG B 655 -17.26 44.56 -31.09
N THR B 656 -17.59 45.10 -29.92
CA THR B 656 -16.61 45.25 -28.85
C THR B 656 -16.01 43.91 -28.40
N VAL B 657 -16.88 42.94 -28.10
CA VAL B 657 -16.47 41.64 -27.58
C VAL B 657 -15.69 40.79 -28.61
N LEU B 658 -16.22 40.70 -29.83
CA LEU B 658 -15.53 40.03 -30.93
C LEU B 658 -14.18 40.67 -31.23
N GLN B 659 -14.08 41.97 -30.98
CA GLN B 659 -12.79 42.65 -31.14
C GLN B 659 -11.85 42.07 -30.09
N THR B 660 -12.30 42.10 -28.84
CA THR B 660 -11.46 41.62 -27.75
C THR B 660 -10.90 40.27 -28.15
N ARG B 661 -11.76 39.38 -28.63
CA ARG B 661 -11.32 38.04 -28.96
C ARG B 661 -10.25 38.04 -30.06
N TYR B 662 -10.46 38.87 -31.07
CA TYR B 662 -9.55 38.89 -32.22
C TYR B 662 -8.18 39.42 -31.78
N THR B 663 -8.13 39.88 -30.54
CA THR B 663 -6.92 40.39 -29.93
C THR B 663 -6.14 39.25 -29.31
N LEU B 664 -6.88 38.37 -28.61
CA LEU B 664 -6.28 37.22 -27.95
C LEU B 664 -5.69 36.25 -28.97
N LEU B 665 -6.14 36.37 -30.23
CA LEU B 665 -5.84 35.39 -31.27
C LEU B 665 -4.42 34.76 -31.30
N PRO B 666 -3.36 35.58 -31.20
CA PRO B 666 -2.02 34.99 -31.30
C PRO B 666 -1.70 34.11 -30.07
N TYR B 667 -2.31 34.47 -28.95
CA TYR B 667 -2.18 33.72 -27.70
C TYR B 667 -2.97 32.43 -27.84
N LEU B 668 -4.23 32.58 -28.25
CA LEU B 668 -5.12 31.45 -28.49
C LEU B 668 -4.50 30.47 -29.48
N TYR B 669 -3.93 30.99 -30.56
CA TYR B 669 -3.27 30.14 -31.54
C TYR B 669 -2.09 29.37 -30.92
N THR B 670 -1.31 30.00 -30.06
CA THR B 670 -0.20 29.24 -29.47
C THR B 670 -0.71 28.18 -28.49
N LEU B 671 -1.75 28.51 -27.71
CA LEU B 671 -2.37 27.52 -26.84
C LEU B 671 -2.77 26.29 -27.65
N MET B 672 -3.32 26.54 -28.84
CA MET B 672 -3.63 25.47 -29.78
C MET B 672 -2.36 24.72 -30.19
N HIS B 673 -1.30 25.48 -30.43
CA HIS B 673 -0.01 24.86 -30.71
C HIS B 673 0.52 24.00 -29.54
N LYS B 674 0.48 24.54 -28.32
CA LYS B 674 0.99 23.81 -27.17
C LYS B 674 0.15 22.56 -26.95
N ALA B 675 -1.15 22.70 -27.12
CA ALA B 675 -2.05 21.59 -26.89
C ALA B 675 -1.76 20.47 -27.88
N HIS B 676 -1.46 20.81 -29.12
CA HIS B 676 -1.19 19.78 -30.12
C HIS B 676 0.15 19.08 -29.88
N THR B 677 1.12 19.80 -29.33
CA THR B 677 2.50 19.30 -29.25
C THR B 677 2.89 18.84 -27.86
N GLU B 678 2.20 19.33 -26.84
CA GLU B 678 2.51 19.01 -25.46
C GLU B 678 1.40 18.20 -24.76
N GLY B 679 0.18 18.30 -25.27
CA GLY B 679 -0.94 17.59 -24.67
C GLY B 679 -1.72 18.41 -23.66
N VAL B 680 -1.06 19.43 -23.11
CA VAL B 680 -1.70 20.45 -22.27
C VAL B 680 -3.14 20.86 -22.74
N THR B 681 -3.91 21.53 -21.85
CA THR B 681 -5.30 21.91 -22.13
C THR B 681 -5.42 23.32 -22.70
N VAL B 682 -6.60 23.62 -23.25
CA VAL B 682 -6.89 24.94 -23.82
C VAL B 682 -7.96 25.66 -22.98
N VAL B 683 -9.24 25.31 -23.14
CA VAL B 683 -10.20 25.70 -22.11
C VAL B 683 -9.81 24.93 -20.86
N ARG B 684 -9.27 25.64 -19.88
CA ARG B 684 -8.67 24.98 -18.73
C ARG B 684 -9.36 25.40 -17.45
N PRO B 685 -9.95 24.44 -16.73
CA PRO B 685 -10.66 24.62 -15.46
C PRO B 685 -9.76 25.26 -14.44
N LEU B 686 -10.32 26.03 -13.51
CA LEU B 686 -9.50 26.78 -12.57
C LEU B 686 -8.70 25.82 -11.71
N LEU B 687 -9.35 24.76 -11.27
CA LEU B 687 -8.69 23.78 -10.41
C LEU B 687 -7.41 23.22 -11.02
N HIS B 688 -7.25 23.35 -12.34
CA HIS B 688 -6.04 22.82 -13.00
C HIS B 688 -4.76 23.60 -12.72
N GLU B 689 -4.93 24.91 -12.50
CA GLU B 689 -3.81 25.80 -12.23
C GLU B 689 -3.63 26.16 -10.75
N PHE B 690 -4.66 25.88 -9.95
CA PHE B 690 -4.67 26.24 -8.53
C PHE B 690 -5.18 25.09 -7.67
N VAL B 691 -4.59 23.91 -7.82
CA VAL B 691 -5.13 22.70 -7.21
C VAL B 691 -5.18 22.74 -5.69
N SER B 692 -4.17 23.37 -5.09
CA SER B 692 -4.08 23.47 -3.63
C SER B 692 -5.23 24.29 -3.05
N ASP B 693 -5.87 25.08 -3.90
CA ASP B 693 -7.01 25.86 -3.46
C ASP B 693 -8.29 25.08 -3.70
N GLN B 694 -8.79 24.48 -2.63
CA GLN B 694 -9.94 23.58 -2.72
C GLN B 694 -11.25 24.32 -3.05
N VAL B 695 -11.19 25.66 -3.13
CA VAL B 695 -12.38 26.39 -3.53
C VAL B 695 -12.60 26.17 -5.02
N THR B 696 -11.51 26.00 -5.76
CA THR B 696 -11.55 25.86 -7.21
C THR B 696 -11.99 24.48 -7.65
N TRP B 697 -11.88 23.51 -6.75
CA TRP B 697 -12.32 22.15 -7.04
C TRP B 697 -13.80 22.12 -7.46
N ASP B 698 -14.51 23.18 -7.15
CA ASP B 698 -15.94 23.14 -7.27
C ASP B 698 -16.51 24.25 -8.13
N ILE B 699 -15.67 25.19 -8.56
CA ILE B 699 -16.16 26.28 -9.39
C ILE B 699 -16.13 25.86 -10.86
N ASP B 700 -17.30 25.98 -11.50
CA ASP B 700 -17.54 25.54 -12.86
C ASP B 700 -18.30 26.62 -13.64
N SER B 701 -18.22 27.86 -13.16
CA SER B 701 -19.00 28.95 -13.70
C SER B 701 -18.06 29.98 -14.34
N GLN B 702 -16.79 29.59 -14.45
CA GLN B 702 -15.77 30.45 -15.04
C GLN B 702 -14.55 29.61 -15.37
N PHE B 703 -13.88 29.95 -16.45
CA PHE B 703 -12.78 29.13 -16.91
C PHE B 703 -11.57 29.94 -17.33
N LEU B 704 -10.46 29.26 -17.53
CA LEU B 704 -9.28 29.87 -18.09
C LEU B 704 -9.18 29.53 -19.58
N LEU B 705 -8.41 30.32 -20.30
CA LEU B 705 -7.92 29.92 -21.61
C LEU B 705 -6.42 29.82 -21.43
N GLY B 706 -5.89 28.60 -21.49
CA GLY B 706 -4.51 28.38 -21.10
C GLY B 706 -4.38 28.84 -19.65
N PRO B 707 -3.14 29.10 -19.20
CA PRO B 707 -2.95 29.45 -17.79
C PRO B 707 -3.30 30.90 -17.45
N ALA B 708 -3.08 31.83 -18.40
CA ALA B 708 -3.08 33.26 -18.06
C ALA B 708 -4.42 34.00 -18.16
N PHE B 709 -5.35 33.48 -18.94
CA PHE B 709 -6.55 34.26 -19.22
C PHE B 709 -7.80 33.76 -18.51
N LEU B 710 -8.35 34.57 -17.61
CA LEU B 710 -9.47 34.15 -16.77
C LEU B 710 -10.78 34.82 -17.16
N VAL B 711 -11.69 34.03 -17.73
CA VAL B 711 -12.98 34.52 -18.20
C VAL B 711 -14.04 34.31 -17.14
N SER B 712 -14.71 35.38 -16.72
CA SER B 712 -15.65 35.29 -15.62
C SER B 712 -17.00 35.82 -16.08
N PRO B 713 -17.78 34.94 -16.70
CA PRO B 713 -18.99 35.27 -17.46
C PRO B 713 -20.19 35.56 -16.57
N VAL B 714 -21.15 36.27 -17.14
CA VAL B 714 -22.42 36.51 -16.50
C VAL B 714 -23.41 35.49 -17.08
N LEU B 715 -23.93 34.59 -16.24
CA LEU B 715 -24.75 33.51 -16.75
C LEU B 715 -26.18 33.54 -16.22
N GLU B 716 -26.55 34.66 -15.60
CA GLU B 716 -27.91 34.81 -15.09
C GLU B 716 -28.64 35.89 -15.88
N ARG B 717 -29.97 35.85 -15.86
CA ARG B 717 -30.78 36.77 -16.66
C ARG B 717 -30.61 38.26 -16.27
N ASN B 718 -31.52 38.76 -15.43
CA ASN B 718 -31.57 40.18 -15.11
C ASN B 718 -30.29 40.74 -14.47
N ALA B 719 -29.45 39.84 -13.97
CA ALA B 719 -28.23 40.26 -13.27
C ALA B 719 -27.35 41.19 -14.10
N ARG B 720 -26.88 42.26 -13.46
CA ARG B 720 -25.91 43.16 -14.08
C ARG B 720 -24.67 43.35 -13.20
N ASN B 721 -24.39 42.34 -12.40
CA ASN B 721 -23.15 42.23 -11.62
C ASN B 721 -22.80 40.73 -11.45
N VAL B 722 -21.55 40.40 -11.14
CA VAL B 722 -21.19 38.98 -11.02
C VAL B 722 -20.20 38.69 -9.91
N THR B 723 -20.59 37.83 -8.99
CA THR B 723 -19.65 37.32 -8.02
C THR B 723 -18.84 36.22 -8.71
N ALA B 724 -17.52 36.28 -8.55
CA ALA B 724 -16.58 35.38 -9.21
C ALA B 724 -15.37 35.16 -8.32
N TYR B 725 -14.83 33.96 -8.33
CA TYR B 725 -13.70 33.66 -7.47
C TYR B 725 -12.41 34.12 -8.14
N PHE B 726 -11.49 34.64 -7.33
CA PHE B 726 -10.17 35.01 -7.80
C PHE B 726 -9.12 34.36 -6.88
N PRO B 727 -8.42 33.33 -7.38
CA PRO B 727 -7.40 32.58 -6.66
C PRO B 727 -6.22 33.45 -6.20
N ARG B 728 -5.34 32.89 -5.38
CA ARG B 728 -4.16 33.59 -4.88
C ARG B 728 -3.12 33.86 -5.98
N ALA B 729 -3.23 35.04 -6.60
CA ALA B 729 -2.28 35.50 -7.61
C ALA B 729 -2.81 36.83 -8.15
N ARG B 730 -2.12 37.45 -9.10
CA ARG B 730 -2.54 38.76 -9.58
C ARG B 730 -3.50 38.71 -10.78
N TRP B 731 -4.61 39.44 -10.68
CA TRP B 731 -5.61 39.44 -11.76
C TRP B 731 -5.87 40.82 -12.40
N TYR B 732 -5.01 41.20 -13.32
CA TYR B 732 -5.16 42.45 -14.06
C TYR B 732 -6.36 42.44 -15.02
N ASP B 733 -7.30 43.37 -14.80
CA ASP B 733 -8.46 43.52 -15.69
C ASP B 733 -8.01 43.79 -17.13
N TYR B 734 -8.32 42.86 -18.03
CA TYR B 734 -7.81 42.89 -19.41
C TYR B 734 -8.00 44.22 -20.16
N TYR B 735 -9.06 44.95 -19.81
CA TYR B 735 -9.43 46.18 -20.50
C TYR B 735 -8.57 47.38 -20.09
N THR B 736 -8.42 47.56 -18.78
CA THR B 736 -7.85 48.78 -18.20
C THR B 736 -6.38 48.63 -17.79
N GLY B 737 -6.01 47.45 -17.28
CA GLY B 737 -4.64 47.17 -16.86
C GLY B 737 -4.45 47.19 -15.36
N VAL B 738 -5.53 47.44 -14.63
CA VAL B 738 -5.49 47.49 -13.17
C VAL B 738 -5.68 46.13 -12.51
N ASP B 739 -4.80 45.78 -11.57
CA ASP B 739 -5.00 44.59 -10.73
C ASP B 739 -6.28 44.77 -9.93
N ILE B 740 -7.20 43.80 -10.07
CA ILE B 740 -8.44 43.81 -9.28
C ILE B 740 -8.07 43.91 -7.80
N ASN B 741 -7.24 42.96 -7.35
CA ASN B 741 -6.64 42.92 -6.01
C ASN B 741 -7.43 42.05 -5.04
N ALA B 742 -7.83 40.89 -5.51
CA ALA B 742 -8.39 39.90 -4.62
C ALA B 742 -7.40 38.76 -4.65
N ARG B 743 -7.22 38.09 -3.52
CA ARG B 743 -6.36 36.92 -3.52
C ARG B 743 -7.10 35.86 -2.75
N GLY B 744 -7.36 34.76 -3.44
CA GLY B 744 -8.18 33.69 -2.89
C GLY B 744 -9.46 34.24 -2.29
N GLU B 745 -10.16 35.06 -3.06
CA GLU B 745 -11.32 35.79 -2.59
C GLU B 745 -12.47 35.80 -3.56
N TRP B 746 -13.67 35.93 -3.00
CA TRP B 746 -14.84 36.14 -3.82
C TRP B 746 -15.13 37.62 -3.91
N LYS B 747 -14.94 38.20 -5.10
CA LYS B 747 -15.44 39.54 -5.35
C LYS B 747 -16.78 39.51 -6.05
N THR B 748 -17.43 40.66 -6.03
CA THR B 748 -18.57 40.90 -6.90
C THR B 748 -18.23 42.10 -7.78
N LEU B 749 -17.62 41.81 -8.92
CA LEU B 749 -17.28 42.85 -9.87
C LEU B 749 -18.55 43.34 -10.55
N PRO B 750 -18.48 44.55 -11.11
CA PRO B 750 -19.58 45.16 -11.86
C PRO B 750 -19.63 44.60 -13.29
N ALA B 751 -20.83 44.26 -13.75
CA ALA B 751 -21.00 43.73 -15.10
C ALA B 751 -22.22 44.31 -15.84
N PRO B 752 -22.02 45.45 -16.53
CA PRO B 752 -23.07 46.03 -17.37
C PRO B 752 -23.53 45.01 -18.42
N LEU B 753 -24.60 45.35 -19.15
CA LEU B 753 -25.09 44.49 -20.23
C LEU B 753 -24.15 44.54 -21.46
N ASP B 754 -23.18 45.44 -21.43
CA ASP B 754 -22.22 45.55 -22.52
C ASP B 754 -20.79 45.08 -22.13
N HIS B 755 -20.68 44.42 -20.98
CA HIS B 755 -19.37 44.07 -20.43
C HIS B 755 -19.28 42.58 -20.07
N ILE B 756 -18.08 42.01 -20.19
CA ILE B 756 -17.77 40.70 -19.62
C ILE B 756 -16.35 40.72 -19.09
N ASN B 757 -16.20 40.48 -17.79
CA ASN B 757 -14.89 40.63 -17.13
C ASN B 757 -13.85 39.61 -17.58
N LEU B 758 -12.74 40.11 -18.11
CA LEU B 758 -11.62 39.25 -18.42
C LEU B 758 -10.45 39.73 -17.57
N HIS B 759 -9.57 38.81 -17.18
CA HIS B 759 -8.43 39.16 -16.34
C HIS B 759 -7.19 38.37 -16.72
N VAL B 760 -6.02 39.01 -16.58
CA VAL B 760 -4.76 38.32 -16.92
C VAL B 760 -3.88 37.98 -15.72
N ARG B 761 -3.59 36.69 -15.57
CA ARG B 761 -2.79 36.16 -14.46
C ARG B 761 -1.38 36.75 -14.40
N GLY B 762 -1.09 37.46 -13.30
CA GLY B 762 0.22 38.01 -13.06
C GLY B 762 1.28 36.94 -13.22
N GLY B 763 2.31 37.23 -14.00
CA GLY B 763 3.37 36.27 -14.22
C GLY B 763 3.42 35.80 -15.66
N TYR B 764 2.46 36.26 -16.45
CA TYR B 764 2.33 35.80 -17.82
C TYR B 764 2.32 36.98 -18.79
N ILE B 765 2.92 36.79 -19.96
CA ILE B 765 2.83 37.79 -21.02
C ILE B 765 2.16 37.24 -22.30
N LEU B 766 1.16 37.98 -22.76
CA LEU B 766 0.27 37.59 -23.84
C LEU B 766 0.59 38.31 -25.15
N PRO B 767 0.97 37.57 -26.19
CA PRO B 767 0.99 38.23 -27.49
C PRO B 767 -0.43 38.61 -27.87
N TRP B 768 -0.64 39.76 -28.49
CA TRP B 768 -1.96 40.21 -28.86
C TRP B 768 -1.89 41.00 -30.17
N GLN B 769 -2.87 40.81 -31.05
CA GLN B 769 -2.87 41.52 -32.32
C GLN B 769 -4.09 42.42 -32.48
N GLU B 770 -3.96 43.41 -33.35
CA GLU B 770 -5.03 44.36 -33.60
C GLU B 770 -6.17 43.70 -34.38
N PRO B 771 -7.41 43.94 -33.95
CA PRO B 771 -8.59 43.31 -34.57
C PRO B 771 -8.89 43.81 -35.99
N ALA B 772 -9.08 42.88 -36.91
CA ALA B 772 -9.56 43.21 -38.26
C ALA B 772 -10.98 42.67 -38.49
N LEU B 773 -11.46 42.79 -39.72
CA LEU B 773 -12.77 42.25 -40.06
C LEU B 773 -12.67 40.76 -40.36
N ASN B 774 -11.44 40.26 -40.31
CA ASN B 774 -11.15 38.84 -40.54
C ASN B 774 -9.67 38.60 -40.43
N THR B 775 -9.29 37.38 -40.03
CA THR B 775 -7.90 37.01 -39.76
C THR B 775 -6.96 37.41 -40.89
N HIS B 776 -7.49 37.48 -42.11
CA HIS B 776 -6.69 37.82 -43.28
C HIS B 776 -6.12 39.23 -43.24
N LEU B 777 -6.97 40.19 -42.87
CA LEU B 777 -6.52 41.56 -42.65
C LEU B 777 -5.79 41.69 -41.31
N SER B 778 -6.27 40.94 -40.33
CA SER B 778 -5.76 40.98 -38.96
C SER B 778 -4.26 40.65 -38.85
N ARG B 779 -3.87 39.52 -39.45
CA ARG B 779 -2.47 39.02 -39.42
C ARG B 779 -1.47 40.01 -40.01
N GLN B 780 -1.97 40.98 -40.77
CA GLN B 780 -1.10 41.98 -41.36
C GLN B 780 -0.80 43.11 -40.38
N LYS B 781 -1.79 43.46 -39.55
CA LYS B 781 -1.68 44.54 -38.58
C LYS B 781 -0.55 44.39 -37.52
N PHE B 782 -0.63 45.26 -36.52
CA PHE B 782 0.42 45.39 -35.50
C PHE B 782 0.31 44.37 -34.36
N MET B 783 1.41 43.68 -34.13
CA MET B 783 1.54 42.72 -33.04
C MET B 783 1.90 43.44 -31.75
N GLY B 784 1.09 43.25 -30.71
CA GLY B 784 1.38 43.86 -29.43
C GLY B 784 2.05 42.93 -28.43
N PHE B 785 2.21 43.40 -27.21
CA PHE B 785 2.52 42.58 -26.05
C PHE B 785 1.71 43.06 -24.87
N LYS B 786 1.51 42.20 -23.89
CA LYS B 786 0.88 42.62 -22.66
C LYS B 786 1.59 41.88 -21.55
N ILE B 787 2.55 42.57 -20.93
CA ILE B 787 3.33 41.99 -19.86
C ILE B 787 2.61 42.21 -18.52
N ALA B 788 2.00 41.15 -18.00
CA ALA B 788 1.36 41.20 -16.70
C ALA B 788 2.34 40.70 -15.66
N LEU B 789 3.06 41.63 -15.03
CA LEU B 789 4.02 41.27 -13.99
C LEU B 789 3.22 40.80 -12.80
N ASP B 790 3.88 40.07 -11.92
CA ASP B 790 3.28 39.83 -10.61
C ASP B 790 4.27 40.03 -9.47
N ASP B 791 3.77 40.66 -8.41
CA ASP B 791 4.43 40.66 -7.13
C ASP B 791 4.60 39.19 -6.83
N GLU B 792 3.61 38.43 -7.28
CA GLU B 792 3.48 36.99 -7.10
C GLU B 792 4.48 36.14 -7.94
N GLY B 793 4.65 36.51 -9.21
CA GLY B 793 5.71 36.01 -10.08
C GLY B 793 6.02 37.15 -11.04
N THR B 794 7.19 37.20 -11.66
CA THR B 794 7.48 38.35 -12.53
C THR B 794 6.78 38.30 -13.89
N ALA B 795 7.29 37.52 -14.84
CA ALA B 795 6.60 37.35 -16.12
C ALA B 795 7.24 36.34 -17.08
N GLY B 796 6.41 35.44 -17.61
CA GLY B 796 6.81 34.49 -18.65
C GLY B 796 5.79 34.52 -19.78
N GLY B 797 6.11 33.92 -20.94
CA GLY B 797 5.20 33.91 -22.06
C GLY B 797 5.73 33.25 -23.32
N TRP B 798 4.83 32.85 -24.22
CA TRP B 798 5.24 32.24 -25.49
C TRP B 798 4.43 32.79 -26.65
N LEU B 799 5.06 32.82 -27.83
CA LEU B 799 4.38 33.06 -29.11
C LEU B 799 4.82 32.03 -30.14
N PHE B 800 3.86 31.59 -30.95
CA PHE B 800 4.13 30.69 -32.05
C PHE B 800 3.48 31.28 -33.30
N TRP B 801 4.31 31.67 -34.29
CA TRP B 801 3.78 32.11 -35.59
C TRP B 801 4.15 31.25 -36.80
N ASP B 802 3.22 31.28 -37.75
CA ASP B 802 3.03 30.22 -38.71
C ASP B 802 2.29 30.82 -39.91
N ASP B 803 2.48 30.26 -41.10
CA ASP B 803 1.68 30.73 -42.24
C ASP B 803 0.18 30.50 -41.96
N GLY B 804 -0.08 29.89 -40.80
CA GLY B 804 -1.42 29.76 -40.25
C GLY B 804 -2.40 28.99 -41.12
N GLN B 805 -1.88 28.05 -41.92
CA GLN B 805 -2.74 27.27 -42.80
C GLN B 805 -2.06 26.11 -43.56
N SER B 806 -0.76 25.98 -43.46
CA SER B 806 -0.08 24.87 -44.14
C SER B 806 -0.12 23.58 -43.32
N ILE B 807 0.23 22.47 -43.96
CA ILE B 807 0.14 21.17 -43.31
C ILE B 807 1.40 20.88 -42.53
N ASP B 808 1.24 20.50 -41.26
CA ASP B 808 2.36 20.08 -40.42
C ASP B 808 3.49 21.09 -40.43
N THR B 809 3.15 22.37 -40.35
CA THR B 809 4.14 23.42 -40.38
C THR B 809 5.26 23.16 -39.38
N TYR B 810 4.89 23.01 -38.11
CA TYR B 810 5.86 22.71 -37.05
C TYR B 810 6.72 21.48 -37.37
N GLY B 811 6.07 20.34 -37.56
CA GLY B 811 6.73 19.07 -37.83
C GLY B 811 7.62 19.00 -39.06
N LYS B 812 7.60 20.05 -39.88
CA LYS B 812 8.53 20.15 -41.00
C LYS B 812 8.87 21.59 -41.34
N GLY B 813 9.65 22.24 -40.48
CA GLY B 813 10.39 23.42 -40.86
C GLY B 813 9.82 24.82 -40.70
N LEU B 814 8.78 25.14 -41.45
CA LEU B 814 8.38 26.53 -41.59
C LEU B 814 7.47 27.04 -40.46
N TYR B 815 8.07 27.42 -39.34
CA TYR B 815 7.34 28.02 -38.22
C TYR B 815 8.23 28.94 -37.39
N TYR B 816 7.63 29.67 -36.45
CA TYR B 816 8.40 30.51 -35.55
C TYR B 816 7.95 30.37 -34.10
N LEU B 817 8.89 30.17 -33.20
CA LEU B 817 8.60 29.89 -31.79
C LEU B 817 9.55 30.66 -30.89
N ALA B 818 8.99 31.43 -29.96
CA ALA B 818 9.81 32.29 -29.10
C ALA B 818 9.27 32.36 -27.69
N SER B 819 10.15 32.22 -26.71
CA SER B 819 9.76 32.42 -25.32
C SER B 819 10.14 33.83 -24.87
N PHE B 820 9.43 34.34 -23.87
CA PHE B 820 9.57 35.72 -23.43
C PHE B 820 9.59 35.82 -21.91
N SER B 821 10.62 36.46 -21.37
CA SER B 821 10.77 36.55 -19.92
C SER B 821 11.03 37.98 -19.44
N ALA B 822 10.22 38.43 -18.47
CA ALA B 822 10.45 39.72 -17.82
C ALA B 822 10.89 39.51 -16.37
N SER B 823 12.15 39.82 -16.08
CA SER B 823 12.71 39.66 -14.75
C SER B 823 12.73 40.95 -13.91
N GLN B 824 13.68 41.83 -14.20
CA GLN B 824 13.84 43.08 -13.45
C GLN B 824 13.71 44.31 -14.33
N ASN B 825 12.49 44.83 -14.41
CA ASN B 825 12.18 46.05 -15.15
C ASN B 825 12.41 45.93 -16.67
N THR B 826 13.10 44.87 -17.08
CA THR B 826 13.44 44.62 -18.48
C THR B 826 12.96 43.26 -19.00
N MET B 827 12.23 43.29 -20.11
CA MET B 827 11.74 42.06 -20.75
C MET B 827 12.59 41.68 -21.98
N GLN B 828 12.94 40.40 -22.07
CA GLN B 828 13.82 39.92 -23.13
C GLN B 828 13.08 39.02 -24.12
N SER B 829 13.78 38.54 -25.14
CA SER B 829 13.15 37.71 -26.16
C SER B 829 14.05 36.61 -26.70
N HIS B 830 13.74 35.37 -26.33
CA HIS B 830 14.55 34.23 -26.74
C HIS B 830 13.87 33.51 -27.90
N ILE B 831 14.36 33.73 -29.11
CA ILE B 831 13.82 33.03 -30.29
C ILE B 831 14.35 31.60 -30.29
N ILE B 832 13.45 30.63 -30.13
CA ILE B 832 13.86 29.23 -30.06
C ILE B 832 14.22 28.65 -31.43
N PHE B 833 13.43 29.03 -32.43
CA PHE B 833 13.61 28.55 -33.79
C PHE B 833 12.84 29.46 -34.72
N ASN B 834 13.49 29.96 -35.75
CA ASN B 834 12.82 30.84 -36.71
C ASN B 834 13.00 30.41 -38.16
N ASN B 835 11.95 30.57 -38.96
CA ASN B 835 11.94 30.01 -40.30
C ASN B 835 10.75 30.51 -41.10
N TYR B 836 10.00 31.46 -40.55
CA TYR B 836 8.86 32.02 -41.27
C TYR B 836 8.94 33.53 -41.25
N ILE B 837 9.51 34.10 -40.20
CA ILE B 837 9.63 35.56 -40.12
C ILE B 837 11.03 36.06 -40.49
N THR B 838 11.22 36.37 -41.78
CA THR B 838 12.49 36.86 -42.28
C THR B 838 12.42 38.37 -42.53
N GLY B 839 13.55 38.99 -42.86
CA GLY B 839 13.57 40.41 -43.20
C GLY B 839 12.55 40.69 -44.30
N THR B 840 12.64 39.89 -45.36
CA THR B 840 11.74 40.00 -46.49
C THR B 840 10.27 39.73 -46.08
N ASN B 841 10.10 38.99 -44.99
CA ASN B 841 8.77 38.64 -44.46
C ASN B 841 8.60 39.09 -43.00
N PRO B 842 8.01 40.26 -42.81
CA PRO B 842 8.03 40.94 -41.50
C PRO B 842 6.77 40.72 -40.68
N LEU B 843 6.91 40.77 -39.35
CA LEU B 843 5.77 40.79 -38.46
C LEU B 843 5.75 42.11 -37.67
N LYS B 844 4.90 43.04 -38.12
CA LYS B 844 4.80 44.36 -37.50
C LYS B 844 4.66 44.26 -35.99
N LEU B 845 5.58 44.87 -35.24
CA LEU B 845 5.45 44.97 -33.79
C LEU B 845 4.98 46.35 -33.36
N GLY B 846 3.69 46.46 -33.04
CA GLY B 846 3.09 47.69 -32.60
C GLY B 846 3.44 48.05 -31.17
N TYR B 847 2.43 47.94 -30.29
CA TYR B 847 2.53 48.46 -28.93
C TYR B 847 3.12 47.46 -27.95
N ILE B 848 3.30 47.89 -26.70
CA ILE B 848 3.90 47.05 -25.66
C ILE B 848 3.44 47.50 -24.27
N GLU B 849 2.18 47.28 -23.93
CA GLU B 849 1.69 47.64 -22.59
C GLU B 849 2.45 46.84 -21.54
N ILE B 850 2.34 47.25 -20.28
CA ILE B 850 3.00 46.56 -19.18
C ILE B 850 2.35 47.00 -17.87
N TRP B 851 1.71 46.06 -17.18
CA TRP B 851 1.00 46.41 -15.93
C TRP B 851 1.78 45.96 -14.69
N GLY B 852 1.55 46.64 -13.57
CA GLY B 852 2.18 46.31 -12.30
C GLY B 852 3.67 46.64 -12.21
N VAL B 853 4.04 47.87 -12.56
CA VAL B 853 5.47 48.24 -12.63
C VAL B 853 5.99 48.90 -11.35
N GLY B 854 5.09 49.18 -10.42
CA GLY B 854 5.44 49.90 -9.21
C GLY B 854 4.90 51.32 -9.27
N SER B 855 4.73 51.96 -8.11
CA SER B 855 4.18 53.32 -8.05
C SER B 855 5.27 54.37 -8.32
N VAL B 856 6.51 53.92 -8.41
CA VAL B 856 7.65 54.80 -8.71
C VAL B 856 7.85 54.95 -10.23
N PRO B 857 7.59 56.16 -10.76
CA PRO B 857 7.68 56.41 -12.20
C PRO B 857 9.12 56.32 -12.74
N VAL B 858 10.08 56.16 -11.82
CA VAL B 858 11.51 56.13 -12.17
C VAL B 858 11.99 54.80 -12.72
N THR B 859 12.41 54.82 -13.97
CA THR B 859 13.02 53.67 -14.60
C THR B 859 14.52 53.76 -14.35
N SER B 860 15.15 52.60 -14.16
CA SER B 860 16.61 52.53 -14.09
C SER B 860 17.12 52.50 -15.53
N VAL B 861 16.18 52.28 -16.46
CA VAL B 861 16.42 52.28 -17.90
C VAL B 861 15.06 52.25 -18.63
N SER B 862 14.92 53.11 -19.64
CA SER B 862 13.62 53.46 -20.22
C SER B 862 13.42 53.20 -21.75
N ILE B 863 14.28 52.40 -22.36
CA ILE B 863 14.35 52.31 -23.83
C ILE B 863 14.81 50.96 -24.40
N SER B 864 14.22 50.59 -25.54
CA SER B 864 14.35 49.24 -26.14
C SER B 864 15.48 48.99 -27.18
N VAL B 865 15.71 47.72 -27.48
CA VAL B 865 16.83 47.29 -28.31
C VAL B 865 16.32 46.53 -29.52
N SER B 866 17.21 46.30 -30.50
CA SER B 866 16.91 45.54 -31.70
C SER B 866 18.22 44.90 -32.19
N GLY B 867 19.27 45.15 -31.42
CA GLY B 867 20.64 45.08 -31.91
C GLY B 867 21.20 46.51 -31.86
N MET B 868 20.34 47.47 -32.19
CA MET B 868 20.59 48.89 -31.99
C MET B 868 19.61 49.45 -30.96
N VAL B 869 20.11 50.19 -29.97
CA VAL B 869 19.25 50.73 -28.91
C VAL B 869 18.49 51.99 -29.35
N ILE B 870 17.34 52.25 -28.75
CA ILE B 870 16.56 53.46 -29.04
C ILE B 870 15.67 53.86 -27.86
N THR B 871 15.44 55.17 -27.66
CA THR B 871 14.61 55.64 -26.53
C THR B 871 13.31 56.31 -26.98
N PRO B 872 12.24 55.52 -27.16
CA PRO B 872 10.94 56.06 -27.58
C PRO B 872 10.16 56.69 -26.43
N SER B 873 9.08 57.41 -26.75
CA SER B 873 8.26 58.06 -25.73
C SER B 873 7.20 57.09 -25.20
N PHE B 874 6.68 57.38 -23.99
CA PHE B 874 5.80 56.45 -23.28
C PHE B 874 4.88 57.15 -22.28
N ASN B 875 3.68 56.60 -22.09
CA ASN B 875 2.76 57.06 -21.04
C ASN B 875 2.79 56.15 -19.81
N ASN B 876 3.23 56.69 -18.67
CA ASN B 876 3.15 55.97 -17.39
C ASN B 876 2.24 56.70 -16.42
N ASP B 877 1.18 56.03 -15.99
CA ASP B 877 0.40 56.51 -14.86
C ASP B 877 0.83 55.71 -13.63
N PRO B 878 1.29 56.40 -12.57
CA PRO B 878 1.73 55.69 -11.36
C PRO B 878 0.57 55.10 -10.56
N THR B 879 -0.58 55.77 -10.56
CA THR B 879 -1.80 55.29 -9.90
C THR B 879 -2.18 53.88 -10.39
N THR B 880 -2.40 53.78 -11.70
CA THR B 880 -2.69 52.52 -12.37
C THR B 880 -1.43 52.03 -13.06
N GLN B 881 -0.77 51.05 -12.45
CA GLN B 881 0.57 50.60 -12.86
C GLN B 881 0.95 50.64 -14.35
N VAL B 882 -0.04 50.78 -15.23
CA VAL B 882 0.21 50.74 -16.67
C VAL B 882 1.52 51.41 -17.12
N LEU B 883 2.12 50.89 -18.20
CA LEU B 883 3.24 51.56 -18.85
C LEU B 883 3.17 51.42 -20.38
N SER B 884 2.31 52.19 -21.03
CA SER B 884 2.12 52.05 -22.47
C SER B 884 3.33 52.56 -23.26
N ILE B 885 3.64 51.93 -24.40
CA ILE B 885 4.85 52.24 -25.15
C ILE B 885 4.69 52.08 -26.67
N ASP B 886 3.94 52.99 -27.30
CA ASP B 886 3.69 52.93 -28.75
C ASP B 886 4.99 52.84 -29.57
N VAL B 887 4.98 52.06 -30.65
CA VAL B 887 6.17 51.84 -31.48
C VAL B 887 5.82 51.68 -32.97
N THR B 888 4.65 52.15 -33.37
CA THR B 888 4.24 52.03 -34.77
C THR B 888 5.23 52.77 -35.69
N ASP B 889 5.93 53.74 -35.10
CA ASP B 889 6.79 54.67 -35.84
C ASP B 889 8.11 54.06 -36.32
N ARG B 890 8.56 53.02 -35.63
CA ARG B 890 9.86 52.42 -35.91
C ARG B 890 9.80 51.45 -37.08
N ASN B 891 10.87 50.65 -37.22
CA ASN B 891 10.90 49.54 -38.17
C ASN B 891 11.18 48.28 -37.37
N ILE B 892 10.41 48.11 -36.29
CA ILE B 892 10.56 46.99 -35.35
C ILE B 892 9.68 45.79 -35.71
N SER B 893 10.33 44.66 -35.99
CA SER B 893 9.61 43.45 -36.31
C SER B 893 9.94 42.38 -35.29
N LEU B 894 9.19 41.28 -35.30
CA LEU B 894 9.31 40.25 -34.26
C LEU B 894 10.62 39.46 -34.32
N HIS B 895 11.28 39.45 -35.48
CA HIS B 895 12.46 38.63 -35.65
C HIS B 895 13.77 39.35 -35.32
N ASN B 896 13.69 40.67 -35.13
CA ASN B 896 14.89 41.47 -34.86
C ASN B 896 14.88 42.23 -33.52
N PHE B 897 13.91 41.90 -32.66
CA PHE B 897 13.66 42.61 -31.40
C PHE B 897 14.33 41.97 -30.15
N THR B 898 14.52 42.76 -29.08
CA THR B 898 15.15 42.29 -27.82
C THR B 898 14.96 43.22 -26.58
#